data_2RIS
# 
_entry.id   2RIS 
# 
_audit_conform.dict_name       mmcif_pdbx.dic 
_audit_conform.dict_version    5.387 
_audit_conform.dict_location   http://mmcif.pdb.org/dictionaries/ascii/mmcif_pdbx.dic 
# 
loop_
_database_2.database_id 
_database_2.database_code 
_database_2.pdbx_database_accession 
_database_2.pdbx_DOI 
PDB   2RIS         pdb_00002ris 10.2210/pdb2ris/pdb 
RCSB  RCSB044908   ?            ?                   
WWPDB D_1000044908 ?            ?                   
# 
loop_
_pdbx_audit_revision_history.ordinal 
_pdbx_audit_revision_history.data_content_type 
_pdbx_audit_revision_history.major_revision 
_pdbx_audit_revision_history.minor_revision 
_pdbx_audit_revision_history.revision_date 
1 'Structure model' 1 0 2008-01-29 
2 'Structure model' 1 1 2011-07-13 
3 'Structure model' 1 2 2024-02-21 
# 
_pdbx_audit_revision_details.ordinal             1 
_pdbx_audit_revision_details.revision_ordinal    1 
_pdbx_audit_revision_details.data_content_type   'Structure model' 
_pdbx_audit_revision_details.provider            repository 
_pdbx_audit_revision_details.type                'Initial release' 
_pdbx_audit_revision_details.description         ? 
_pdbx_audit_revision_details.details             ? 
# 
loop_
_pdbx_audit_revision_group.ordinal 
_pdbx_audit_revision_group.revision_ordinal 
_pdbx_audit_revision_group.data_content_type 
_pdbx_audit_revision_group.group 
1 2 'Structure model' 'Version format compliance' 
2 3 'Structure model' 'Data collection'           
3 3 'Structure model' 'Database references'       
# 
loop_
_pdbx_audit_revision_category.ordinal 
_pdbx_audit_revision_category.revision_ordinal 
_pdbx_audit_revision_category.data_content_type 
_pdbx_audit_revision_category.category 
1 3 'Structure model' chem_comp_atom 
2 3 'Structure model' chem_comp_bond 
3 3 'Structure model' database_2     
# 
loop_
_pdbx_audit_revision_item.ordinal 
_pdbx_audit_revision_item.revision_ordinal 
_pdbx_audit_revision_item.data_content_type 
_pdbx_audit_revision_item.item 
1 3 'Structure model' '_database_2.pdbx_DOI'                
2 3 'Structure model' '_database_2.pdbx_database_accession' 
# 
_pdbx_database_status.entry_id                        2RIS 
_pdbx_database_status.deposit_site                    RCSB 
_pdbx_database_status.process_site                    RCSB 
_pdbx_database_status.recvd_initial_deposition_date   2007-10-12 
_pdbx_database_status.status_code                     REL 
_pdbx_database_status.status_code_sf                  REL 
_pdbx_database_status.status_code_mr                  ? 
_pdbx_database_status.SG_entry                        ? 
_pdbx_database_status.pdb_format_compatible           Y 
_pdbx_database_status.status_code_cs                  ? 
_pdbx_database_status.status_code_nmr_data            ? 
_pdbx_database_status.methods_development_category    ? 
# 
loop_
_pdbx_database_related.db_name 
_pdbx_database_related.db_id 
_pdbx_database_related.details 
_pdbx_database_related.content_type 
PDB 1TKS 'The data set from 1TKS was reindexed and used for refinement of a monoclinic model.' unspecified 
PDB 2RIU .                                                                                     unspecified 
# 
loop_
_audit_author.name 
_audit_author.pdbx_ordinal 
'Stenkamp, R.E.' 1 
'Le Trong, I.'   2 
# 
loop_
_citation.id 
_citation.title 
_citation.journal_abbrev 
_citation.journal_volume 
_citation.page_first 
_citation.page_last 
_citation.year 
_citation.journal_id_ASTM 
_citation.country 
_citation.journal_id_ISSN 
_citation.journal_id_CSD 
_citation.book_publisher 
_citation.pdbx_database_id_PubMed 
_citation.pdbx_database_id_DOI 
primary 'Alternative models for two crystal structures of Candida albicans 3,4-dihydroxy-2-butanone 4-phosphate synthase.' 
'Acta Crystallogr.,Sect.D' 64  219  220  2008 ABCRE6 DK 0907-4449 0766 ? 18219123 10.1107/S0907444907056132 
1       
;Potential anti-infective targets in pathogenic yeasts: structure and properties of 3,4-dihydroxy-2-butanone 4-phosphate synthase of Candida albicans.
;
J.Mol.Biol.                341 1085 1096 2004 JMOBAK UK 0022-2836 0070 ? 15328619 10.1016/j.jmb.2004.06.053 
# 
loop_
_citation_author.citation_id 
_citation_author.name 
_citation_author.ordinal 
_citation_author.identifier_ORCID 
primary 'Le Trong, I.'    1 ? 
primary 'Stenkamp, R.E.'  2 ? 
1       'Echt, S.'        3 ? 
1       'Bauer, S.'       4 ? 
1       'Steinbacher, S.' 5 ? 
1       'Huber, R.'       6 ? 
1       'Bacher, A.'      7 ? 
1       'Fischer, M.'     8 ? 
# 
loop_
_entity.id 
_entity.type 
_entity.src_method 
_entity.pdbx_description 
_entity.formula_weight 
_entity.pdbx_number_of_molecules 
_entity.pdbx_ec 
_entity.pdbx_mutation 
_entity.pdbx_fragment 
_entity.details 
1 polymer man '3,4-dihydroxy-2-butanone 4-phosphate synthase' 22684.982 1   ? ? ? ? 
2 water   nat water                                           18.015    130 ? ? ? ? 
# 
_entity_name_com.entity_id   1 
_entity_name_com.name        'DHBP synthase' 
# 
_entity_poly.entity_id                      1 
_entity_poly.type                           'polypeptide(L)' 
_entity_poly.nstd_linkage                   no 
_entity_poly.nstd_monomer                   no 
_entity_poly.pdbx_seq_one_letter_code       
;MTNIFTPIEEALEAYKNGEFLIVMDDEDRENEGDLIMAAELITQEKMAFLVRYSSGYVCVPLSEERANQLELPPMLANRS
DRHGTAYTITCDFAEGTTTGISAHDRALTTRSLANPNSKPQDFIKPGHILPLRAVPGLLKKRRGHTEAAVQLSTLAGLQP
AGVICELVRDEDGLMMRLDDCIQFGKKHGIKIININQLVEYISK
;
_entity_poly.pdbx_seq_one_letter_code_can   
;MTNIFTPIEEALEAYKNGEFLIVMDDEDRENEGDLIMAAELITQEKMAFLVRYSSGYVCVPLSEERANQLELPPMLANRS
DRHGTAYTITCDFAEGTTTGISAHDRALTTRSLANPNSKPQDFIKPGHILPLRAVPGLLKKRRGHTEAAVQLSTLAGLQP
AGVICELVRDEDGLMMRLDDCIQFGKKHGIKIININQLVEYISK
;
_entity_poly.pdbx_strand_id                 A 
_entity_poly.pdbx_target_identifier         ? 
# 
_pdbx_entity_nonpoly.entity_id   2 
_pdbx_entity_nonpoly.name        water 
_pdbx_entity_nonpoly.comp_id     HOH 
# 
loop_
_entity_poly_seq.entity_id 
_entity_poly_seq.num 
_entity_poly_seq.mon_id 
_entity_poly_seq.hetero 
1 1   MET n 
1 2   THR n 
1 3   ASN n 
1 4   ILE n 
1 5   PHE n 
1 6   THR n 
1 7   PRO n 
1 8   ILE n 
1 9   GLU n 
1 10  GLU n 
1 11  ALA n 
1 12  LEU n 
1 13  GLU n 
1 14  ALA n 
1 15  TYR n 
1 16  LYS n 
1 17  ASN n 
1 18  GLY n 
1 19  GLU n 
1 20  PHE n 
1 21  LEU n 
1 22  ILE n 
1 23  VAL n 
1 24  MET n 
1 25  ASP n 
1 26  ASP n 
1 27  GLU n 
1 28  ASP n 
1 29  ARG n 
1 30  GLU n 
1 31  ASN n 
1 32  GLU n 
1 33  GLY n 
1 34  ASP n 
1 35  LEU n 
1 36  ILE n 
1 37  MET n 
1 38  ALA n 
1 39  ALA n 
1 40  GLU n 
1 41  LEU n 
1 42  ILE n 
1 43  THR n 
1 44  GLN n 
1 45  GLU n 
1 46  LYS n 
1 47  MET n 
1 48  ALA n 
1 49  PHE n 
1 50  LEU n 
1 51  VAL n 
1 52  ARG n 
1 53  TYR n 
1 54  SER n 
1 55  SER n 
1 56  GLY n 
1 57  TYR n 
1 58  VAL n 
1 59  CYS n 
1 60  VAL n 
1 61  PRO n 
1 62  LEU n 
1 63  SER n 
1 64  GLU n 
1 65  GLU n 
1 66  ARG n 
1 67  ALA n 
1 68  ASN n 
1 69  GLN n 
1 70  LEU n 
1 71  GLU n 
1 72  LEU n 
1 73  PRO n 
1 74  PRO n 
1 75  MET n 
1 76  LEU n 
1 77  ALA n 
1 78  ASN n 
1 79  ARG n 
1 80  SER n 
1 81  ASP n 
1 82  ARG n 
1 83  HIS n 
1 84  GLY n 
1 85  THR n 
1 86  ALA n 
1 87  TYR n 
1 88  THR n 
1 89  ILE n 
1 90  THR n 
1 91  CYS n 
1 92  ASP n 
1 93  PHE n 
1 94  ALA n 
1 95  GLU n 
1 96  GLY n 
1 97  THR n 
1 98  THR n 
1 99  THR n 
1 100 GLY n 
1 101 ILE n 
1 102 SER n 
1 103 ALA n 
1 104 HIS n 
1 105 ASP n 
1 106 ARG n 
1 107 ALA n 
1 108 LEU n 
1 109 THR n 
1 110 THR n 
1 111 ARG n 
1 112 SER n 
1 113 LEU n 
1 114 ALA n 
1 115 ASN n 
1 116 PRO n 
1 117 ASN n 
1 118 SER n 
1 119 LYS n 
1 120 PRO n 
1 121 GLN n 
1 122 ASP n 
1 123 PHE n 
1 124 ILE n 
1 125 LYS n 
1 126 PRO n 
1 127 GLY n 
1 128 HIS n 
1 129 ILE n 
1 130 LEU n 
1 131 PRO n 
1 132 LEU n 
1 133 ARG n 
1 134 ALA n 
1 135 VAL n 
1 136 PRO n 
1 137 GLY n 
1 138 LEU n 
1 139 LEU n 
1 140 LYS n 
1 141 LYS n 
1 142 ARG n 
1 143 ARG n 
1 144 GLY n 
1 145 HIS n 
1 146 THR n 
1 147 GLU n 
1 148 ALA n 
1 149 ALA n 
1 150 VAL n 
1 151 GLN n 
1 152 LEU n 
1 153 SER n 
1 154 THR n 
1 155 LEU n 
1 156 ALA n 
1 157 GLY n 
1 158 LEU n 
1 159 GLN n 
1 160 PRO n 
1 161 ALA n 
1 162 GLY n 
1 163 VAL n 
1 164 ILE n 
1 165 CYS n 
1 166 GLU n 
1 167 LEU n 
1 168 VAL n 
1 169 ARG n 
1 170 ASP n 
1 171 GLU n 
1 172 ASP n 
1 173 GLY n 
1 174 LEU n 
1 175 MET n 
1 176 MET n 
1 177 ARG n 
1 178 LEU n 
1 179 ASP n 
1 180 ASP n 
1 181 CYS n 
1 182 ILE n 
1 183 GLN n 
1 184 PHE n 
1 185 GLY n 
1 186 LYS n 
1 187 LYS n 
1 188 HIS n 
1 189 GLY n 
1 190 ILE n 
1 191 LYS n 
1 192 ILE n 
1 193 ILE n 
1 194 ASN n 
1 195 ILE n 
1 196 ASN n 
1 197 GLN n 
1 198 LEU n 
1 199 VAL n 
1 200 GLU n 
1 201 TYR n 
1 202 ILE n 
1 203 SER n 
1 204 LYS n 
# 
_entity_src_gen.entity_id                          1 
_entity_src_gen.pdbx_src_id                        1 
_entity_src_gen.pdbx_alt_source_flag               sample 
_entity_src_gen.pdbx_seq_type                      ? 
_entity_src_gen.pdbx_beg_seq_num                   ? 
_entity_src_gen.pdbx_end_seq_num                   ? 
_entity_src_gen.gene_src_common_name               ? 
_entity_src_gen.gene_src_genus                     Candida 
_entity_src_gen.pdbx_gene_src_gene                 RIB3 
_entity_src_gen.gene_src_species                   ? 
_entity_src_gen.gene_src_strain                    ? 
_entity_src_gen.gene_src_tissue                    ? 
_entity_src_gen.gene_src_tissue_fraction           ? 
_entity_src_gen.gene_src_details                   ? 
_entity_src_gen.pdbx_gene_src_fragment             ? 
_entity_src_gen.pdbx_gene_src_scientific_name      'Candida albicans' 
_entity_src_gen.pdbx_gene_src_ncbi_taxonomy_id     5476 
_entity_src_gen.pdbx_gene_src_variant              ? 
_entity_src_gen.pdbx_gene_src_cell_line            ? 
_entity_src_gen.pdbx_gene_src_atcc                 ? 
_entity_src_gen.pdbx_gene_src_organ                ? 
_entity_src_gen.pdbx_gene_src_organelle            ? 
_entity_src_gen.pdbx_gene_src_cell                 ? 
_entity_src_gen.pdbx_gene_src_cellular_location    ? 
_entity_src_gen.host_org_common_name               ? 
_entity_src_gen.pdbx_host_org_scientific_name      'Escherichia coli' 
_entity_src_gen.pdbx_host_org_ncbi_taxonomy_id     562 
_entity_src_gen.host_org_genus                     Escherichia 
_entity_src_gen.pdbx_host_org_gene                 ? 
_entity_src_gen.pdbx_host_org_organ                ? 
_entity_src_gen.host_org_species                   ? 
_entity_src_gen.pdbx_host_org_tissue               ? 
_entity_src_gen.pdbx_host_org_tissue_fraction      ? 
_entity_src_gen.pdbx_host_org_strain               xl1 
_entity_src_gen.pdbx_host_org_variant              ? 
_entity_src_gen.pdbx_host_org_cell_line            ? 
_entity_src_gen.pdbx_host_org_atcc                 ? 
_entity_src_gen.pdbx_host_org_culture_collection   ? 
_entity_src_gen.pdbx_host_org_cell                 ? 
_entity_src_gen.pdbx_host_org_organelle            ? 
_entity_src_gen.pdbx_host_org_cellular_location    ? 
_entity_src_gen.pdbx_host_org_vector_type          plasmid 
_entity_src_gen.pdbx_host_org_vector               ? 
_entity_src_gen.host_org_details                   ? 
_entity_src_gen.expression_system_id               ? 
_entity_src_gen.plasmid_name                       pnco-carib3-syn 
_entity_src_gen.plasmid_details                    ? 
_entity_src_gen.pdbx_description                   ? 
# 
loop_
_chem_comp.id 
_chem_comp.type 
_chem_comp.mon_nstd_flag 
_chem_comp.name 
_chem_comp.pdbx_synonyms 
_chem_comp.formula 
_chem_comp.formula_weight 
ALA 'L-peptide linking' y ALANINE         ? 'C3 H7 N O2'     89.093  
ARG 'L-peptide linking' y ARGININE        ? 'C6 H15 N4 O2 1' 175.209 
ASN 'L-peptide linking' y ASPARAGINE      ? 'C4 H8 N2 O3'    132.118 
ASP 'L-peptide linking' y 'ASPARTIC ACID' ? 'C4 H7 N O4'     133.103 
CYS 'L-peptide linking' y CYSTEINE        ? 'C3 H7 N O2 S'   121.158 
GLN 'L-peptide linking' y GLUTAMINE       ? 'C5 H10 N2 O3'   146.144 
GLU 'L-peptide linking' y 'GLUTAMIC ACID' ? 'C5 H9 N O4'     147.129 
GLY 'peptide linking'   y GLYCINE         ? 'C2 H5 N O2'     75.067  
HIS 'L-peptide linking' y HISTIDINE       ? 'C6 H10 N3 O2 1' 156.162 
HOH non-polymer         . WATER           ? 'H2 O'           18.015  
ILE 'L-peptide linking' y ISOLEUCINE      ? 'C6 H13 N O2'    131.173 
LEU 'L-peptide linking' y LEUCINE         ? 'C6 H13 N O2'    131.173 
LYS 'L-peptide linking' y LYSINE          ? 'C6 H15 N2 O2 1' 147.195 
MET 'L-peptide linking' y METHIONINE      ? 'C5 H11 N O2 S'  149.211 
PHE 'L-peptide linking' y PHENYLALANINE   ? 'C9 H11 N O2'    165.189 
PRO 'L-peptide linking' y PROLINE         ? 'C5 H9 N O2'     115.130 
SER 'L-peptide linking' y SERINE          ? 'C3 H7 N O3'     105.093 
THR 'L-peptide linking' y THREONINE       ? 'C4 H9 N O3'     119.119 
TYR 'L-peptide linking' y TYROSINE        ? 'C9 H11 N O3'    181.189 
VAL 'L-peptide linking' y VALINE          ? 'C5 H11 N O2'    117.146 
# 
loop_
_pdbx_poly_seq_scheme.asym_id 
_pdbx_poly_seq_scheme.entity_id 
_pdbx_poly_seq_scheme.seq_id 
_pdbx_poly_seq_scheme.mon_id 
_pdbx_poly_seq_scheme.ndb_seq_num 
_pdbx_poly_seq_scheme.pdb_seq_num 
_pdbx_poly_seq_scheme.auth_seq_num 
_pdbx_poly_seq_scheme.pdb_mon_id 
_pdbx_poly_seq_scheme.auth_mon_id 
_pdbx_poly_seq_scheme.pdb_strand_id 
_pdbx_poly_seq_scheme.pdb_ins_code 
_pdbx_poly_seq_scheme.hetero 
A 1 1   MET 1   1   ?   ?   ?   A . n 
A 1 2   THR 2   2   ?   ?   ?   A . n 
A 1 3   ASN 3   3   3   ASN ASN A . n 
A 1 4   ILE 4   4   4   ILE ILE A . n 
A 1 5   PHE 5   5   5   PHE PHE A . n 
A 1 6   THR 6   6   6   THR THR A . n 
A 1 7   PRO 7   7   7   PRO PRO A . n 
A 1 8   ILE 8   8   8   ILE ILE A . n 
A 1 9   GLU 9   9   9   GLU GLU A . n 
A 1 10  GLU 10  10  10  GLU GLU A . n 
A 1 11  ALA 11  11  11  ALA ALA A . n 
A 1 12  LEU 12  12  12  LEU LEU A . n 
A 1 13  GLU 13  13  13  GLU GLU A . n 
A 1 14  ALA 14  14  14  ALA ALA A . n 
A 1 15  TYR 15  15  15  TYR TYR A . n 
A 1 16  LYS 16  16  16  LYS LYS A . n 
A 1 17  ASN 17  17  17  ASN ASN A . n 
A 1 18  GLY 18  18  18  GLY GLY A . n 
A 1 19  GLU 19  19  19  GLU GLU A . n 
A 1 20  PHE 20  20  20  PHE PHE A . n 
A 1 21  LEU 21  21  21  LEU LEU A . n 
A 1 22  ILE 22  22  22  ILE ILE A . n 
A 1 23  VAL 23  23  23  VAL VAL A . n 
A 1 24  MET 24  24  24  MET MET A . n 
A 1 25  ASP 25  25  25  ASP ASP A . n 
A 1 26  ASP 26  26  26  ASP ASP A . n 
A 1 27  GLU 27  27  27  GLU GLU A . n 
A 1 28  ASP 28  28  28  ASP ASP A . n 
A 1 29  ARG 29  29  29  ARG ARG A . n 
A 1 30  GLU 30  30  30  GLU GLU A . n 
A 1 31  ASN 31  31  31  ASN ASN A . n 
A 1 32  GLU 32  32  32  GLU GLU A . n 
A 1 33  GLY 33  33  33  GLY GLY A . n 
A 1 34  ASP 34  34  34  ASP ASP A . n 
A 1 35  LEU 35  35  35  LEU LEU A . n 
A 1 36  ILE 36  36  36  ILE ILE A . n 
A 1 37  MET 37  37  37  MET MET A . n 
A 1 38  ALA 38  38  38  ALA ALA A . n 
A 1 39  ALA 39  39  39  ALA ALA A . n 
A 1 40  GLU 40  40  40  GLU GLU A . n 
A 1 41  LEU 41  41  41  LEU LEU A . n 
A 1 42  ILE 42  42  42  ILE ILE A . n 
A 1 43  THR 43  43  43  THR THR A . n 
A 1 44  GLN 44  44  44  GLN GLN A . n 
A 1 45  GLU 45  45  45  GLU GLU A . n 
A 1 46  LYS 46  46  46  LYS LYS A . n 
A 1 47  MET 47  47  47  MET MET A . n 
A 1 48  ALA 48  48  48  ALA ALA A . n 
A 1 49  PHE 49  49  49  PHE PHE A . n 
A 1 50  LEU 50  50  50  LEU LEU A . n 
A 1 51  VAL 51  51  51  VAL VAL A . n 
A 1 52  ARG 52  52  52  ARG ARG A . n 
A 1 53  TYR 53  53  53  TYR TYR A . n 
A 1 54  SER 54  54  54  SER SER A . n 
A 1 55  SER 55  55  55  SER SER A . n 
A 1 56  GLY 56  56  56  GLY GLY A . n 
A 1 57  TYR 57  57  57  TYR TYR A . n 
A 1 58  VAL 58  58  58  VAL VAL A . n 
A 1 59  CYS 59  59  59  CYS CYS A . n 
A 1 60  VAL 60  60  60  VAL VAL A . n 
A 1 61  PRO 61  61  61  PRO PRO A . n 
A 1 62  LEU 62  62  62  LEU LEU A . n 
A 1 63  SER 63  63  63  SER SER A . n 
A 1 64  GLU 64  64  64  GLU GLU A . n 
A 1 65  GLU 65  65  65  GLU GLU A . n 
A 1 66  ARG 66  66  66  ARG ARG A . n 
A 1 67  ALA 67  67  67  ALA ALA A . n 
A 1 68  ASN 68  68  68  ASN ASN A . n 
A 1 69  GLN 69  69  69  GLN GLN A . n 
A 1 70  LEU 70  70  70  LEU LEU A . n 
A 1 71  GLU 71  71  71  GLU GLU A . n 
A 1 72  LEU 72  72  72  LEU LEU A . n 
A 1 73  PRO 73  73  73  PRO PRO A . n 
A 1 74  PRO 74  74  74  PRO PRO A . n 
A 1 75  MET 75  75  75  MET MET A . n 
A 1 76  LEU 76  76  76  LEU LEU A . n 
A 1 77  ALA 77  77  77  ALA ALA A . n 
A 1 78  ASN 78  78  ?   ?   ?   A . n 
A 1 79  ARG 79  79  ?   ?   ?   A . n 
A 1 80  SER 80  80  ?   ?   ?   A . n 
A 1 81  ASP 81  81  ?   ?   ?   A . n 
A 1 82  ARG 82  82  ?   ?   ?   A . n 
A 1 83  HIS 83  83  ?   ?   ?   A . n 
A 1 84  GLY 84  84  84  GLY GLY A . n 
A 1 85  THR 85  85  85  THR THR A . n 
A 1 86  ALA 86  86  86  ALA ALA A . n 
A 1 87  TYR 87  87  87  TYR TYR A . n 
A 1 88  THR 88  88  88  THR THR A . n 
A 1 89  ILE 89  89  89  ILE ILE A . n 
A 1 90  THR 90  90  90  THR THR A . n 
A 1 91  CYS 91  91  91  CYS CYS A . n 
A 1 92  ASP 92  92  92  ASP ASP A . n 
A 1 93  PHE 93  93  93  PHE PHE A . n 
A 1 94  ALA 94  94  94  ALA ALA A . n 
A 1 95  GLU 95  95  95  GLU GLU A . n 
A 1 96  GLY 96  96  96  GLY GLY A . n 
A 1 97  THR 97  97  97  THR THR A . n 
A 1 98  THR 98  98  98  THR THR A . n 
A 1 99  THR 99  99  99  THR THR A . n 
A 1 100 GLY 100 100 100 GLY GLY A . n 
A 1 101 ILE 101 101 101 ILE ILE A . n 
A 1 102 SER 102 102 102 SER SER A . n 
A 1 103 ALA 103 103 103 ALA ALA A . n 
A 1 104 HIS 104 104 104 HIS HIS A . n 
A 1 105 ASP 105 105 105 ASP ASP A . n 
A 1 106 ARG 106 106 106 ARG ARG A . n 
A 1 107 ALA 107 107 107 ALA ALA A . n 
A 1 108 LEU 108 108 108 LEU LEU A . n 
A 1 109 THR 109 109 109 THR THR A . n 
A 1 110 THR 110 110 110 THR THR A . n 
A 1 111 ARG 111 111 111 ARG ARG A . n 
A 1 112 SER 112 112 112 SER SER A . n 
A 1 113 LEU 113 113 113 LEU LEU A . n 
A 1 114 ALA 114 114 114 ALA ALA A . n 
A 1 115 ASN 115 115 115 ASN ASN A . n 
A 1 116 PRO 116 116 116 PRO PRO A . n 
A 1 117 ASN 117 117 117 ASN ASN A . n 
A 1 118 SER 118 118 118 SER SER A . n 
A 1 119 LYS 119 119 119 LYS LYS A . n 
A 1 120 PRO 120 120 120 PRO PRO A . n 
A 1 121 GLN 121 121 121 GLN GLN A . n 
A 1 122 ASP 122 122 122 ASP ASP A . n 
A 1 123 PHE 123 123 123 PHE PHE A . n 
A 1 124 ILE 124 124 124 ILE ILE A . n 
A 1 125 LYS 125 125 125 LYS LYS A . n 
A 1 126 PRO 126 126 126 PRO PRO A . n 
A 1 127 GLY 127 127 127 GLY GLY A . n 
A 1 128 HIS 128 128 128 HIS HIS A . n 
A 1 129 ILE 129 129 129 ILE ILE A . n 
A 1 130 LEU 130 130 130 LEU LEU A . n 
A 1 131 PRO 131 131 131 PRO PRO A . n 
A 1 132 LEU 132 132 132 LEU LEU A . n 
A 1 133 ARG 133 133 133 ARG ARG A . n 
A 1 134 ALA 134 134 134 ALA ALA A . n 
A 1 135 VAL 135 135 135 VAL VAL A . n 
A 1 136 PRO 136 136 136 PRO PRO A . n 
A 1 137 GLY 137 137 137 GLY GLY A . n 
A 1 138 LEU 138 138 138 LEU LEU A . n 
A 1 139 LEU 139 139 139 LEU LEU A . n 
A 1 140 LYS 140 140 140 LYS LYS A . n 
A 1 141 LYS 141 141 141 LYS LYS A . n 
A 1 142 ARG 142 142 142 ARG ARG A . n 
A 1 143 ARG 143 143 143 ARG ARG A . n 
A 1 144 GLY 144 144 144 GLY GLY A . n 
A 1 145 HIS 145 145 145 HIS HIS A . n 
A 1 146 THR 146 146 146 THR THR A . n 
A 1 147 GLU 147 147 147 GLU GLU A . n 
A 1 148 ALA 148 148 148 ALA ALA A . n 
A 1 149 ALA 149 149 149 ALA ALA A . n 
A 1 150 VAL 150 150 150 VAL VAL A . n 
A 1 151 GLN 151 151 151 GLN GLN A . n 
A 1 152 LEU 152 152 152 LEU LEU A . n 
A 1 153 SER 153 153 153 SER SER A . n 
A 1 154 THR 154 154 154 THR THR A . n 
A 1 155 LEU 155 155 155 LEU LEU A . n 
A 1 156 ALA 156 156 156 ALA ALA A . n 
A 1 157 GLY 157 157 157 GLY GLY A . n 
A 1 158 LEU 158 158 158 LEU LEU A . n 
A 1 159 GLN 159 159 159 GLN GLN A . n 
A 1 160 PRO 160 160 160 PRO PRO A . n 
A 1 161 ALA 161 161 161 ALA ALA A . n 
A 1 162 GLY 162 162 162 GLY GLY A . n 
A 1 163 VAL 163 163 163 VAL VAL A . n 
A 1 164 ILE 164 164 164 ILE ILE A . n 
A 1 165 CYS 165 165 165 CYS CYS A . n 
A 1 166 GLU 166 166 166 GLU GLU A . n 
A 1 167 LEU 167 167 167 LEU LEU A . n 
A 1 168 VAL 168 168 168 VAL VAL A . n 
A 1 169 ARG 169 169 169 ARG ARG A . n 
A 1 170 ASP 170 170 170 ASP ASP A . n 
A 1 171 GLU 171 171 171 GLU GLU A . n 
A 1 172 ASP 172 172 172 ASP ASP A . n 
A 1 173 GLY 173 173 173 GLY GLY A . n 
A 1 174 LEU 174 174 174 LEU LEU A . n 
A 1 175 MET 175 175 175 MET MET A . n 
A 1 176 MET 176 176 176 MET MET A . n 
A 1 177 ARG 177 177 177 ARG ARG A . n 
A 1 178 LEU 178 178 178 LEU LEU A . n 
A 1 179 ASP 179 179 179 ASP ASP A . n 
A 1 180 ASP 180 180 180 ASP ASP A . n 
A 1 181 CYS 181 181 181 CYS CYS A . n 
A 1 182 ILE 182 182 182 ILE ILE A . n 
A 1 183 GLN 183 183 183 GLN GLN A . n 
A 1 184 PHE 184 184 184 PHE PHE A . n 
A 1 185 GLY 185 185 185 GLY GLY A . n 
A 1 186 LYS 186 186 186 LYS LYS A . n 
A 1 187 LYS 187 187 187 LYS LYS A . n 
A 1 188 HIS 188 188 188 HIS HIS A . n 
A 1 189 GLY 189 189 189 GLY GLY A . n 
A 1 190 ILE 190 190 190 ILE ILE A . n 
A 1 191 LYS 191 191 191 LYS LYS A . n 
A 1 192 ILE 192 192 192 ILE ILE A . n 
A 1 193 ILE 193 193 193 ILE ILE A . n 
A 1 194 ASN 194 194 194 ASN ASN A . n 
A 1 195 ILE 195 195 195 ILE ILE A . n 
A 1 196 ASN 196 196 196 ASN ASN A . n 
A 1 197 GLN 197 197 197 GLN GLN A . n 
A 1 198 LEU 198 198 198 LEU LEU A . n 
A 1 199 VAL 199 199 199 VAL VAL A . n 
A 1 200 GLU 200 200 200 GLU GLU A . n 
A 1 201 TYR 201 201 201 TYR TYR A . n 
A 1 202 ILE 202 202 202 ILE ILE A . n 
A 1 203 SER 203 203 203 SER SER A . n 
A 1 204 LYS 204 204 204 LYS LYS A . n 
# 
loop_
_pdbx_nonpoly_scheme.asym_id 
_pdbx_nonpoly_scheme.entity_id 
_pdbx_nonpoly_scheme.mon_id 
_pdbx_nonpoly_scheme.ndb_seq_num 
_pdbx_nonpoly_scheme.pdb_seq_num 
_pdbx_nonpoly_scheme.auth_seq_num 
_pdbx_nonpoly_scheme.pdb_mon_id 
_pdbx_nonpoly_scheme.auth_mon_id 
_pdbx_nonpoly_scheme.pdb_strand_id 
_pdbx_nonpoly_scheme.pdb_ins_code 
B 2 HOH 1   205 205 HOH HOH A . 
B 2 HOH 2   206 206 HOH HOH A . 
B 2 HOH 3   207 207 HOH HOH A . 
B 2 HOH 4   208 208 HOH HOH A . 
B 2 HOH 5   209 209 HOH HOH A . 
B 2 HOH 6   210 210 HOH HOH A . 
B 2 HOH 7   211 211 HOH HOH A . 
B 2 HOH 8   212 212 HOH HOH A . 
B 2 HOH 9   213 213 HOH HOH A . 
B 2 HOH 10  214 214 HOH HOH A . 
B 2 HOH 11  215 215 HOH HOH A . 
B 2 HOH 12  216 216 HOH HOH A . 
B 2 HOH 13  217 217 HOH HOH A . 
B 2 HOH 14  218 218 HOH HOH A . 
B 2 HOH 15  219 219 HOH HOH A . 
B 2 HOH 16  220 220 HOH HOH A . 
B 2 HOH 17  221 221 HOH HOH A . 
B 2 HOH 18  222 222 HOH HOH A . 
B 2 HOH 19  223 223 HOH HOH A . 
B 2 HOH 20  224 224 HOH HOH A . 
B 2 HOH 21  225 225 HOH HOH A . 
B 2 HOH 22  226 226 HOH HOH A . 
B 2 HOH 23  227 227 HOH HOH A . 
B 2 HOH 24  228 228 HOH HOH A . 
B 2 HOH 25  229 229 HOH HOH A . 
B 2 HOH 26  230 230 HOH HOH A . 
B 2 HOH 27  231 231 HOH HOH A . 
B 2 HOH 28  232 232 HOH HOH A . 
B 2 HOH 29  233 233 HOH HOH A . 
B 2 HOH 30  234 234 HOH HOH A . 
B 2 HOH 31  235 235 HOH HOH A . 
B 2 HOH 32  236 236 HOH HOH A . 
B 2 HOH 33  237 237 HOH HOH A . 
B 2 HOH 34  238 238 HOH HOH A . 
B 2 HOH 35  239 239 HOH HOH A . 
B 2 HOH 36  240 240 HOH HOH A . 
B 2 HOH 37  241 241 HOH HOH A . 
B 2 HOH 38  242 242 HOH HOH A . 
B 2 HOH 39  243 243 HOH HOH A . 
B 2 HOH 40  244 244 HOH HOH A . 
B 2 HOH 41  245 245 HOH HOH A . 
B 2 HOH 42  246 246 HOH HOH A . 
B 2 HOH 43  247 247 HOH HOH A . 
B 2 HOH 44  248 248 HOH HOH A . 
B 2 HOH 45  249 249 HOH HOH A . 
B 2 HOH 46  250 250 HOH HOH A . 
B 2 HOH 47  251 251 HOH HOH A . 
B 2 HOH 48  252 252 HOH HOH A . 
B 2 HOH 49  253 253 HOH HOH A . 
B 2 HOH 50  254 254 HOH HOH A . 
B 2 HOH 51  255 255 HOH HOH A . 
B 2 HOH 52  256 256 HOH HOH A . 
B 2 HOH 53  257 257 HOH HOH A . 
B 2 HOH 54  258 258 HOH HOH A . 
B 2 HOH 55  259 259 HOH HOH A . 
B 2 HOH 56  260 260 HOH HOH A . 
B 2 HOH 57  261 261 HOH HOH A . 
B 2 HOH 58  262 262 HOH HOH A . 
B 2 HOH 59  263 263 HOH HOH A . 
B 2 HOH 60  264 264 HOH HOH A . 
B 2 HOH 61  265 265 HOH HOH A . 
B 2 HOH 62  266 266 HOH HOH A . 
B 2 HOH 63  267 267 HOH HOH A . 
B 2 HOH 64  268 268 HOH HOH A . 
B 2 HOH 65  269 269 HOH HOH A . 
B 2 HOH 66  270 270 HOH HOH A . 
B 2 HOH 67  271 271 HOH HOH A . 
B 2 HOH 68  272 272 HOH HOH A . 
B 2 HOH 69  273 273 HOH HOH A . 
B 2 HOH 70  274 274 HOH HOH A . 
B 2 HOH 71  275 275 HOH HOH A . 
B 2 HOH 72  276 276 HOH HOH A . 
B 2 HOH 73  277 277 HOH HOH A . 
B 2 HOH 74  278 278 HOH HOH A . 
B 2 HOH 75  279 279 HOH HOH A . 
B 2 HOH 76  280 280 HOH HOH A . 
B 2 HOH 77  281 281 HOH HOH A . 
B 2 HOH 78  282 282 HOH HOH A . 
B 2 HOH 79  283 283 HOH HOH A . 
B 2 HOH 80  284 284 HOH HOH A . 
B 2 HOH 81  285 285 HOH HOH A . 
B 2 HOH 82  286 286 HOH HOH A . 
B 2 HOH 83  287 287 HOH HOH A . 
B 2 HOH 84  288 288 HOH HOH A . 
B 2 HOH 85  289 289 HOH HOH A . 
B 2 HOH 86  290 290 HOH HOH A . 
B 2 HOH 87  291 291 HOH HOH A . 
B 2 HOH 88  292 292 HOH HOH A . 
B 2 HOH 89  293 293 HOH HOH A . 
B 2 HOH 90  294 294 HOH HOH A . 
B 2 HOH 91  295 295 HOH HOH A . 
B 2 HOH 92  296 296 HOH HOH A . 
B 2 HOH 93  297 297 HOH HOH A . 
B 2 HOH 94  298 298 HOH HOH A . 
B 2 HOH 95  299 299 HOH HOH A . 
B 2 HOH 96  300 300 HOH HOH A . 
B 2 HOH 97  301 301 HOH HOH A . 
B 2 HOH 98  302 302 HOH HOH A . 
B 2 HOH 99  303 303 HOH HOH A . 
B 2 HOH 100 304 304 HOH HOH A . 
B 2 HOH 101 305 305 HOH HOH A . 
B 2 HOH 102 306 306 HOH HOH A . 
B 2 HOH 103 307 307 HOH HOH A . 
B 2 HOH 104 308 308 HOH HOH A . 
B 2 HOH 105 309 309 HOH HOH A . 
B 2 HOH 106 310 310 HOH HOH A . 
B 2 HOH 107 311 311 HOH HOH A . 
B 2 HOH 108 312 312 HOH HOH A . 
B 2 HOH 109 313 313 HOH HOH A . 
B 2 HOH 110 314 314 HOH HOH A . 
B 2 HOH 111 315 315 HOH HOH A . 
B 2 HOH 112 316 316 HOH HOH A . 
B 2 HOH 113 317 317 HOH HOH A . 
B 2 HOH 114 318 318 HOH HOH A . 
B 2 HOH 115 319 319 HOH HOH A . 
B 2 HOH 116 320 320 HOH HOH A . 
B 2 HOH 117 321 321 HOH HOH A . 
B 2 HOH 118 322 322 HOH HOH A . 
B 2 HOH 119 323 323 HOH HOH A . 
B 2 HOH 120 324 324 HOH HOH A . 
B 2 HOH 121 325 325 HOH HOH A . 
B 2 HOH 122 326 326 HOH HOH A . 
B 2 HOH 123 327 327 HOH HOH A . 
B 2 HOH 124 328 328 HOH HOH A . 
B 2 HOH 125 329 329 HOH HOH A . 
B 2 HOH 126 330 330 HOH HOH A . 
B 2 HOH 127 331 331 HOH HOH A . 
B 2 HOH 128 332 332 HOH HOH A . 
B 2 HOH 129 333 333 HOH HOH A . 
B 2 HOH 130 334 334 HOH HOH A . 
# 
loop_
_pdbx_unobs_or_zero_occ_atoms.id 
_pdbx_unobs_or_zero_occ_atoms.PDB_model_num 
_pdbx_unobs_or_zero_occ_atoms.polymer_flag 
_pdbx_unobs_or_zero_occ_atoms.occupancy_flag 
_pdbx_unobs_or_zero_occ_atoms.auth_asym_id 
_pdbx_unobs_or_zero_occ_atoms.auth_comp_id 
_pdbx_unobs_or_zero_occ_atoms.auth_seq_id 
_pdbx_unobs_or_zero_occ_atoms.PDB_ins_code 
_pdbx_unobs_or_zero_occ_atoms.auth_atom_id 
_pdbx_unobs_or_zero_occ_atoms.label_alt_id 
_pdbx_unobs_or_zero_occ_atoms.label_asym_id 
_pdbx_unobs_or_zero_occ_atoms.label_comp_id 
_pdbx_unobs_or_zero_occ_atoms.label_seq_id 
_pdbx_unobs_or_zero_occ_atoms.label_atom_id 
1 1 Y 0 A LYS 204 ? O  ? A LYS 204 O  
2 1 Y 0 A LYS 204 ? CB ? A LYS 204 CB 
3 1 Y 0 A LYS 204 ? CG ? A LYS 204 CG 
4 1 Y 0 A LYS 204 ? CD ? A LYS 204 CD 
5 1 Y 0 A LYS 204 ? CE ? A LYS 204 CE 
6 1 Y 0 A LYS 204 ? NZ ? A LYS 204 NZ 
# 
loop_
_software.name 
_software.version 
_software.date 
_software.type 
_software.contact_author 
_software.contact_author_email 
_software.classification 
_software.location 
_software.language 
_software.citation_id 
_software.pdbx_ordinal 
REFMAC      .     ?              program 'Murshudov, G.N.' ccp4@dl.ac.uk            refinement        
http://www.ccp4.ac.uk/main.html  Fortran_77 ? 1 
PDB_EXTRACT 3.000 'July 2, 2007' package PDB               sw-help@rcsb.rutgers.edu 'data extraction' 
http://pdb.rutgers.edu/software/ C++        ? 2 
# 
_cell.entry_id           2RIS 
_cell.length_a           109.462 
_cell.length_b           48.134 
_cell.length_c           40.439 
_cell.angle_alpha        90.00 
_cell.angle_beta         70.24 
_cell.angle_gamma        90.00 
_cell.Z_PDB              4 
_cell.pdbx_unique_axis   ? 
_cell.length_a_esd       ? 
_cell.length_b_esd       ? 
_cell.length_c_esd       ? 
_cell.angle_alpha_esd    ? 
_cell.angle_beta_esd     ? 
_cell.angle_gamma_esd    ? 
# 
_symmetry.entry_id                         2RIS 
_symmetry.space_group_name_H-M             'C 1 2 1' 
_symmetry.pdbx_full_space_group_name_H-M   ? 
_symmetry.cell_setting                     ? 
_symmetry.Int_Tables_number                5 
_symmetry.space_group_name_Hall            ? 
# 
_exptl.crystals_number   1 
_exptl.entry_id          2RIS 
_exptl.method            'X-RAY DIFFRACTION' 
# 
_exptl_crystal.id                    1 
_exptl_crystal.density_Matthews      2.21 
_exptl_crystal.density_meas          ? 
_exptl_crystal.density_percent_sol   44.34 
_exptl_crystal.description           ? 
_exptl_crystal.F_000                 ? 
_exptl_crystal.preparation           ? 
# 
_diffrn.id                     1 
_diffrn.ambient_temp           100 
_diffrn.ambient_temp_details   ? 
_diffrn.crystal_id             1 
# 
_diffrn_detector.diffrn_id              1 
_diffrn_detector.detector               'IMAGE PLATE' 
_diffrn_detector.type                   MARRESEARCH 
_diffrn_detector.pdbx_collection_date   2003-07-03 
_diffrn_detector.details                ? 
# 
_diffrn_radiation.diffrn_id                        1 
_diffrn_radiation.pdbx_diffrn_protocol             'SINGLE WAVELENGTH' 
_diffrn_radiation.monochromator                    graphite 
_diffrn_radiation.wavelength_id                    1 
_diffrn_radiation.pdbx_monochromatic_or_laue_m_l   M 
_diffrn_radiation.pdbx_scattering_type             x-ray 
# 
_diffrn_radiation_wavelength.id           1 
_diffrn_radiation_wavelength.wavelength   1.542 
_diffrn_radiation_wavelength.wt           1.0 
# 
_diffrn_source.diffrn_id                   1 
_diffrn_source.source                      'ROTATING ANODE' 
_diffrn_source.type                        'RIGAKU RU200' 
_diffrn_source.pdbx_wavelength_list        1.542 
_diffrn_source.pdbx_wavelength             ? 
_diffrn_source.pdbx_synchrotron_site       ? 
_diffrn_source.pdbx_synchrotron_beamline   ? 
# 
_reflns.entry_id                     2RIS 
_reflns.observed_criterion_sigma_F   ? 
_reflns.observed_criterion_sigma_I   ? 
_reflns.d_resolution_high            1.60 
_reflns.d_resolution_low             51.50 
_reflns.number_all                   ? 
_reflns.number_obs                   24177 
_reflns.percent_possible_obs         ? 
_reflns.pdbx_Rmerge_I_obs            ? 
_reflns.pdbx_Rsym_value              ? 
_reflns.pdbx_netI_over_sigmaI        ? 
_reflns.B_iso_Wilson_estimate        ? 
_reflns.pdbx_redundancy              ? 
_reflns.R_free_details               ? 
_reflns.limit_h_max                  ? 
_reflns.limit_h_min                  ? 
_reflns.limit_k_max                  ? 
_reflns.limit_k_min                  ? 
_reflns.limit_l_max                  ? 
_reflns.limit_l_min                  ? 
_reflns.observed_criterion_F_max     ? 
_reflns.observed_criterion_F_min     ? 
_reflns.pdbx_chi_squared             ? 
_reflns.pdbx_scaling_rejects         ? 
_reflns.pdbx_diffrn_id               1 
_reflns.pdbx_ordinal                 1 
# 
_refine.entry_id                                 2RIS 
_refine.ls_d_res_high                            1.600 
_refine.ls_d_res_low                             51.500 
_refine.pdbx_ls_sigma_F                          0.00 
_refine.ls_percent_reflns_obs                    91.980 
_refine.ls_number_reflns_obs                     24177 
_refine.pdbx_ls_cross_valid_method               THROUGHOUT 
_refine.pdbx_R_Free_selection_details            RANDOM 
_refine.details                                  'HYDROGENS HAVE BEEN ADDED IN THE RIDING POSITIONS' 
_refine.ls_R_factor_obs                          0.206 
_refine.ls_R_factor_R_work                       0.204 
_refine.ls_R_factor_R_free                       0.229 
_refine.ls_percent_reflns_R_free                 5.000 
_refine.ls_number_reflns_R_free                  1207 
_refine.B_iso_mean                               11.594 
_refine.aniso_B[1][1]                            -0.550 
_refine.aniso_B[2][2]                            0.440 
_refine.aniso_B[3][3]                            0.000 
_refine.aniso_B[1][2]                            0.000 
_refine.aniso_B[1][3]                            0.170 
_refine.aniso_B[2][3]                            0.000 
_refine.correlation_coeff_Fo_to_Fc               0.938 
_refine.correlation_coeff_Fo_to_Fc_free          0.926 
_refine.pdbx_overall_ESU_R                       0.108 
_refine.pdbx_overall_ESU_R_Free                  0.103 
_refine.overall_SU_ML                            0.058 
_refine.overall_SU_B                             1.575 
_refine.solvent_model_details                    MASK 
_refine.pdbx_solvent_vdw_probe_radii             1.400 
_refine.pdbx_solvent_ion_probe_radii             0.800 
_refine.pdbx_solvent_shrinkage_radii             0.800 
_refine.pdbx_method_to_determine_struct          ? 
_refine.pdbx_stereochemistry_target_values       'MAXIMUM LIKELIHOOD' 
_refine.pdbx_ls_sigma_I                          ? 
_refine.ls_number_reflns_all                     ? 
_refine.ls_R_factor_all                          ? 
_refine.ls_redundancy_reflns_obs                 ? 
_refine.pdbx_data_cutoff_high_absF               ? 
_refine.pdbx_data_cutoff_low_absF                ? 
_refine.ls_number_parameters                     ? 
_refine.ls_number_restraints                     ? 
_refine.ls_R_factor_R_free_error                 ? 
_refine.ls_R_factor_R_free_error_details         ? 
_refine.pdbx_starting_model                      ? 
_refine.pdbx_stereochem_target_val_spec_case     ? 
_refine.solvent_model_param_bsol                 ? 
_refine.solvent_model_param_ksol                 ? 
_refine.occupancy_max                            ? 
_refine.occupancy_min                            ? 
_refine.pdbx_isotropic_thermal_model             ? 
_refine.B_iso_min                                ? 
_refine.B_iso_max                                ? 
_refine.overall_SU_R_Cruickshank_DPI             ? 
_refine.overall_SU_R_free                        ? 
_refine.pdbx_data_cutoff_high_rms_absF           ? 
_refine.ls_wR_factor_R_free                      ? 
_refine.ls_wR_factor_R_work                      ? 
_refine.overall_FOM_free_R_set                   ? 
_refine.overall_FOM_work_R_set                   ? 
_refine.pdbx_overall_phase_error                 ? 
_refine.pdbx_refine_id                           'X-RAY DIFFRACTION' 
_refine.pdbx_diffrn_id                           1 
_refine.pdbx_TLS_residual_ADP_flag               ? 
_refine.pdbx_overall_SU_R_free_Cruickshank_DPI   ? 
_refine.pdbx_overall_SU_R_Blow_DPI               ? 
_refine.pdbx_overall_SU_R_free_Blow_DPI          ? 
# 
_refine_hist.pdbx_refine_id                   'X-RAY DIFFRACTION' 
_refine_hist.cycle_id                         LAST 
_refine_hist.pdbx_number_atoms_protein        1527 
_refine_hist.pdbx_number_atoms_nucleic_acid   0 
_refine_hist.pdbx_number_atoms_ligand         0 
_refine_hist.number_atoms_solvent             130 
_refine_hist.number_atoms_total               1657 
_refine_hist.d_res_high                       1.600 
_refine_hist.d_res_low                        51.500 
# 
loop_
_refine_ls_restr.type 
_refine_ls_restr.number 
_refine_ls_restr.dev_ideal 
_refine_ls_restr.dev_ideal_target 
_refine_ls_restr.weight 
_refine_ls_restr.pdbx_refine_id 
_refine_ls_restr.pdbx_restraint_function 
r_bond_refined_d         1539 0.008  0.022  ? 'X-RAY DIFFRACTION' ? 
r_angle_refined_deg      2078 1.095  1.989  ? 'X-RAY DIFFRACTION' ? 
r_dihedral_angle_1_deg   193  5.564  5.000  ? 'X-RAY DIFFRACTION' ? 
r_dihedral_angle_2_deg   69   32.618 24.638 ? 'X-RAY DIFFRACTION' ? 
r_dihedral_angle_3_deg   282  13.356 15.000 ? 'X-RAY DIFFRACTION' ? 
r_dihedral_angle_4_deg   11   8.997  15.000 ? 'X-RAY DIFFRACTION' ? 
r_chiral_restr           239  0.077  0.200  ? 'X-RAY DIFFRACTION' ? 
r_gen_planes_refined     1145 0.004  0.020  ? 'X-RAY DIFFRACTION' ? 
r_nbd_refined            802  0.217  0.200  ? 'X-RAY DIFFRACTION' ? 
r_nbtor_refined          1083 0.306  0.200  ? 'X-RAY DIFFRACTION' ? 
r_xyhbond_nbd_refined    111  0.115  0.200  ? 'X-RAY DIFFRACTION' ? 
r_symmetry_vdw_refined   35   0.177  0.200  ? 'X-RAY DIFFRACTION' ? 
r_symmetry_hbond_refined 22   0.603  0.200  ? 'X-RAY DIFFRACTION' ? 
r_mcbond_it              999  0.563  1.500  ? 'X-RAY DIFFRACTION' ? 
r_mcangle_it             1560 0.889  2.000  ? 'X-RAY DIFFRACTION' ? 
r_scbond_it              594  1.655  3.000  ? 'X-RAY DIFFRACTION' ? 
r_scangle_it             518  2.621  4.500  ? 'X-RAY DIFFRACTION' ? 
# 
_refine_ls_shell.d_res_high                       1.600 
_refine_ls_shell.d_res_low                        1.642 
_refine_ls_shell.pdbx_total_number_of_bins_used   20 
_refine_ls_shell.percent_reflns_obs               91.680 
_refine_ls_shell.number_reflns_R_work             1688 
_refine_ls_shell.R_factor_all                     ? 
_refine_ls_shell.R_factor_R_work                  0.418 
_refine_ls_shell.R_factor_R_free                  0.533 
_refine_ls_shell.percent_reflns_R_free            ? 
_refine_ls_shell.number_reflns_R_free             87 
_refine_ls_shell.R_factor_R_free_error            ? 
_refine_ls_shell.number_reflns_all                1775 
_refine_ls_shell.number_reflns_obs                ? 
_refine_ls_shell.redundancy_reflns_obs            ? 
_refine_ls_shell.pdbx_refine_id                   'X-RAY DIFFRACTION' 
# 
_struct.entry_id                  2RIS 
_struct.title                     
'Crystal structure of 3,4-dihydroxy-2-butanone 4-phosphate synthase of candida albicans- alternate interpretation' 
_struct.pdbx_model_details        ? 
_struct.pdbx_CASP_flag            ? 
_struct.pdbx_model_type_details   ? 
# 
_struct_keywords.entry_id        2RIS 
_struct_keywords.text            'alternate model, Magnesium, Manganese, Metal-binding, Riboflavin biosynthesis, ISOMERASE' 
_struct_keywords.pdbx_keywords   ISOMERASE 
# 
loop_
_struct_asym.id 
_struct_asym.pdbx_blank_PDB_chainid_flag 
_struct_asym.pdbx_modified 
_struct_asym.entity_id 
_struct_asym.details 
A N N 1 ? 
B N N 2 ? 
# 
_struct_ref.id                         1 
_struct_ref.db_name                    UNP 
_struct_ref.db_code                    RIB3_CANAL 
_struct_ref.pdbx_db_accession          Q5A3V6 
_struct_ref.entity_id                  1 
_struct_ref.pdbx_seq_one_letter_code   
;MTNIFTPIEEALEAYKNGEFLIVMDDEDRENEGDLIMAAELITQEKMAFLVRYSSGYVCVPLSEERANQLELPPMLANRS
DRHGTAYTITCDFAEGTTTGISAHDRALTTRSLANPNSKPQDFIKPGHILPLRAVPGLLKKRRGHTEAAVQLSTLAGLQP
AGVICELVRDEDGLMMRLDDCIQFGKKHGIKIININQLVEYISK
;
_struct_ref.pdbx_align_begin           1 
_struct_ref.pdbx_db_isoform            ? 
# 
_struct_ref_seq.align_id                      1 
_struct_ref_seq.ref_id                        1 
_struct_ref_seq.pdbx_PDB_id_code              2RIS 
_struct_ref_seq.pdbx_strand_id                A 
_struct_ref_seq.seq_align_beg                 1 
_struct_ref_seq.pdbx_seq_align_beg_ins_code   ? 
_struct_ref_seq.seq_align_end                 204 
_struct_ref_seq.pdbx_seq_align_end_ins_code   ? 
_struct_ref_seq.pdbx_db_accession             Q5A3V6 
_struct_ref_seq.db_align_beg                  1 
_struct_ref_seq.pdbx_db_align_beg_ins_code    ? 
_struct_ref_seq.db_align_end                  204 
_struct_ref_seq.pdbx_db_align_end_ins_code    ? 
_struct_ref_seq.pdbx_auth_seq_align_beg       1 
_struct_ref_seq.pdbx_auth_seq_align_end       204 
# 
_pdbx_struct_assembly.id                   1 
_pdbx_struct_assembly.details              author_and_software_defined_assembly 
_pdbx_struct_assembly.method_details       PISA 
_pdbx_struct_assembly.oligomeric_details   dimeric 
_pdbx_struct_assembly.oligomeric_count     2 
# 
_pdbx_struct_assembly_prop.biol_id   1 
_pdbx_struct_assembly_prop.type      'ABSA (A^2)' 
_pdbx_struct_assembly_prop.value     2340 
_pdbx_struct_assembly_prop.details   ? 
# 
_pdbx_struct_assembly_gen.assembly_id       1 
_pdbx_struct_assembly_gen.oper_expression   1,2 
_pdbx_struct_assembly_gen.asym_id_list      A,B 
# 
loop_
_pdbx_struct_oper_list.id 
_pdbx_struct_oper_list.type 
_pdbx_struct_oper_list.name 
_pdbx_struct_oper_list.symmetry_operation 
_pdbx_struct_oper_list.matrix[1][1] 
_pdbx_struct_oper_list.matrix[1][2] 
_pdbx_struct_oper_list.matrix[1][3] 
_pdbx_struct_oper_list.vector[1] 
_pdbx_struct_oper_list.matrix[2][1] 
_pdbx_struct_oper_list.matrix[2][2] 
_pdbx_struct_oper_list.matrix[2][3] 
_pdbx_struct_oper_list.vector[2] 
_pdbx_struct_oper_list.matrix[3][1] 
_pdbx_struct_oper_list.matrix[3][2] 
_pdbx_struct_oper_list.matrix[3][3] 
_pdbx_struct_oper_list.vector[3] 
1 'identity operation'         1_555 x,y,z     1.0000000000  0.0000000000  0.0000000000 0.0000000000  0.0000000000  1.0000000000  0.0000000000  0.0000000000  0.0000000000 0.0000000000  1.0000000000  0.0000000000  
2 'crystal symmetry operation' 2_554 -x,y,-z-1 -0.2754745952 -0.7960356588 0.5389257623 21.3671414875 -0.7960356588 -0.1253960649 -0.5921174350 14.7206072985 0.5389257623 -0.5921174350 -0.5991293399 -6.9822390565 
# 
_struct_biol.id        1 
_struct_biol.details   ? 
# 
loop_
_struct_conf.conf_type_id 
_struct_conf.id 
_struct_conf.pdbx_PDB_helix_id 
_struct_conf.beg_label_comp_id 
_struct_conf.beg_label_asym_id 
_struct_conf.beg_label_seq_id 
_struct_conf.pdbx_beg_PDB_ins_code 
_struct_conf.end_label_comp_id 
_struct_conf.end_label_asym_id 
_struct_conf.end_label_seq_id 
_struct_conf.pdbx_end_PDB_ins_code 
_struct_conf.beg_auth_comp_id 
_struct_conf.beg_auth_asym_id 
_struct_conf.beg_auth_seq_id 
_struct_conf.end_auth_comp_id 
_struct_conf.end_auth_asym_id 
_struct_conf.end_auth_seq_id 
_struct_conf.pdbx_PDB_helix_class 
_struct_conf.details 
_struct_conf.pdbx_PDB_helix_length 
HELX_P HELX_P1  1  PRO A 7   ? ASN A 17  ? PRO A 7   ASN A 17  1 ? 11 
HELX_P HELX_P2  2  GLU A 40  ? ILE A 42  ? GLU A 40  ILE A 42  5 ? 3  
HELX_P HELX_P3  3  THR A 43  ? TYR A 53  ? THR A 43  TYR A 53  1 ? 11 
HELX_P HELX_P4  4  GLU A 64  ? LEU A 70  ? GLU A 64  LEU A 70  1 ? 7  
HELX_P HELX_P5  5  SER A 102 ? ASN A 115 ? SER A 102 ASN A 115 1 ? 14 
HELX_P HELX_P6  6  LYS A 119 ? GLN A 121 ? LYS A 119 GLN A 121 5 ? 3  
HELX_P HELX_P7  7  GLY A 137 ? LYS A 141 ? GLY A 137 LYS A 141 5 ? 5  
HELX_P HELX_P8  8  GLY A 144 ? ALA A 156 ? GLY A 144 ALA A 156 1 ? 13 
HELX_P HELX_P9  9  ARG A 177 ? GLY A 189 ? ARG A 177 GLY A 189 1 ? 13 
HELX_P HELX_P10 10 ILE A 195 ? SER A 203 ? ILE A 195 SER A 203 1 ? 9  
# 
_struct_conf_type.id          HELX_P 
_struct_conf_type.criteria    ? 
_struct_conf_type.reference   ? 
# 
_struct_mon_prot_cis.pdbx_id                1 
_struct_mon_prot_cis.label_comp_id          LYS 
_struct_mon_prot_cis.label_seq_id           125 
_struct_mon_prot_cis.label_asym_id          A 
_struct_mon_prot_cis.label_alt_id           . 
_struct_mon_prot_cis.pdbx_PDB_ins_code      ? 
_struct_mon_prot_cis.auth_comp_id           LYS 
_struct_mon_prot_cis.auth_seq_id            125 
_struct_mon_prot_cis.auth_asym_id           A 
_struct_mon_prot_cis.pdbx_label_comp_id_2   PRO 
_struct_mon_prot_cis.pdbx_label_seq_id_2    126 
_struct_mon_prot_cis.pdbx_label_asym_id_2   A 
_struct_mon_prot_cis.pdbx_PDB_ins_code_2    ? 
_struct_mon_prot_cis.pdbx_auth_comp_id_2    PRO 
_struct_mon_prot_cis.pdbx_auth_seq_id_2     126 
_struct_mon_prot_cis.pdbx_auth_asym_id_2    A 
_struct_mon_prot_cis.pdbx_PDB_model_num     1 
_struct_mon_prot_cis.pdbx_omega_angle       -6.72 
# 
loop_
_struct_sheet.id 
_struct_sheet.type 
_struct_sheet.number_strands 
_struct_sheet.details 
A ? 4 ? 
B ? 3 ? 
# 
loop_
_struct_sheet_order.sheet_id 
_struct_sheet_order.range_id_1 
_struct_sheet_order.range_id_2 
_struct_sheet_order.offset 
_struct_sheet_order.sense 
A 1 2 ? anti-parallel 
A 2 3 ? anti-parallel 
A 3 4 ? parallel      
B 1 2 ? parallel      
B 2 3 ? anti-parallel 
# 
loop_
_struct_sheet_range.sheet_id 
_struct_sheet_range.id 
_struct_sheet_range.beg_label_comp_id 
_struct_sheet_range.beg_label_asym_id 
_struct_sheet_range.beg_label_seq_id 
_struct_sheet_range.pdbx_beg_PDB_ins_code 
_struct_sheet_range.end_label_comp_id 
_struct_sheet_range.end_label_asym_id 
_struct_sheet_range.end_label_seq_id 
_struct_sheet_range.pdbx_end_PDB_ins_code 
_struct_sheet_range.beg_auth_comp_id 
_struct_sheet_range.beg_auth_asym_id 
_struct_sheet_range.beg_auth_seq_id 
_struct_sheet_range.end_auth_comp_id 
_struct_sheet_range.end_auth_asym_id 
_struct_sheet_range.end_auth_seq_id 
A 1 GLY A 162 ? GLU A 166 ? GLY A 162 GLU A 166 
A 2 ASP A 34  ? ALA A 38  ? ASP A 34  ALA A 38  
A 3 LEU A 21  ? MET A 24  ? LEU A 21  MET A 24  
A 4 LYS A 191 ? ASN A 194 ? LYS A 191 ASN A 194 
B 1 CYS A 59  ? SER A 63  ? CYS A 59  SER A 63  
B 2 PHE A 123 ? ALA A 134 ? PHE A 123 ALA A 134 
B 3 CYS A 91  ? PHE A 93  ? CYS A 91  PHE A 93  
# 
loop_
_pdbx_struct_sheet_hbond.sheet_id 
_pdbx_struct_sheet_hbond.range_id_1 
_pdbx_struct_sheet_hbond.range_id_2 
_pdbx_struct_sheet_hbond.range_1_label_atom_id 
_pdbx_struct_sheet_hbond.range_1_label_comp_id 
_pdbx_struct_sheet_hbond.range_1_label_asym_id 
_pdbx_struct_sheet_hbond.range_1_label_seq_id 
_pdbx_struct_sheet_hbond.range_1_PDB_ins_code 
_pdbx_struct_sheet_hbond.range_1_auth_atom_id 
_pdbx_struct_sheet_hbond.range_1_auth_comp_id 
_pdbx_struct_sheet_hbond.range_1_auth_asym_id 
_pdbx_struct_sheet_hbond.range_1_auth_seq_id 
_pdbx_struct_sheet_hbond.range_2_label_atom_id 
_pdbx_struct_sheet_hbond.range_2_label_comp_id 
_pdbx_struct_sheet_hbond.range_2_label_asym_id 
_pdbx_struct_sheet_hbond.range_2_label_seq_id 
_pdbx_struct_sheet_hbond.range_2_PDB_ins_code 
_pdbx_struct_sheet_hbond.range_2_auth_atom_id 
_pdbx_struct_sheet_hbond.range_2_auth_comp_id 
_pdbx_struct_sheet_hbond.range_2_auth_asym_id 
_pdbx_struct_sheet_hbond.range_2_auth_seq_id 
A 1 2 O CYS A 165 ? O CYS A 165 N LEU A 35  ? N LEU A 35  
A 2 3 O ASP A 34  ? O ASP A 34  N VAL A 23  ? N VAL A 23  
A 3 4 N ILE A 22  ? N ILE A 22  O ILE A 193 ? O ILE A 193 
B 1 2 N LEU A 62  ? N LEU A 62  O ALA A 134 ? O ALA A 134 
B 2 3 O ILE A 124 ? O ILE A 124 N ASP A 92  ? N ASP A 92  
# 
loop_
_pdbx_validate_symm_contact.id 
_pdbx_validate_symm_contact.PDB_model_num 
_pdbx_validate_symm_contact.auth_atom_id_1 
_pdbx_validate_symm_contact.auth_asym_id_1 
_pdbx_validate_symm_contact.auth_comp_id_1 
_pdbx_validate_symm_contact.auth_seq_id_1 
_pdbx_validate_symm_contact.PDB_ins_code_1 
_pdbx_validate_symm_contact.label_alt_id_1 
_pdbx_validate_symm_contact.site_symmetry_1 
_pdbx_validate_symm_contact.auth_atom_id_2 
_pdbx_validate_symm_contact.auth_asym_id_2 
_pdbx_validate_symm_contact.auth_comp_id_2 
_pdbx_validate_symm_contact.auth_seq_id_2 
_pdbx_validate_symm_contact.PDB_ins_code_2 
_pdbx_validate_symm_contact.label_alt_id_2 
_pdbx_validate_symm_contact.site_symmetry_2 
_pdbx_validate_symm_contact.dist 
1 1 O A HOH 207 ? ? 1_555 O A HOH 209 ? ? 2_554 1.06 
2 1 O A HOH 213 ? ? 1_555 O A HOH 219 ? ? 2_554 1.25 
3 1 O A HOH 281 ? ? 1_555 O A HOH 299 ? ? 2_554 1.78 
4 1 O A HOH 225 ? ? 1_555 O A HOH 310 ? ? 2_554 1.85 
# 
loop_
_pdbx_validate_rmsd_bond.id 
_pdbx_validate_rmsd_bond.PDB_model_num 
_pdbx_validate_rmsd_bond.auth_atom_id_1 
_pdbx_validate_rmsd_bond.auth_asym_id_1 
_pdbx_validate_rmsd_bond.auth_comp_id_1 
_pdbx_validate_rmsd_bond.auth_seq_id_1 
_pdbx_validate_rmsd_bond.PDB_ins_code_1 
_pdbx_validate_rmsd_bond.label_alt_id_1 
_pdbx_validate_rmsd_bond.auth_atom_id_2 
_pdbx_validate_rmsd_bond.auth_asym_id_2 
_pdbx_validate_rmsd_bond.auth_comp_id_2 
_pdbx_validate_rmsd_bond.auth_seq_id_2 
_pdbx_validate_rmsd_bond.PDB_ins_code_2 
_pdbx_validate_rmsd_bond.label_alt_id_2 
_pdbx_validate_rmsd_bond.bond_value 
_pdbx_validate_rmsd_bond.bond_target_value 
_pdbx_validate_rmsd_bond.bond_deviation 
_pdbx_validate_rmsd_bond.bond_standard_deviation 
_pdbx_validate_rmsd_bond.linker_flag 
1 1 CA A LYS 204 ? ? CB A LYS 204 ? ? 1.891 1.535 0.356  0.022 N 
2 1 C  A LYS 204 ? ? O  A LYS 204 ? ? 0.899 1.229 -0.330 0.019 N 
# 
loop_
_pdbx_validate_rmsd_angle.id 
_pdbx_validate_rmsd_angle.PDB_model_num 
_pdbx_validate_rmsd_angle.auth_atom_id_1 
_pdbx_validate_rmsd_angle.auth_asym_id_1 
_pdbx_validate_rmsd_angle.auth_comp_id_1 
_pdbx_validate_rmsd_angle.auth_seq_id_1 
_pdbx_validate_rmsd_angle.PDB_ins_code_1 
_pdbx_validate_rmsd_angle.label_alt_id_1 
_pdbx_validate_rmsd_angle.auth_atom_id_2 
_pdbx_validate_rmsd_angle.auth_asym_id_2 
_pdbx_validate_rmsd_angle.auth_comp_id_2 
_pdbx_validate_rmsd_angle.auth_seq_id_2 
_pdbx_validate_rmsd_angle.PDB_ins_code_2 
_pdbx_validate_rmsd_angle.label_alt_id_2 
_pdbx_validate_rmsd_angle.auth_atom_id_3 
_pdbx_validate_rmsd_angle.auth_asym_id_3 
_pdbx_validate_rmsd_angle.auth_comp_id_3 
_pdbx_validate_rmsd_angle.auth_seq_id_3 
_pdbx_validate_rmsd_angle.PDB_ins_code_3 
_pdbx_validate_rmsd_angle.label_alt_id_3 
_pdbx_validate_rmsd_angle.angle_value 
_pdbx_validate_rmsd_angle.angle_target_value 
_pdbx_validate_rmsd_angle.angle_deviation 
_pdbx_validate_rmsd_angle.angle_standard_deviation 
_pdbx_validate_rmsd_angle.linker_flag 
1 1 O  A LEU 76  ? ? C A LEU 76  ? ? N A ALA 77  ? ? 98.69  122.70 -24.01 1.60 Y 
2 1 CA A LYS 204 ? ? C A LYS 204 ? ? O A LYS 204 ? ? 134.47 120.10 14.37  2.10 N 
# 
loop_
_pdbx_validate_torsion.id 
_pdbx_validate_torsion.PDB_model_num 
_pdbx_validate_torsion.auth_comp_id 
_pdbx_validate_torsion.auth_asym_id 
_pdbx_validate_torsion.auth_seq_id 
_pdbx_validate_torsion.PDB_ins_code 
_pdbx_validate_torsion.label_alt_id 
_pdbx_validate_torsion.phi 
_pdbx_validate_torsion.psi 
1 1 ASP A 26  ? ? -152.33 -156.79 
2 1 THR A 98  ? ? -119.78 -79.17  
3 1 LEU A 138 ? ? 49.54   -126.61 
4 1 ARG A 143 ? ? -87.51  38.73   
5 1 ASP A 172 ? ? -150.69 2.79    
# 
_pdbx_validate_main_chain_plane.id                       1 
_pdbx_validate_main_chain_plane.PDB_model_num            1 
_pdbx_validate_main_chain_plane.auth_comp_id             LEU 
_pdbx_validate_main_chain_plane.auth_asym_id             A 
_pdbx_validate_main_chain_plane.auth_seq_id              76 
_pdbx_validate_main_chain_plane.PDB_ins_code             ? 
_pdbx_validate_main_chain_plane.label_alt_id             ? 
_pdbx_validate_main_chain_plane.improper_torsion_angle   -29.64 
# 
loop_
_pdbx_unobs_or_zero_occ_residues.id 
_pdbx_unobs_or_zero_occ_residues.PDB_model_num 
_pdbx_unobs_or_zero_occ_residues.polymer_flag 
_pdbx_unobs_or_zero_occ_residues.occupancy_flag 
_pdbx_unobs_or_zero_occ_residues.auth_asym_id 
_pdbx_unobs_or_zero_occ_residues.auth_comp_id 
_pdbx_unobs_or_zero_occ_residues.auth_seq_id 
_pdbx_unobs_or_zero_occ_residues.PDB_ins_code 
_pdbx_unobs_or_zero_occ_residues.label_asym_id 
_pdbx_unobs_or_zero_occ_residues.label_comp_id 
_pdbx_unobs_or_zero_occ_residues.label_seq_id 
1 1 Y 1 A MET 1  ? A MET 1  
2 1 Y 1 A THR 2  ? A THR 2  
3 1 Y 0 A ALA 77 ? A ALA 77 
4 1 Y 1 A ASN 78 ? A ASN 78 
5 1 Y 1 A ARG 79 ? A ARG 79 
6 1 Y 1 A SER 80 ? A SER 80 
7 1 Y 1 A ASP 81 ? A ASP 81 
8 1 Y 1 A ARG 82 ? A ARG 82 
9 1 Y 1 A HIS 83 ? A HIS 83 
# 
loop_
_chem_comp_atom.comp_id 
_chem_comp_atom.atom_id 
_chem_comp_atom.type_symbol 
_chem_comp_atom.pdbx_aromatic_flag 
_chem_comp_atom.pdbx_stereo_config 
_chem_comp_atom.pdbx_ordinal 
ALA N    N N N 1   
ALA CA   C N S 2   
ALA C    C N N 3   
ALA O    O N N 4   
ALA CB   C N N 5   
ALA OXT  O N N 6   
ALA H    H N N 7   
ALA H2   H N N 8   
ALA HA   H N N 9   
ALA HB1  H N N 10  
ALA HB2  H N N 11  
ALA HB3  H N N 12  
ALA HXT  H N N 13  
ARG N    N N N 14  
ARG CA   C N S 15  
ARG C    C N N 16  
ARG O    O N N 17  
ARG CB   C N N 18  
ARG CG   C N N 19  
ARG CD   C N N 20  
ARG NE   N N N 21  
ARG CZ   C N N 22  
ARG NH1  N N N 23  
ARG NH2  N N N 24  
ARG OXT  O N N 25  
ARG H    H N N 26  
ARG H2   H N N 27  
ARG HA   H N N 28  
ARG HB2  H N N 29  
ARG HB3  H N N 30  
ARG HG2  H N N 31  
ARG HG3  H N N 32  
ARG HD2  H N N 33  
ARG HD3  H N N 34  
ARG HE   H N N 35  
ARG HH11 H N N 36  
ARG HH12 H N N 37  
ARG HH21 H N N 38  
ARG HH22 H N N 39  
ARG HXT  H N N 40  
ASN N    N N N 41  
ASN CA   C N S 42  
ASN C    C N N 43  
ASN O    O N N 44  
ASN CB   C N N 45  
ASN CG   C N N 46  
ASN OD1  O N N 47  
ASN ND2  N N N 48  
ASN OXT  O N N 49  
ASN H    H N N 50  
ASN H2   H N N 51  
ASN HA   H N N 52  
ASN HB2  H N N 53  
ASN HB3  H N N 54  
ASN HD21 H N N 55  
ASN HD22 H N N 56  
ASN HXT  H N N 57  
ASP N    N N N 58  
ASP CA   C N S 59  
ASP C    C N N 60  
ASP O    O N N 61  
ASP CB   C N N 62  
ASP CG   C N N 63  
ASP OD1  O N N 64  
ASP OD2  O N N 65  
ASP OXT  O N N 66  
ASP H    H N N 67  
ASP H2   H N N 68  
ASP HA   H N N 69  
ASP HB2  H N N 70  
ASP HB3  H N N 71  
ASP HD2  H N N 72  
ASP HXT  H N N 73  
CYS N    N N N 74  
CYS CA   C N R 75  
CYS C    C N N 76  
CYS O    O N N 77  
CYS CB   C N N 78  
CYS SG   S N N 79  
CYS OXT  O N N 80  
CYS H    H N N 81  
CYS H2   H N N 82  
CYS HA   H N N 83  
CYS HB2  H N N 84  
CYS HB3  H N N 85  
CYS HG   H N N 86  
CYS HXT  H N N 87  
GLN N    N N N 88  
GLN CA   C N S 89  
GLN C    C N N 90  
GLN O    O N N 91  
GLN CB   C N N 92  
GLN CG   C N N 93  
GLN CD   C N N 94  
GLN OE1  O N N 95  
GLN NE2  N N N 96  
GLN OXT  O N N 97  
GLN H    H N N 98  
GLN H2   H N N 99  
GLN HA   H N N 100 
GLN HB2  H N N 101 
GLN HB3  H N N 102 
GLN HG2  H N N 103 
GLN HG3  H N N 104 
GLN HE21 H N N 105 
GLN HE22 H N N 106 
GLN HXT  H N N 107 
GLU N    N N N 108 
GLU CA   C N S 109 
GLU C    C N N 110 
GLU O    O N N 111 
GLU CB   C N N 112 
GLU CG   C N N 113 
GLU CD   C N N 114 
GLU OE1  O N N 115 
GLU OE2  O N N 116 
GLU OXT  O N N 117 
GLU H    H N N 118 
GLU H2   H N N 119 
GLU HA   H N N 120 
GLU HB2  H N N 121 
GLU HB3  H N N 122 
GLU HG2  H N N 123 
GLU HG3  H N N 124 
GLU HE2  H N N 125 
GLU HXT  H N N 126 
GLY N    N N N 127 
GLY CA   C N N 128 
GLY C    C N N 129 
GLY O    O N N 130 
GLY OXT  O N N 131 
GLY H    H N N 132 
GLY H2   H N N 133 
GLY HA2  H N N 134 
GLY HA3  H N N 135 
GLY HXT  H N N 136 
HIS N    N N N 137 
HIS CA   C N S 138 
HIS C    C N N 139 
HIS O    O N N 140 
HIS CB   C N N 141 
HIS CG   C Y N 142 
HIS ND1  N Y N 143 
HIS CD2  C Y N 144 
HIS CE1  C Y N 145 
HIS NE2  N Y N 146 
HIS OXT  O N N 147 
HIS H    H N N 148 
HIS H2   H N N 149 
HIS HA   H N N 150 
HIS HB2  H N N 151 
HIS HB3  H N N 152 
HIS HD1  H N N 153 
HIS HD2  H N N 154 
HIS HE1  H N N 155 
HIS HE2  H N N 156 
HIS HXT  H N N 157 
HOH O    O N N 158 
HOH H1   H N N 159 
HOH H2   H N N 160 
ILE N    N N N 161 
ILE CA   C N S 162 
ILE C    C N N 163 
ILE O    O N N 164 
ILE CB   C N S 165 
ILE CG1  C N N 166 
ILE CG2  C N N 167 
ILE CD1  C N N 168 
ILE OXT  O N N 169 
ILE H    H N N 170 
ILE H2   H N N 171 
ILE HA   H N N 172 
ILE HB   H N N 173 
ILE HG12 H N N 174 
ILE HG13 H N N 175 
ILE HG21 H N N 176 
ILE HG22 H N N 177 
ILE HG23 H N N 178 
ILE HD11 H N N 179 
ILE HD12 H N N 180 
ILE HD13 H N N 181 
ILE HXT  H N N 182 
LEU N    N N N 183 
LEU CA   C N S 184 
LEU C    C N N 185 
LEU O    O N N 186 
LEU CB   C N N 187 
LEU CG   C N N 188 
LEU CD1  C N N 189 
LEU CD2  C N N 190 
LEU OXT  O N N 191 
LEU H    H N N 192 
LEU H2   H N N 193 
LEU HA   H N N 194 
LEU HB2  H N N 195 
LEU HB3  H N N 196 
LEU HG   H N N 197 
LEU HD11 H N N 198 
LEU HD12 H N N 199 
LEU HD13 H N N 200 
LEU HD21 H N N 201 
LEU HD22 H N N 202 
LEU HD23 H N N 203 
LEU HXT  H N N 204 
LYS N    N N N 205 
LYS CA   C N S 206 
LYS C    C N N 207 
LYS O    O N N 208 
LYS CB   C N N 209 
LYS CG   C N N 210 
LYS CD   C N N 211 
LYS CE   C N N 212 
LYS NZ   N N N 213 
LYS OXT  O N N 214 
LYS H    H N N 215 
LYS H2   H N N 216 
LYS HA   H N N 217 
LYS HB2  H N N 218 
LYS HB3  H N N 219 
LYS HG2  H N N 220 
LYS HG3  H N N 221 
LYS HD2  H N N 222 
LYS HD3  H N N 223 
LYS HE2  H N N 224 
LYS HE3  H N N 225 
LYS HZ1  H N N 226 
LYS HZ2  H N N 227 
LYS HZ3  H N N 228 
LYS HXT  H N N 229 
MET N    N N N 230 
MET CA   C N S 231 
MET C    C N N 232 
MET O    O N N 233 
MET CB   C N N 234 
MET CG   C N N 235 
MET SD   S N N 236 
MET CE   C N N 237 
MET OXT  O N N 238 
MET H    H N N 239 
MET H2   H N N 240 
MET HA   H N N 241 
MET HB2  H N N 242 
MET HB3  H N N 243 
MET HG2  H N N 244 
MET HG3  H N N 245 
MET HE1  H N N 246 
MET HE2  H N N 247 
MET HE3  H N N 248 
MET HXT  H N N 249 
PHE N    N N N 250 
PHE CA   C N S 251 
PHE C    C N N 252 
PHE O    O N N 253 
PHE CB   C N N 254 
PHE CG   C Y N 255 
PHE CD1  C Y N 256 
PHE CD2  C Y N 257 
PHE CE1  C Y N 258 
PHE CE2  C Y N 259 
PHE CZ   C Y N 260 
PHE OXT  O N N 261 
PHE H    H N N 262 
PHE H2   H N N 263 
PHE HA   H N N 264 
PHE HB2  H N N 265 
PHE HB3  H N N 266 
PHE HD1  H N N 267 
PHE HD2  H N N 268 
PHE HE1  H N N 269 
PHE HE2  H N N 270 
PHE HZ   H N N 271 
PHE HXT  H N N 272 
PRO N    N N N 273 
PRO CA   C N S 274 
PRO C    C N N 275 
PRO O    O N N 276 
PRO CB   C N N 277 
PRO CG   C N N 278 
PRO CD   C N N 279 
PRO OXT  O N N 280 
PRO H    H N N 281 
PRO HA   H N N 282 
PRO HB2  H N N 283 
PRO HB3  H N N 284 
PRO HG2  H N N 285 
PRO HG3  H N N 286 
PRO HD2  H N N 287 
PRO HD3  H N N 288 
PRO HXT  H N N 289 
SER N    N N N 290 
SER CA   C N S 291 
SER C    C N N 292 
SER O    O N N 293 
SER CB   C N N 294 
SER OG   O N N 295 
SER OXT  O N N 296 
SER H    H N N 297 
SER H2   H N N 298 
SER HA   H N N 299 
SER HB2  H N N 300 
SER HB3  H N N 301 
SER HG   H N N 302 
SER HXT  H N N 303 
THR N    N N N 304 
THR CA   C N S 305 
THR C    C N N 306 
THR O    O N N 307 
THR CB   C N R 308 
THR OG1  O N N 309 
THR CG2  C N N 310 
THR OXT  O N N 311 
THR H    H N N 312 
THR H2   H N N 313 
THR HA   H N N 314 
THR HB   H N N 315 
THR HG1  H N N 316 
THR HG21 H N N 317 
THR HG22 H N N 318 
THR HG23 H N N 319 
THR HXT  H N N 320 
TYR N    N N N 321 
TYR CA   C N S 322 
TYR C    C N N 323 
TYR O    O N N 324 
TYR CB   C N N 325 
TYR CG   C Y N 326 
TYR CD1  C Y N 327 
TYR CD2  C Y N 328 
TYR CE1  C Y N 329 
TYR CE2  C Y N 330 
TYR CZ   C Y N 331 
TYR OH   O N N 332 
TYR OXT  O N N 333 
TYR H    H N N 334 
TYR H2   H N N 335 
TYR HA   H N N 336 
TYR HB2  H N N 337 
TYR HB3  H N N 338 
TYR HD1  H N N 339 
TYR HD2  H N N 340 
TYR HE1  H N N 341 
TYR HE2  H N N 342 
TYR HH   H N N 343 
TYR HXT  H N N 344 
VAL N    N N N 345 
VAL CA   C N S 346 
VAL C    C N N 347 
VAL O    O N N 348 
VAL CB   C N N 349 
VAL CG1  C N N 350 
VAL CG2  C N N 351 
VAL OXT  O N N 352 
VAL H    H N N 353 
VAL H2   H N N 354 
VAL HA   H N N 355 
VAL HB   H N N 356 
VAL HG11 H N N 357 
VAL HG12 H N N 358 
VAL HG13 H N N 359 
VAL HG21 H N N 360 
VAL HG22 H N N 361 
VAL HG23 H N N 362 
VAL HXT  H N N 363 
# 
loop_
_chem_comp_bond.comp_id 
_chem_comp_bond.atom_id_1 
_chem_comp_bond.atom_id_2 
_chem_comp_bond.value_order 
_chem_comp_bond.pdbx_aromatic_flag 
_chem_comp_bond.pdbx_stereo_config 
_chem_comp_bond.pdbx_ordinal 
ALA N   CA   sing N N 1   
ALA N   H    sing N N 2   
ALA N   H2   sing N N 3   
ALA CA  C    sing N N 4   
ALA CA  CB   sing N N 5   
ALA CA  HA   sing N N 6   
ALA C   O    doub N N 7   
ALA C   OXT  sing N N 8   
ALA CB  HB1  sing N N 9   
ALA CB  HB2  sing N N 10  
ALA CB  HB3  sing N N 11  
ALA OXT HXT  sing N N 12  
ARG N   CA   sing N N 13  
ARG N   H    sing N N 14  
ARG N   H2   sing N N 15  
ARG CA  C    sing N N 16  
ARG CA  CB   sing N N 17  
ARG CA  HA   sing N N 18  
ARG C   O    doub N N 19  
ARG C   OXT  sing N N 20  
ARG CB  CG   sing N N 21  
ARG CB  HB2  sing N N 22  
ARG CB  HB3  sing N N 23  
ARG CG  CD   sing N N 24  
ARG CG  HG2  sing N N 25  
ARG CG  HG3  sing N N 26  
ARG CD  NE   sing N N 27  
ARG CD  HD2  sing N N 28  
ARG CD  HD3  sing N N 29  
ARG NE  CZ   sing N N 30  
ARG NE  HE   sing N N 31  
ARG CZ  NH1  sing N N 32  
ARG CZ  NH2  doub N N 33  
ARG NH1 HH11 sing N N 34  
ARG NH1 HH12 sing N N 35  
ARG NH2 HH21 sing N N 36  
ARG NH2 HH22 sing N N 37  
ARG OXT HXT  sing N N 38  
ASN N   CA   sing N N 39  
ASN N   H    sing N N 40  
ASN N   H2   sing N N 41  
ASN CA  C    sing N N 42  
ASN CA  CB   sing N N 43  
ASN CA  HA   sing N N 44  
ASN C   O    doub N N 45  
ASN C   OXT  sing N N 46  
ASN CB  CG   sing N N 47  
ASN CB  HB2  sing N N 48  
ASN CB  HB3  sing N N 49  
ASN CG  OD1  doub N N 50  
ASN CG  ND2  sing N N 51  
ASN ND2 HD21 sing N N 52  
ASN ND2 HD22 sing N N 53  
ASN OXT HXT  sing N N 54  
ASP N   CA   sing N N 55  
ASP N   H    sing N N 56  
ASP N   H2   sing N N 57  
ASP CA  C    sing N N 58  
ASP CA  CB   sing N N 59  
ASP CA  HA   sing N N 60  
ASP C   O    doub N N 61  
ASP C   OXT  sing N N 62  
ASP CB  CG   sing N N 63  
ASP CB  HB2  sing N N 64  
ASP CB  HB3  sing N N 65  
ASP CG  OD1  doub N N 66  
ASP CG  OD2  sing N N 67  
ASP OD2 HD2  sing N N 68  
ASP OXT HXT  sing N N 69  
CYS N   CA   sing N N 70  
CYS N   H    sing N N 71  
CYS N   H2   sing N N 72  
CYS CA  C    sing N N 73  
CYS CA  CB   sing N N 74  
CYS CA  HA   sing N N 75  
CYS C   O    doub N N 76  
CYS C   OXT  sing N N 77  
CYS CB  SG   sing N N 78  
CYS CB  HB2  sing N N 79  
CYS CB  HB3  sing N N 80  
CYS SG  HG   sing N N 81  
CYS OXT HXT  sing N N 82  
GLN N   CA   sing N N 83  
GLN N   H    sing N N 84  
GLN N   H2   sing N N 85  
GLN CA  C    sing N N 86  
GLN CA  CB   sing N N 87  
GLN CA  HA   sing N N 88  
GLN C   O    doub N N 89  
GLN C   OXT  sing N N 90  
GLN CB  CG   sing N N 91  
GLN CB  HB2  sing N N 92  
GLN CB  HB3  sing N N 93  
GLN CG  CD   sing N N 94  
GLN CG  HG2  sing N N 95  
GLN CG  HG3  sing N N 96  
GLN CD  OE1  doub N N 97  
GLN CD  NE2  sing N N 98  
GLN NE2 HE21 sing N N 99  
GLN NE2 HE22 sing N N 100 
GLN OXT HXT  sing N N 101 
GLU N   CA   sing N N 102 
GLU N   H    sing N N 103 
GLU N   H2   sing N N 104 
GLU CA  C    sing N N 105 
GLU CA  CB   sing N N 106 
GLU CA  HA   sing N N 107 
GLU C   O    doub N N 108 
GLU C   OXT  sing N N 109 
GLU CB  CG   sing N N 110 
GLU CB  HB2  sing N N 111 
GLU CB  HB3  sing N N 112 
GLU CG  CD   sing N N 113 
GLU CG  HG2  sing N N 114 
GLU CG  HG3  sing N N 115 
GLU CD  OE1  doub N N 116 
GLU CD  OE2  sing N N 117 
GLU OE2 HE2  sing N N 118 
GLU OXT HXT  sing N N 119 
GLY N   CA   sing N N 120 
GLY N   H    sing N N 121 
GLY N   H2   sing N N 122 
GLY CA  C    sing N N 123 
GLY CA  HA2  sing N N 124 
GLY CA  HA3  sing N N 125 
GLY C   O    doub N N 126 
GLY C   OXT  sing N N 127 
GLY OXT HXT  sing N N 128 
HIS N   CA   sing N N 129 
HIS N   H    sing N N 130 
HIS N   H2   sing N N 131 
HIS CA  C    sing N N 132 
HIS CA  CB   sing N N 133 
HIS CA  HA   sing N N 134 
HIS C   O    doub N N 135 
HIS C   OXT  sing N N 136 
HIS CB  CG   sing N N 137 
HIS CB  HB2  sing N N 138 
HIS CB  HB3  sing N N 139 
HIS CG  ND1  sing Y N 140 
HIS CG  CD2  doub Y N 141 
HIS ND1 CE1  doub Y N 142 
HIS ND1 HD1  sing N N 143 
HIS CD2 NE2  sing Y N 144 
HIS CD2 HD2  sing N N 145 
HIS CE1 NE2  sing Y N 146 
HIS CE1 HE1  sing N N 147 
HIS NE2 HE2  sing N N 148 
HIS OXT HXT  sing N N 149 
HOH O   H1   sing N N 150 
HOH O   H2   sing N N 151 
ILE N   CA   sing N N 152 
ILE N   H    sing N N 153 
ILE N   H2   sing N N 154 
ILE CA  C    sing N N 155 
ILE CA  CB   sing N N 156 
ILE CA  HA   sing N N 157 
ILE C   O    doub N N 158 
ILE C   OXT  sing N N 159 
ILE CB  CG1  sing N N 160 
ILE CB  CG2  sing N N 161 
ILE CB  HB   sing N N 162 
ILE CG1 CD1  sing N N 163 
ILE CG1 HG12 sing N N 164 
ILE CG1 HG13 sing N N 165 
ILE CG2 HG21 sing N N 166 
ILE CG2 HG22 sing N N 167 
ILE CG2 HG23 sing N N 168 
ILE CD1 HD11 sing N N 169 
ILE CD1 HD12 sing N N 170 
ILE CD1 HD13 sing N N 171 
ILE OXT HXT  sing N N 172 
LEU N   CA   sing N N 173 
LEU N   H    sing N N 174 
LEU N   H2   sing N N 175 
LEU CA  C    sing N N 176 
LEU CA  CB   sing N N 177 
LEU CA  HA   sing N N 178 
LEU C   O    doub N N 179 
LEU C   OXT  sing N N 180 
LEU CB  CG   sing N N 181 
LEU CB  HB2  sing N N 182 
LEU CB  HB3  sing N N 183 
LEU CG  CD1  sing N N 184 
LEU CG  CD2  sing N N 185 
LEU CG  HG   sing N N 186 
LEU CD1 HD11 sing N N 187 
LEU CD1 HD12 sing N N 188 
LEU CD1 HD13 sing N N 189 
LEU CD2 HD21 sing N N 190 
LEU CD2 HD22 sing N N 191 
LEU CD2 HD23 sing N N 192 
LEU OXT HXT  sing N N 193 
LYS N   CA   sing N N 194 
LYS N   H    sing N N 195 
LYS N   H2   sing N N 196 
LYS CA  C    sing N N 197 
LYS CA  CB   sing N N 198 
LYS CA  HA   sing N N 199 
LYS C   O    doub N N 200 
LYS C   OXT  sing N N 201 
LYS CB  CG   sing N N 202 
LYS CB  HB2  sing N N 203 
LYS CB  HB3  sing N N 204 
LYS CG  CD   sing N N 205 
LYS CG  HG2  sing N N 206 
LYS CG  HG3  sing N N 207 
LYS CD  CE   sing N N 208 
LYS CD  HD2  sing N N 209 
LYS CD  HD3  sing N N 210 
LYS CE  NZ   sing N N 211 
LYS CE  HE2  sing N N 212 
LYS CE  HE3  sing N N 213 
LYS NZ  HZ1  sing N N 214 
LYS NZ  HZ2  sing N N 215 
LYS NZ  HZ3  sing N N 216 
LYS OXT HXT  sing N N 217 
MET N   CA   sing N N 218 
MET N   H    sing N N 219 
MET N   H2   sing N N 220 
MET CA  C    sing N N 221 
MET CA  CB   sing N N 222 
MET CA  HA   sing N N 223 
MET C   O    doub N N 224 
MET C   OXT  sing N N 225 
MET CB  CG   sing N N 226 
MET CB  HB2  sing N N 227 
MET CB  HB3  sing N N 228 
MET CG  SD   sing N N 229 
MET CG  HG2  sing N N 230 
MET CG  HG3  sing N N 231 
MET SD  CE   sing N N 232 
MET CE  HE1  sing N N 233 
MET CE  HE2  sing N N 234 
MET CE  HE3  sing N N 235 
MET OXT HXT  sing N N 236 
PHE N   CA   sing N N 237 
PHE N   H    sing N N 238 
PHE N   H2   sing N N 239 
PHE CA  C    sing N N 240 
PHE CA  CB   sing N N 241 
PHE CA  HA   sing N N 242 
PHE C   O    doub N N 243 
PHE C   OXT  sing N N 244 
PHE CB  CG   sing N N 245 
PHE CB  HB2  sing N N 246 
PHE CB  HB3  sing N N 247 
PHE CG  CD1  doub Y N 248 
PHE CG  CD2  sing Y N 249 
PHE CD1 CE1  sing Y N 250 
PHE CD1 HD1  sing N N 251 
PHE CD2 CE2  doub Y N 252 
PHE CD2 HD2  sing N N 253 
PHE CE1 CZ   doub Y N 254 
PHE CE1 HE1  sing N N 255 
PHE CE2 CZ   sing Y N 256 
PHE CE2 HE2  sing N N 257 
PHE CZ  HZ   sing N N 258 
PHE OXT HXT  sing N N 259 
PRO N   CA   sing N N 260 
PRO N   CD   sing N N 261 
PRO N   H    sing N N 262 
PRO CA  C    sing N N 263 
PRO CA  CB   sing N N 264 
PRO CA  HA   sing N N 265 
PRO C   O    doub N N 266 
PRO C   OXT  sing N N 267 
PRO CB  CG   sing N N 268 
PRO CB  HB2  sing N N 269 
PRO CB  HB3  sing N N 270 
PRO CG  CD   sing N N 271 
PRO CG  HG2  sing N N 272 
PRO CG  HG3  sing N N 273 
PRO CD  HD2  sing N N 274 
PRO CD  HD3  sing N N 275 
PRO OXT HXT  sing N N 276 
SER N   CA   sing N N 277 
SER N   H    sing N N 278 
SER N   H2   sing N N 279 
SER CA  C    sing N N 280 
SER CA  CB   sing N N 281 
SER CA  HA   sing N N 282 
SER C   O    doub N N 283 
SER C   OXT  sing N N 284 
SER CB  OG   sing N N 285 
SER CB  HB2  sing N N 286 
SER CB  HB3  sing N N 287 
SER OG  HG   sing N N 288 
SER OXT HXT  sing N N 289 
THR N   CA   sing N N 290 
THR N   H    sing N N 291 
THR N   H2   sing N N 292 
THR CA  C    sing N N 293 
THR CA  CB   sing N N 294 
THR CA  HA   sing N N 295 
THR C   O    doub N N 296 
THR C   OXT  sing N N 297 
THR CB  OG1  sing N N 298 
THR CB  CG2  sing N N 299 
THR CB  HB   sing N N 300 
THR OG1 HG1  sing N N 301 
THR CG2 HG21 sing N N 302 
THR CG2 HG22 sing N N 303 
THR CG2 HG23 sing N N 304 
THR OXT HXT  sing N N 305 
TYR N   CA   sing N N 306 
TYR N   H    sing N N 307 
TYR N   H2   sing N N 308 
TYR CA  C    sing N N 309 
TYR CA  CB   sing N N 310 
TYR CA  HA   sing N N 311 
TYR C   O    doub N N 312 
TYR C   OXT  sing N N 313 
TYR CB  CG   sing N N 314 
TYR CB  HB2  sing N N 315 
TYR CB  HB3  sing N N 316 
TYR CG  CD1  doub Y N 317 
TYR CG  CD2  sing Y N 318 
TYR CD1 CE1  sing Y N 319 
TYR CD1 HD1  sing N N 320 
TYR CD2 CE2  doub Y N 321 
TYR CD2 HD2  sing N N 322 
TYR CE1 CZ   doub Y N 323 
TYR CE1 HE1  sing N N 324 
TYR CE2 CZ   sing Y N 325 
TYR CE2 HE2  sing N N 326 
TYR CZ  OH   sing N N 327 
TYR OH  HH   sing N N 328 
TYR OXT HXT  sing N N 329 
VAL N   CA   sing N N 330 
VAL N   H    sing N N 331 
VAL N   H2   sing N N 332 
VAL CA  C    sing N N 333 
VAL CA  CB   sing N N 334 
VAL CA  HA   sing N N 335 
VAL C   O    doub N N 336 
VAL C   OXT  sing N N 337 
VAL CB  CG1  sing N N 338 
VAL CB  CG2  sing N N 339 
VAL CB  HB   sing N N 340 
VAL CG1 HG11 sing N N 341 
VAL CG1 HG12 sing N N 342 
VAL CG1 HG13 sing N N 343 
VAL CG2 HG21 sing N N 344 
VAL CG2 HG22 sing N N 345 
VAL CG2 HG23 sing N N 346 
VAL OXT HXT  sing N N 347 
# 
_atom_sites.entry_id                    2RIS 
_atom_sites.fract_transf_matrix[1][1]   0.00760411 
_atom_sites.fract_transf_matrix[1][2]   0.00368656 
_atom_sites.fract_transf_matrix[1][3]   -0.00477754 
_atom_sites.fract_transf_matrix[2][1]   -0.01250411 
_atom_sites.fract_transf_matrix[2][2]   0.01373826 
_atom_sites.fract_transf_matrix[2][3]   -0.00930097 
_atom_sites.fract_transf_matrix[3][1]   -0.00311498 
_atom_sites.fract_transf_matrix[3][2]   0.01262347 
_atom_sites.fract_transf_matrix[3][3]   0.02283360 
_atom_sites.fract_transf_vector[1]      -0.125051 
_atom_sites.fract_transf_vector[2]      -0.501106 
_atom_sites.fract_transf_vector[3]      -0.479922 
# 
loop_
_atom_type.symbol 
C 
N 
O 
S 
# 
loop_
_atom_site.group_PDB 
_atom_site.id 
_atom_site.type_symbol 
_atom_site.label_atom_id 
_atom_site.label_alt_id 
_atom_site.label_comp_id 
_atom_site.label_asym_id 
_atom_site.label_entity_id 
_atom_site.label_seq_id 
_atom_site.pdbx_PDB_ins_code 
_atom_site.Cartn_x 
_atom_site.Cartn_y 
_atom_site.Cartn_z 
_atom_site.occupancy 
_atom_site.B_iso_or_equiv 
_atom_site.pdbx_formal_charge 
_atom_site.auth_seq_id 
_atom_site.auth_comp_id 
_atom_site.auth_asym_id 
_atom_site.auth_atom_id 
_atom_site.pdbx_PDB_model_num 
ATOM   1    N N   . ASN A 1 3   ? 0.827   -24.197 -0.672  1.00 19.56 ? 3   ASN A N   1 
ATOM   2    C CA  . ASN A 1 3   ? 2.071   -24.104 0.150   1.00 18.67 ? 3   ASN A CA  1 
ATOM   3    C C   . ASN A 1 3   ? 2.928   -22.868 -0.152  1.00 17.34 ? 3   ASN A C   1 
ATOM   4    O O   . ASN A 1 3   ? 4.060   -22.748 0.334   1.00 18.17 ? 3   ASN A O   1 
ATOM   5    C CB  . ASN A 1 3   ? 2.903   -25.402 0.059   1.00 19.39 ? 3   ASN A CB  1 
ATOM   6    C CG  . ASN A 1 3   ? 3.033   -25.941 -1.366  1.00 21.47 ? 3   ASN A CG  1 
ATOM   7    O OD1 . ASN A 1 3   ? 2.530   -25.357 -2.329  1.00 24.39 ? 3   ASN A OD1 1 
ATOM   8    N ND2 . ASN A 1 3   ? 3.710   -27.079 -1.496  1.00 24.87 ? 3   ASN A ND2 1 
ATOM   9    N N   . ILE A 1 4   ? 2.389   -21.949 -0.955  1.00 15.04 ? 4   ILE A N   1 
ATOM   10   C CA  . ILE A 1 4   ? 3.058   -20.679 -1.222  1.00 13.18 ? 4   ILE A CA  1 
ATOM   11   C C   . ILE A 1 4   ? 2.196   -19.521 -0.750  1.00 12.25 ? 4   ILE A C   1 
ATOM   12   O O   . ILE A 1 4   ? 2.675   -18.630 -0.035  1.00 11.39 ? 4   ILE A O   1 
ATOM   13   C CB  . ILE A 1 4   ? 3.391   -20.501 -2.723  1.00 13.01 ? 4   ILE A CB  1 
ATOM   14   C CG1 . ILE A 1 4   ? 4.449   -21.516 -3.152  1.00 12.41 ? 4   ILE A CG1 1 
ATOM   15   C CG2 . ILE A 1 4   ? 3.856   -19.064 -3.025  1.00 12.73 ? 4   ILE A CG2 1 
ATOM   16   C CD1 . ILE A 1 4   ? 4.748   -21.524 -4.650  1.00 13.26 ? 4   ILE A CD1 1 
ATOM   17   N N   . PHE A 1 5   ? 0.924   -19.548 -1.140  1.00 11.02 ? 5   PHE A N   1 
ATOM   18   C CA  . PHE A 1 5   ? 0.021   -18.434 -0.856  1.00 10.39 ? 5   PHE A CA  1 
ATOM   19   C C   . PHE A 1 5   ? -0.876  -18.688 0.347   1.00 10.50 ? 5   PHE A C   1 
ATOM   20   O O   . PHE A 1 5   ? -1.412  -19.782 0.519   1.00 11.03 ? 5   PHE A O   1 
ATOM   21   C CB  . PHE A 1 5   ? -0.781  -18.059 -2.105  1.00 10.12 ? 5   PHE A CB  1 
ATOM   22   C CG  . PHE A 1 5   ? 0.093   -17.689 -3.274  1.00 8.94  ? 5   PHE A CG  1 
ATOM   23   C CD1 . PHE A 1 5   ? 0.695   -16.434 -3.340  1.00 9.47  ? 5   PHE A CD1 1 
ATOM   24   C CD2 . PHE A 1 5   ? 0.346   -18.609 -4.282  1.00 9.59  ? 5   PHE A CD2 1 
ATOM   25   C CE1 . PHE A 1 5   ? 1.525   -16.096 -4.394  1.00 8.91  ? 5   PHE A CE1 1 
ATOM   26   C CE2 . PHE A 1 5   ? 1.167   -18.284 -5.347  1.00 8.30  ? 5   PHE A CE2 1 
ATOM   27   C CZ  . PHE A 1 5   ? 1.763   -17.020 -5.405  1.00 8.44  ? 5   PHE A CZ  1 
ATOM   28   N N   . THR A 1 6   ? -0.995  -17.667 1.194   1.00 9.83  ? 6   THR A N   1 
ATOM   29   C CA  . THR A 1 6   ? -1.834  -17.720 2.391   1.00 9.61  ? 6   THR A CA  1 
ATOM   30   C C   . THR A 1 6   ? -3.290  -17.559 1.982   1.00 9.55  ? 6   THR A C   1 
ATOM   31   O O   . THR A 1 6   ? -3.603  -16.701 1.149   1.00 9.44  ? 6   THR A O   1 
ATOM   32   C CB  . THR A 1 6   ? -1.416  -16.596 3.375   1.00 9.19  ? 6   THR A CB  1 
ATOM   33   O OG1 . THR A 1 6   ? -0.118  -16.903 3.897   1.00 9.59  ? 6   THR A OG1 1 
ATOM   34   C CG2 . THR A 1 6   ? -2.404  -16.432 4.528   1.00 9.72  ? 6   THR A CG2 1 
ATOM   35   N N   . PRO A 1 7   ? -4.192  -18.382 2.551   1.00 9.91  ? 7   PRO A N   1 
ATOM   36   C CA  . PRO A 1 7   ? -5.612  -18.183 2.243   1.00 9.77  ? 7   PRO A CA  1 
ATOM   37   C C   . PRO A 1 7   ? -6.089  -16.779 2.627   1.00 9.63  ? 7   PRO A C   1 
ATOM   38   O O   . PRO A 1 7   ? -5.642  -16.203 3.632   1.00 8.79  ? 7   PRO A O   1 
ATOM   39   C CB  . PRO A 1 7   ? -6.316  -19.232 3.113   1.00 10.42 ? 7   PRO A CB  1 
ATOM   40   C CG  . PRO A 1 7   ? -5.276  -20.238 3.445   1.00 11.25 ? 7   PRO A CG  1 
ATOM   41   C CD  . PRO A 1 7   ? -3.977  -19.493 3.497   1.00 9.86  ? 7   PRO A CD  1 
ATOM   42   N N   . ILE A 1 8   ? -6.992  -16.233 1.822   1.00 9.61  ? 8   ILE A N   1 
ATOM   43   C CA  . ILE A 1 8   ? -7.374  -14.842 1.964   1.00 9.22  ? 8   ILE A CA  1 
ATOM   44   C C   . ILE A 1 8   ? -7.882  -14.471 3.360   1.00 9.09  ? 8   ILE A C   1 
ATOM   45   O O   . ILE A 1 8   ? -7.490  -13.427 3.904   1.00 9.32  ? 8   ILE A O   1 
ATOM   46   C CB  . ILE A 1 8   ? -8.370  -14.427 0.865   1.00 8.80  ? 8   ILE A CB  1 
ATOM   47   C CG1 . ILE A 1 8   ? -7.640  -14.434 -0.478  1.00 9.35  ? 8   ILE A CG1 1 
ATOM   48   C CG2 . ILE A 1 8   ? -9.018  -13.073 1.181   1.00 10.38 ? 8   ILE A CG2 1 
ATOM   49   C CD1 A ILE A 1 8   ? -6.415  -13.526 -0.558  0.50 5.24  ? 8   ILE A CD1 1 
ATOM   50   C CD1 B ILE A 1 8   ? -8.503  -14.736 -1.605  0.50 11.77 ? 8   ILE A CD1 1 
ATOM   51   N N   . GLU A 1 9   ? -8.717  -15.319 3.959   1.00 9.33  ? 9   GLU A N   1 
ATOM   52   C CA  . GLU A 1 9   ? -9.259  -14.968 5.278   1.00 9.95  ? 9   GLU A CA  1 
ATOM   53   C C   . GLU A 1 9   ? -8.177  -14.867 6.351   1.00 9.44  ? 9   GLU A C   1 
ATOM   54   O O   . GLU A 1 9   ? -8.239  -13.982 7.211   1.00 9.51  ? 9   GLU A O   1 
ATOM   55   C CB  . GLU A 1 9   ? -10.422 -15.885 5.684   1.00 9.79  ? 9   GLU A CB  1 
ATOM   56   C CG  . GLU A 1 9   ? -11.675 -15.584 4.865   1.00 9.89  ? 9   GLU A CG  1 
ATOM   57   C CD  . GLU A 1 9   ? -12.904 -16.428 5.227   1.00 11.15 ? 9   GLU A CD  1 
ATOM   58   O OE1 . GLU A 1 9   ? -12.848 -17.253 6.169   1.00 10.07 ? 9   GLU A OE1 1 
ATOM   59   O OE2 . GLU A 1 9   ? -13.943 -16.254 4.544   1.00 12.27 ? 9   GLU A OE2 1 
ATOM   60   N N   . GLU A 1 10  ? -7.167  -15.738 6.285   1.00 9.45  ? 10  GLU A N   1 
ATOM   61   C CA  . GLU A 1 10  ? -6.036  -15.647 7.212   1.00 9.27  ? 10  GLU A CA  1 
ATOM   62   C C   . GLU A 1 10  ? -5.210  -14.385 6.939   1.00 9.14  ? 10  GLU A C   1 
ATOM   63   O O   . GLU A 1 10  ? -4.775  -13.709 7.868   1.00 9.95  ? 10  GLU A O   1 
ATOM   64   C CB  . GLU A 1 10  ? -5.138  -16.898 7.147   1.00 8.82  ? 10  GLU A CB  1 
ATOM   65   C CG  . GLU A 1 10  ? -5.859  -18.246 7.345   1.00 10.08 ? 10  GLU A CG  1 
ATOM   66   C CD  . GLU A 1 10  ? -6.524  -18.416 8.712   1.00 10.52 ? 10  GLU A CD  1 
ATOM   67   O OE1 . GLU A 1 10  ? -7.306  -19.393 8.865   1.00 11.74 ? 10  GLU A OE1 1 
ATOM   68   O OE2 . GLU A 1 10  ? -6.283  -17.589 9.626   1.00 8.93  ? 10  GLU A OE2 1 
ATOM   69   N N   . ALA A 1 11  ? -5.019  -14.071 5.657   1.00 9.06  ? 11  ALA A N   1 
ATOM   70   C CA  . ALA A 1 11  ? -4.280  -12.872 5.257   1.00 9.05  ? 11  ALA A CA  1 
ATOM   71   C C   . ALA A 1 11  ? -4.978  -11.611 5.753   1.00 9.20  ? 11  ALA A C   1 
ATOM   72   O O   . ALA A 1 11  ? -4.319  -10.692 6.248   1.00 9.68  ? 11  ALA A O   1 
ATOM   73   C CB  . ALA A 1 11  ? -4.108  -12.826 3.731   1.00 9.06  ? 11  ALA A CB  1 
ATOM   74   N N   . LEU A 1 12  ? -6.307  -11.570 5.627   1.00 9.91  ? 12  LEU A N   1 
ATOM   75   C CA  . LEU A 1 12  ? -7.072  -10.408 6.081   1.00 10.55 ? 12  LEU A CA  1 
ATOM   76   C C   . LEU A 1 12  ? -6.932  -10.175 7.577   1.00 10.96 ? 12  LEU A C   1 
ATOM   77   O O   . LEU A 1 12  ? -6.839  -9.029  8.025   1.00 11.41 ? 12  LEU A O   1 
ATOM   78   C CB  . LEU A 1 12  ? -8.551  -10.512 5.695   1.00 10.63 ? 12  LEU A CB  1 
ATOM   79   C CG  . LEU A 1 12  ? -8.866  -10.468 4.201   1.00 11.63 ? 12  LEU A CG  1 
ATOM   80   C CD1 . LEU A 1 12  ? -10.351 -10.789 3.978   1.00 12.60 ? 12  LEU A CD1 1 
ATOM   81   C CD2 . LEU A 1 12  ? -8.476  -9.103  3.618   1.00 11.19 ? 12  LEU A CD2 1 
ATOM   82   N N   . GLU A 1 13  ? -6.892  -11.257 8.355   1.00 11.32 ? 13  GLU A N   1 
ATOM   83   C CA  . GLU A 1 13  ? -6.693  -11.111 9.794   1.00 11.67 ? 13  GLU A CA  1 
ATOM   84   C C   . GLU A 1 13  ? -5.318  -10.518 10.090  1.00 11.47 ? 13  GLU A C   1 
ATOM   85   O O   . GLU A 1 13  ? -5.190  -9.643  10.939  1.00 11.46 ? 13  GLU A O   1 
ATOM   86   C CB  . GLU A 1 13  ? -6.879  -12.441 10.531  1.00 12.36 ? 13  GLU A CB  1 
ATOM   87   C CG  . GLU A 1 13  ? -8.322  -12.832 10.734  1.00 13.24 ? 13  GLU A CG  1 
ATOM   88   C CD  . GLU A 1 13  ? -9.149  -11.755 11.423  1.00 13.66 ? 13  GLU A CD  1 
ATOM   89   O OE1 . GLU A 1 13  ? -8.696  -11.178 12.437  1.00 13.97 ? 13  GLU A OE1 1 
ATOM   90   O OE2 . GLU A 1 13  ? -10.263 -11.499 10.930  1.00 17.65 ? 13  GLU A OE2 1 
ATOM   91   N N   . ALA A 1 14  ? -4.292  -10.986 9.374   1.00 10.71 ? 14  ALA A N   1 
ATOM   92   C CA  . ALA A 1 14  ? -2.943  -10.435 9.525   1.00 10.81 ? 14  ALA A CA  1 
ATOM   93   C C   . ALA A 1 14  ? -2.934  -8.937  9.208   1.00 10.74 ? 14  ALA A C   1 
ATOM   94   O O   . ALA A 1 14  ? -2.381  -8.132  9.964   1.00 10.94 ? 14  ALA A O   1 
ATOM   95   C CB  . ALA A 1 14  ? -1.961  -11.179 8.629   1.00 11.23 ? 14  ALA A CB  1 
ATOM   96   N N   . TYR A 1 15  ? -3.549  -8.592  8.080   1.00 10.64 ? 15  TYR A N   1 
ATOM   97   C CA  . TYR A 1 15  ? -3.653  -7.215  7.607   1.00 10.69 ? 15  TYR A CA  1 
ATOM   98   C C   . TYR A 1 15  ? -4.404  -6.348  8.611   1.00 11.71 ? 15  TYR A C   1 
ATOM   99   O O   . TYR A 1 15  ? -3.967  -5.248  8.936   1.00 11.18 ? 15  TYR A O   1 
ATOM   100  C CB  . TYR A 1 15  ? -4.377  -7.225  6.265   1.00 9.96  ? 15  TYR A CB  1 
ATOM   101  C CG  . TYR A 1 15  ? -4.315  -5.948  5.458   1.00 10.12 ? 15  TYR A CG  1 
ATOM   102  C CD1 . TYR A 1 15  ? -3.326  -5.758  4.492   1.00 9.22  ? 15  TYR A CD1 1 
ATOM   103  C CD2 . TYR A 1 15  ? -5.261  -4.944  5.637   1.00 10.35 ? 15  TYR A CD2 1 
ATOM   104  C CE1 . TYR A 1 15  ? -3.283  -4.602  3.722   1.00 9.98  ? 15  TYR A CE1 1 
ATOM   105  C CE2 . TYR A 1 15  ? -5.226  -3.781  4.868   1.00 9.41  ? 15  TYR A CE2 1 
ATOM   106  C CZ  . TYR A 1 15  ? -4.233  -3.616  3.911   1.00 9.75  ? 15  TYR A CZ  1 
ATOM   107  O OH  . TYR A 1 15  ? -4.190  -2.462  3.149   1.00 9.41  ? 15  TYR A OH  1 
ATOM   108  N N   . LYS A 1 16  ? -5.520  -6.865  9.124   1.00 12.71 ? 16  LYS A N   1 
ATOM   109  C CA  . LYS A 1 16  ? -6.289  -6.169  10.154  1.00 14.66 ? 16  LYS A CA  1 
ATOM   110  C C   . LYS A 1 16  ? -5.428  -5.838  11.382  1.00 14.99 ? 16  LYS A C   1 
ATOM   111  O O   . LYS A 1 16  ? -5.635  -4.808  12.045  1.00 15.98 ? 16  LYS A O   1 
ATOM   112  C CB  . LYS A 1 16  ? -7.470  -7.039  10.580  1.00 14.74 ? 16  LYS A CB  1 
ATOM   113  C CG  . LYS A 1 16  ? -8.660  -6.276  11.124  1.00 16.93 ? 16  LYS A CG  1 
ATOM   114  C CD  . LYS A 1 16  ? -9.708  -7.227  11.692  1.00 20.14 ? 16  LYS A CD  1 
ATOM   115  C CE  . LYS A 1 16  ? -10.027 -8.366  10.740  1.00 22.43 ? 16  LYS A CE  1 
ATOM   116  N NZ  . LYS A 1 16  ? -10.644 -7.920  9.466   1.00 23.14 ? 16  LYS A NZ  1 
ATOM   117  N N   . ASN A 1 17  ? -4.474  -6.725  11.676  1.00 15.31 ? 17  ASN A N   1 
ATOM   118  C CA  . ASN A 1 17  ? -3.588  -6.634  12.836  1.00 16.03 ? 17  ASN A CA  1 
ATOM   119  C C   . ASN A 1 17  ? -2.306  -5.830  12.565  1.00 14.94 ? 17  ASN A C   1 
ATOM   120  O O   . ASN A 1 17  ? -1.360  -5.845  13.365  1.00 15.76 ? 17  ASN A O   1 
ATOM   121  C CB  . ASN A 1 17  ? -3.234  -8.041  13.332  1.00 16.94 ? 17  ASN A CB  1 
ATOM   122  C CG  . ASN A 1 17  ? -2.986  -8.090  14.835  1.00 20.87 ? 17  ASN A CG  1 
ATOM   123  O OD1 . ASN A 1 17  ? -1.862  -8.338  15.291  1.00 24.18 ? 17  ASN A OD1 1 
ATOM   124  N ND2 . ASN A 1 17  ? -4.041  -7.859  15.614  1.00 24.06 ? 17  ASN A ND2 1 
ATOM   125  N N   . GLY A 1 18  ? -2.285  -5.132  11.432  1.00 13.66 ? 18  GLY A N   1 
ATOM   126  C CA  . GLY A 1 18  ? -1.184  -4.239  11.083  1.00 12.27 ? 18  GLY A CA  1 
ATOM   127  C C   . GLY A 1 18  ? 0.052   -4.900  10.497  1.00 11.64 ? 18  GLY A C   1 
ATOM   128  O O   . GLY A 1 18  ? 1.129   -4.300  10.487  1.00 11.34 ? 18  GLY A O   1 
ATOM   129  N N   . GLU A 1 19  ? -0.094  -6.134  10.026  1.00 10.72 ? 19  GLU A N   1 
ATOM   130  C CA  . GLU A 1 19  ? 0.990   -6.804  9.304   1.00 10.78 ? 19  GLU A CA  1 
ATOM   131  C C   . GLU A 1 19  ? 0.997   -6.367  7.848   1.00 9.87  ? 19  GLU A C   1 
ATOM   132  O O   . GLU A 1 19  ? -0.042  -5.983  7.293   1.00 9.77  ? 19  GLU A O   1 
ATOM   133  C CB  . GLU A 1 19  ? 0.842   -8.327  9.346   1.00 10.57 ? 19  GLU A CB  1 
ATOM   134  C CG  . GLU A 1 19  ? 0.836   -8.919  10.736  1.00 11.23 ? 19  GLU A CG  1 
ATOM   135  C CD  . GLU A 1 19  ? 0.787   -10.439 10.714  1.00 12.16 ? 19  GLU A CD  1 
ATOM   136  O OE1 . GLU A 1 19  ? -0.002  -11.024 11.494  1.00 15.02 ? 19  GLU A OE1 1 
ATOM   137  O OE2 . GLU A 1 19  ? 1.513   -11.045 9.904   1.00 12.30 ? 19  GLU A OE2 1 
ATOM   138  N N   . PHE A 1 20  ? 2.175   -6.429  7.239   1.00 9.37  ? 20  PHE A N   1 
ATOM   139  C CA  . PHE A 1 20  ? 2.286   -6.361  5.791   1.00 8.72  ? 20  PHE A CA  1 
ATOM   140  C C   . PHE A 1 20  ? 1.791   -7.663  5.197   1.00 8.75  ? 20  PHE A C   1 
ATOM   141  O O   . PHE A 1 20  ? 1.810   -8.722  5.856   1.00 8.93  ? 20  PHE A O   1 
ATOM   142  C CB  . PHE A 1 20  ? 3.745   -6.203  5.368   1.00 8.74  ? 20  PHE A CB  1 
ATOM   143  C CG  . PHE A 1 20  ? 4.314   -4.837  5.616   1.00 7.62  ? 20  PHE A CG  1 
ATOM   144  C CD1 . PHE A 1 20  ? 5.179   -4.616  6.684   1.00 8.30  ? 20  PHE A CD1 1 
ATOM   145  C CD2 . PHE A 1 20  ? 4.015   -3.776  4.771   1.00 8.06  ? 20  PHE A CD2 1 
ATOM   146  C CE1 . PHE A 1 20  ? 5.731   -3.347  6.920   1.00 8.74  ? 20  PHE A CE1 1 
ATOM   147  C CE2 . PHE A 1 20  ? 4.563   -2.510  4.998   1.00 8.35  ? 20  PHE A CE2 1 
ATOM   148  C CZ  . PHE A 1 20  ? 5.429   -2.301  6.077   1.00 8.26  ? 20  PHE A CZ  1 
ATOM   149  N N   . LEU A 1 21  ? 1.352   -7.569  3.947   1.00 7.61  ? 21  LEU A N   1 
ATOM   150  C CA  . LEU A 1 21  ? 1.262   -8.732  3.080   1.00 7.91  ? 21  LEU A CA  1 
ATOM   151  C C   . LEU A 1 21  ? 2.169   -8.495  1.892   1.00 7.75  ? 21  LEU A C   1 
ATOM   152  O O   . LEU A 1 21  ? 2.357   -7.358  1.476   1.00 7.39  ? 21  LEU A O   1 
ATOM   153  C CB  . LEU A 1 21  ? -0.172  -8.937  2.598   1.00 8.15  ? 21  LEU A CB  1 
ATOM   154  C CG  . LEU A 1 21  ? -1.231  -9.257  3.651   1.00 8.29  ? 21  LEU A CG  1 
ATOM   155  C CD1 . LEU A 1 21  ? -2.609  -9.211  3.008   1.00 10.10 ? 21  LEU A CD1 1 
ATOM   156  C CD2 . LEU A 1 21  ? -0.985  -10.629 4.269   1.00 10.42 ? 21  LEU A CD2 1 
ATOM   157  N N   . ILE A 1 22  ? 2.761   -9.571  1.382   1.00 7.93  ? 22  ILE A N   1 
ATOM   158  C CA  . ILE A 1 22  ? 3.473   -9.520  0.108   1.00 8.56  ? 22  ILE A CA  1 
ATOM   159  C C   . ILE A 1 22  ? 2.448   -9.896  -0.955  1.00 9.00  ? 22  ILE A C   1 
ATOM   160  O O   . ILE A 1 22  ? 1.803   -10.953 -0.868  1.00 9.00  ? 22  ILE A O   1 
ATOM   161  C CB  . ILE A 1 22  ? 4.675   -10.483 0.090   1.00 8.53  ? 22  ILE A CB  1 
ATOM   162  C CG1 . ILE A 1 22  ? 5.708   -10.053 1.146   1.00 9.27  ? 22  ILE A CG1 1 
ATOM   163  C CG2 . ILE A 1 22  ? 5.275   -10.572 -1.321  1.00 9.01  ? 22  ILE A CG2 1 
ATOM   164  C CD1 . ILE A 1 22  ? 6.743   -11.111 1.544   1.00 9.42  ? 22  ILE A CD1 1 
ATOM   165  N N   . VAL A 1 23  ? 2.293   -9.020  -1.943  1.00 9.10  ? 23  VAL A N   1 
ATOM   166  C CA  . VAL A 1 23  ? 1.226   -9.161  -2.921  1.00 8.91  ? 23  VAL A CA  1 
ATOM   167  C C   . VAL A 1 23  ? 1.786   -9.290  -4.341  1.00 8.44  ? 23  VAL A C   1 
ATOM   168  O O   . VAL A 1 23  ? 2.545   -8.432  -4.801  1.00 8.55  ? 23  VAL A O   1 
ATOM   169  C CB  . VAL A 1 23  ? 0.226   -7.979  -2.829  1.00 9.14  ? 23  VAL A CB  1 
ATOM   170  C CG1 . VAL A 1 23  ? -0.873  -8.120  -3.860  1.00 9.13  ? 23  VAL A CG1 1 
ATOM   171  C CG2 . VAL A 1 23  ? -0.379  -7.885  -1.411  1.00 9.57  ? 23  VAL A CG2 1 
ATOM   172  N N   . MET A 1 24  ? 1.415   -10.394 -4.994  1.00 8.13  ? 24  MET A N   1 
ATOM   173  C CA  . MET A 1 24  ? 1.770   -10.685 -6.392  1.00 7.99  ? 24  MET A CA  1 
ATOM   174  C C   . MET A 1 24  ? 0.527   -10.547 -7.265  1.00 8.32  ? 24  MET A C   1 
ATOM   175  O O   . MET A 1 24  ? -0.593  -10.570 -6.758  1.00 8.03  ? 24  MET A O   1 
ATOM   176  C CB  . MET A 1 24  ? 2.286   -12.126 -6.522  1.00 7.64  ? 24  MET A CB  1 
ATOM   177  C CG  . MET A 1 24  ? 3.069   -12.647 -5.324  1.00 8.83  ? 24  MET A CG  1 
ATOM   178  S SD  . MET A 1 24  ? 4.617   -11.772 -4.993  1.00 8.85  ? 24  MET A SD  1 
ATOM   179  C CE  . MET A 1 24  ? 5.539   -12.050 -6.511  1.00 8.95  ? 24  MET A CE  1 
ATOM   180  N N   . ASP A 1 25  ? 0.712   -10.428 -8.580  1.00 8.56  ? 25  ASP A N   1 
ATOM   181  C CA  . ASP A 1 25  ? -0.435  -10.373 -9.501  1.00 8.89  ? 25  ASP A CA  1 
ATOM   182  C C   . ASP A 1 25  ? -1.213  -11.689 -9.560  1.00 9.01  ? 25  ASP A C   1 
ATOM   183  O O   . ASP A 1 25  ? -2.439  -11.701 -9.470  1.00 8.97  ? 25  ASP A O   1 
ATOM   184  C CB  . ASP A 1 25  ? 0.010   -10.011 -10.920 1.00 9.63  ? 25  ASP A CB  1 
ATOM   185  C CG  . ASP A 1 25  ? 0.324   -8.538  -11.089 1.00 11.53 ? 25  ASP A CG  1 
ATOM   186  O OD1 . ASP A 1 25  ? -0.189  -7.692  -10.318 1.00 12.15 ? 25  ASP A OD1 1 
ATOM   187  O OD2 . ASP A 1 25  ? 1.087   -8.225  -12.038 1.00 15.27 ? 25  ASP A OD2 1 
ATOM   188  N N   . ASP A 1 26  ? -0.479  -12.783 -9.746  1.00 8.38  ? 26  ASP A N   1 
ATOM   189  C CA  . ASP A 1 26  ? -1.055  -14.130 -9.789  1.00 8.26  ? 26  ASP A CA  1 
ATOM   190  C C   . ASP A 1 26  ? 0.017   -15.115 -9.324  1.00 8.51  ? 26  ASP A C   1 
ATOM   191  O O   . ASP A 1 26  ? 0.942   -14.723 -8.612  1.00 8.09  ? 26  ASP A O   1 
ATOM   192  C CB  . ASP A 1 26  ? -1.661  -14.464 -11.176 1.00 8.84  ? 26  ASP A CB  1 
ATOM   193  C CG  . ASP A 1 26  ? -0.660  -14.368 -12.330 1.00 8.82  ? 26  ASP A CG  1 
ATOM   194  O OD1 . ASP A 1 26  ? -1.141  -14.185 -13.470 1.00 11.28 ? 26  ASP A OD1 1 
ATOM   195  O OD2 . ASP A 1 26  ? 0.561   -14.508 -12.127 1.00 8.17  ? 26  ASP A OD2 1 
ATOM   196  N N   . GLU A 1 27  ? -0.102  -16.378 -9.717  1.00 8.87  ? 27  GLU A N   1 
ATOM   197  C CA  . GLU A 1 27  ? 0.835   -17.396 -9.226  1.00 9.63  ? 27  GLU A CA  1 
ATOM   198  C C   . GLU A 1 27  ? 2.163   -17.442 -9.981  1.00 9.27  ? 27  GLU A C   1 
ATOM   199  O O   . GLU A 1 27  ? 3.060   -18.209 -9.602  1.00 9.16  ? 27  GLU A O   1 
ATOM   200  C CB  . GLU A 1 27  ? 0.178   -18.775 -9.224  1.00 10.57 ? 27  GLU A CB  1 
ATOM   201  C CG  . GLU A 1 27  ? -1.011  -18.874 -8.298  1.00 12.09 ? 27  GLU A CG  1 
ATOM   202  C CD  . GLU A 1 27  ? -1.528  -20.292 -8.148  1.00 15.60 ? 27  GLU A CD  1 
ATOM   203  O OE1 . GLU A 1 27  ? -1.136  -21.171 -8.954  1.00 18.29 ? 27  GLU A OE1 1 
ATOM   204  O OE2 . GLU A 1 27  ? -2.329  -20.533 -7.219  1.00 17.16 ? 27  GLU A OE2 1 
ATOM   205  N N   . ASP A 1 28  ? 2.302   -16.634 -11.034 1.00 9.41  ? 28  ASP A N   1 
ATOM   206  C CA  . ASP A 1 28  ? 3.463   -16.777 -11.910 1.00 9.85  ? 28  ASP A CA  1 
ATOM   207  C C   . ASP A 1 28  ? 4.772   -16.523 -11.168 1.00 9.65  ? 28  ASP A C   1 
ATOM   208  O O   . ASP A 1 28  ? 4.883   -15.571 -10.388 1.00 8.88  ? 28  ASP A O   1 
ATOM   209  C CB  . ASP A 1 28  ? 3.371   -15.857 -13.130 1.00 9.54  ? 28  ASP A CB  1 
ATOM   210  C CG  . ASP A 1 28  ? 4.272   -16.317 -14.256 1.00 12.30 ? 28  ASP A CG  1 
ATOM   211  O OD1 . ASP A 1 28  ? 3.882   -17.247 -15.010 1.00 11.31 ? 28  ASP A OD1 1 
ATOM   212  O OD2 . ASP A 1 28  ? 5.378   -15.770 -14.376 1.00 13.83 ? 28  ASP A OD2 1 
ATOM   213  N N   . ARG A 1 29  ? 5.764   -17.367 -11.431 1.00 10.14 ? 29  ARG A N   1 
ATOM   214  C CA  . ARG A 1 29  ? 7.060   -17.225 -10.778 1.00 10.64 ? 29  ARG A CA  1 
ATOM   215  C C   . ARG A 1 29  ? 7.787   -15.928 -11.125 1.00 10.02 ? 29  ARG A C   1 
ATOM   216  O O   . ARG A 1 29  ? 8.640   -15.475 -10.353 1.00 10.52 ? 29  ARG A O   1 
ATOM   217  C CB  . ARG A 1 29  ? 7.953   -18.439 -11.034 1.00 11.50 ? 29  ARG A CB  1 
ATOM   218  C CG  . ARG A 1 29  ? 7.364   -19.722 -10.484 1.00 14.54 ? 29  ARG A CG  1 
ATOM   219  C CD  . ARG A 1 29  ? 8.424   -20.728 -10.057 1.00 19.53 ? 29  ARG A CD  1 
ATOM   220  N NE  . ARG A 1 29  ? 8.727   -20.639 -8.623  1.00 23.53 ? 29  ARG A NE  1 
ATOM   221  C CZ  . ARG A 1 29  ? 7.927   -21.075 -7.645  1.00 24.49 ? 29  ARG A CZ  1 
ATOM   222  N NH1 . ARG A 1 29  ? 8.303   -20.945 -6.383  1.00 24.74 ? 29  ARG A NH1 1 
ATOM   223  N NH2 . ARG A 1 29  ? 6.745   -21.624 -7.916  1.00 24.78 ? 29  ARG A NH2 1 
ATOM   224  N N   . GLU A 1 30  ? 7.459   -15.341 -12.278 1.00 10.25 ? 30  GLU A N   1 
ATOM   225  C CA  . GLU A 1 30  ? 8.163   -14.138 -12.736 1.00 9.93  ? 30  GLU A CA  1 
ATOM   226  C C   . GLU A 1 30  ? 7.564   -12.844 -12.191 1.00 10.26 ? 30  GLU A C   1 
ATOM   227  O O   . GLU A 1 30  ? 8.130   -11.769 -12.389 1.00 10.58 ? 30  GLU A O   1 
ATOM   228  C CB  . GLU A 1 30  ? 8.253   -14.081 -14.261 1.00 10.24 ? 30  GLU A CB  1 
ATOM   229  C CG  . GLU A 1 30  ? 8.979   -15.272 -14.863 1.00 11.10 ? 30  GLU A CG  1 
ATOM   230  C CD  . GLU A 1 30  ? 9.489   -14.965 -16.244 1.00 12.10 ? 30  GLU A CD  1 
ATOM   231  O OE1 . GLU A 1 30  ? 8.666   -14.905 -17.176 1.00 11.61 ? 30  GLU A OE1 1 
ATOM   232  O OE2 . GLU A 1 30  ? 10.715  -14.766 -16.389 1.00 14.06 ? 30  GLU A OE2 1 
ATOM   233  N N   . ASN A 1 31  ? 6.434   -12.938 -11.489 1.00 9.93  ? 31  ASN A N   1 
ATOM   234  C CA  . ASN A 1 31  ? 5.857   -11.739 -10.876 1.00 10.02 ? 31  ASN A CA  1 
ATOM   235  C C   . ASN A 1 31  ? 6.785   -11.122 -9.851  1.00 10.11 ? 31  ASN A C   1 
ATOM   236  O O   . ASN A 1 31  ? 7.485   -11.838 -9.140  1.00 10.30 ? 31  ASN A O   1 
ATOM   237  C CB  . ASN A 1 31  ? 4.539   -12.049 -10.178 1.00 9.93  ? 31  ASN A CB  1 
ATOM   238  C CG  . ASN A 1 31  ? 3.443   -12.392 -11.143 1.00 10.36 ? 31  ASN A CG  1 
ATOM   239  O OD1 . ASN A 1 31  ? 3.405   -11.891 -12.272 1.00 13.29 ? 31  ASN A OD1 1 
ATOM   240  N ND2 . ASN A 1 31  ? 2.533   -13.266 -10.707 1.00 10.49 ? 31  ASN A ND2 1 
ATOM   241  N N   . GLU A 1 32  ? 6.752   -9.794  -9.777  1.00 10.37 ? 32  GLU A N   1 
ATOM   242  C CA  . GLU A 1 32  ? 7.469   -9.052  -8.736  1.00 10.59 ? 32  GLU A CA  1 
ATOM   243  C C   . GLU A 1 32  ? 6.515   -8.681  -7.602  1.00 10.04 ? 32  GLU A C   1 
ATOM   244  O O   . GLU A 1 32  ? 5.342   -8.361  -7.833  1.00 10.25 ? 32  GLU A O   1 
ATOM   245  C CB  . GLU A 1 32  ? 8.118   -7.796  -9.317  1.00 11.07 ? 32  GLU A CB  1 
ATOM   246  C CG  . GLU A 1 32  ? 9.096   -8.101  -10.450 1.00 11.55 ? 32  GLU A CG  1 
ATOM   247  C CD  . GLU A 1 32  ? 9.547   -6.875  -11.231 1.00 12.95 ? 32  GLU A CD  1 
ATOM   248  O OE1 . GLU A 1 32  ? 8.955   -5.782  -11.079 1.00 17.16 ? 32  GLU A OE1 1 
ATOM   249  O OE2 . GLU A 1 32  ? 10.516  -7.016  -12.001 1.00 16.65 ? 32  GLU A OE2 1 
ATOM   250  N N   . GLY A 1 33  ? 7.029   -8.706  -6.379  1.00 9.28  ? 33  GLY A N   1 
ATOM   251  C CA  . GLY A 1 33  ? 6.182   -8.555  -5.206  1.00 8.83  ? 33  GLY A CA  1 
ATOM   252  C C   . GLY A 1 33  ? 6.247   -7.188  -4.557  1.00 8.51  ? 33  GLY A C   1 
ATOM   253  O O   . GLY A 1 33  ? 7.318   -6.558  -4.487  1.00 8.60  ? 33  GLY A O   1 
ATOM   254  N N   . ASP A 1 34  ? 5.087   -6.736  -4.090  1.00 8.15  ? 34  ASP A N   1 
ATOM   255  C CA  . ASP A 1 34  ? 4.976   -5.485  -3.347  1.00 8.61  ? 34  ASP A CA  1 
ATOM   256  C C   . ASP A 1 34  ? 4.606   -5.760  -1.903  1.00 8.20  ? 34  ASP A C   1 
ATOM   257  O O   . ASP A 1 34  ? 3.824   -6.659  -1.614  1.00 8.26  ? 34  ASP A O   1 
ATOM   258  C CB  . ASP A 1 34  ? 3.887   -4.589  -3.950  1.00 9.21  ? 34  ASP A CB  1 
ATOM   259  C CG  . ASP A 1 34  ? 4.275   -4.002  -5.306  1.00 11.78 ? 34  ASP A CG  1 
ATOM   260  O OD1 . ASP A 1 34  ? 5.455   -4.084  -5.708  1.00 13.78 ? 34  ASP A OD1 1 
ATOM   261  O OD2 . ASP A 1 34  ? 3.384   -3.422  -5.964  1.00 16.89 ? 34  ASP A OD2 1 
ATOM   262  N N   . LEU A 1 35  ? 5.155   -4.966  -0.996  1.00 7.59  ? 35  LEU A N   1 
ATOM   263  C CA  . LEU A 1 35  ? 4.655   -4.963  0.372   1.00 7.42  ? 35  LEU A CA  1 
ATOM   264  C C   . LEU A 1 35  ? 3.436   -4.041  0.425   1.00 7.63  ? 35  LEU A C   1 
ATOM   265  O O   . LEU A 1 35  ? 3.481   -2.916  -0.077  1.00 7.89  ? 35  LEU A O   1 
ATOM   266  C CB  . LEU A 1 35  ? 5.737   -4.461  1.327   1.00 7.61  ? 35  LEU A CB  1 
ATOM   267  C CG  . LEU A 1 35  ? 6.840   -5.443  1.712   1.00 7.87  ? 35  LEU A CG  1 
ATOM   268  C CD1 . LEU A 1 35  ? 7.928   -4.732  2.503   1.00 9.31  ? 35  LEU A CD1 1 
ATOM   269  C CD2 . LEU A 1 35  ? 6.263   -6.634  2.490   1.00 7.12  ? 35  LEU A CD2 1 
ATOM   270  N N   . ILE A 1 36  ? 2.347   -4.523  1.020   1.00 8.02  ? 36  ILE A N   1 
ATOM   271  C CA  . ILE A 1 36  ? 1.156   -3.687  1.241   1.00 8.12  ? 36  ILE A CA  1 
ATOM   272  C C   . ILE A 1 36  ? 0.684   -3.824  2.685   1.00 8.25  ? 36  ILE A C   1 
ATOM   273  O O   . ILE A 1 36  ? 0.608   -4.926  3.212   1.00 8.59  ? 36  ILE A O   1 
ATOM   274  C CB  . ILE A 1 36  ? -0.035  -4.082  0.307   1.00 8.63  ? 36  ILE A CB  1 
ATOM   275  C CG1 . ILE A 1 36  ? 0.417   -4.153  -1.157  1.00 8.03  ? 36  ILE A CG1 1 
ATOM   276  C CG2 . ILE A 1 36  ? -1.230  -3.127  0.499   1.00 9.19  ? 36  ILE A CG2 1 
ATOM   277  C CD1 . ILE A 1 36  ? -0.706  -4.356  -2.192  1.00 8.48  ? 36  ILE A CD1 1 
ATOM   278  N N   . MET A 1 37  ? 0.353   -2.709  3.321   1.00 8.15  ? 37  MET A N   1 
ATOM   279  C CA  . MET A 1 37  ? -0.327  -2.774  4.623   1.00 7.95  ? 37  MET A CA  1 
ATOM   280  C C   . MET A 1 37  ? -1.357  -1.663  4.747   1.00 7.54  ? 37  MET A C   1 
ATOM   281  O O   . MET A 1 37  ? -1.420  -0.777  3.899   1.00 8.15  ? 37  MET A O   1 
ATOM   282  C CB  . MET A 1 37  ? 0.663   -2.759  5.800   1.00 8.44  ? 37  MET A CB  1 
ATOM   283  C CG  . MET A 1 37  ? 1.377   -1.428  6.069   1.00 8.81  ? 37  MET A CG  1 
ATOM   284  S SD  . MET A 1 37  ? 2.142   -1.384  7.707   1.00 8.84  ? 37  MET A SD  1 
ATOM   285  C CE  . MET A 1 37  ? 0.682   -1.292  8.761   1.00 8.90  ? 37  MET A CE  1 
ATOM   286  N N   . ALA A 1 38  ? -2.161  -1.716  5.800   1.00 7.25  ? 38  ALA A N   1 
ATOM   287  C CA  . ALA A 1 38  ? -3.191  -0.702  6.022   1.00 6.99  ? 38  ALA A CA  1 
ATOM   288  C C   . ALA A 1 38  ? -2.567  0.659   6.311   1.00 7.02  ? 38  ALA A C   1 
ATOM   289  O O   . ALA A 1 38  ? -1.693  0.771   7.168   1.00 7.31  ? 38  ALA A O   1 
ATOM   290  C CB  . ALA A 1 38  ? -4.118  -1.115  7.162   1.00 7.89  ? 38  ALA A CB  1 
ATOM   291  N N   . ALA A 1 39  ? -3.019  1.692   5.598   1.00 7.11  ? 39  ALA A N   1 
ATOM   292  C CA  . ALA A 1 39  ? -2.455  3.038   5.793   1.00 7.04  ? 39  ALA A CA  1 
ATOM   293  C C   . ALA A 1 39  ? -2.556  3.521   7.239   1.00 7.53  ? 39  ALA A C   1 
ATOM   294  O O   . ALA A 1 39  ? -1.605  4.103   7.770   1.00 8.33  ? 39  ALA A O   1 
ATOM   295  C CB  . ALA A 1 39  ? -3.104  4.054   4.846   1.00 7.33  ? 39  ALA A CB  1 
ATOM   296  N N   . GLU A 1 40  ? -3.698  3.259   7.876   1.00 7.85  ? 40  GLU A N   1 
ATOM   297  C CA  . GLU A 1 40  ? -3.965  3.784   9.221   1.00 7.87  ? 40  GLU A CA  1 
ATOM   298  C C   . GLU A 1 40  ? -3.111  3.147   10.310  1.00 8.07  ? 40  GLU A C   1 
ATOM   299  O O   . GLU A 1 40  ? -3.039  3.666   11.431  1.00 8.30  ? 40  GLU A O   1 
ATOM   300  C CB  . GLU A 1 40  ? -5.447  3.671   9.574   1.00 8.21  ? 40  GLU A CB  1 
ATOM   301  C CG  . GLU A 1 40  ? -5.935  2.248   9.722   1.00 9.01  ? 40  GLU A CG  1 
ATOM   302  C CD  . GLU A 1 40  ? -7.436  2.184   9.665   1.00 11.26 ? 40  GLU A CD  1 
ATOM   303  O OE1 . GLU A 1 40  ? -8.060  2.114   10.748  1.00 15.20 ? 40  GLU A OE1 1 
ATOM   304  O OE2 . GLU A 1 40  ? -7.983  2.264   8.547   1.00 11.03 ? 40  GLU A OE2 1 
ATOM   305  N N   . LEU A 1 41  ? -2.449  2.044   9.960   1.00 7.90  ? 41  LEU A N   1 
ATOM   306  C CA  . LEU A 1 41  ? -1.717  1.246   10.946  1.00 8.11  ? 41  LEU A CA  1 
ATOM   307  C C   . LEU A 1 41  ? -0.198  1.339   10.824  1.00 8.36  ? 41  LEU A C   1 
ATOM   308  O O   . LEU A 1 41  ? 0.525   0.769   11.654  1.00 8.98  ? 41  LEU A O   1 
ATOM   309  C CB  . LEU A 1 41  ? -2.165  -0.225  10.873  1.00 7.93  ? 41  LEU A CB  1 
ATOM   310  C CG  . LEU A 1 41  ? -3.651  -0.514  11.153  1.00 8.41  ? 41  LEU A CG  1 
ATOM   311  C CD1 . LEU A 1 41  ? -3.972  -2.001  11.015  1.00 9.63  ? 41  LEU A CD1 1 
ATOM   312  C CD2 . LEU A 1 41  ? -4.039  -0.026  12.529  1.00 8.47  ? 41  LEU A CD2 1 
ATOM   313  N N   . ILE A 1 42  ? 0.286   2.033   9.792   1.00 8.49  ? 42  ILE A N   1 
ATOM   314  C CA  . ILE A 1 42  ? 1.729   2.128   9.585   1.00 8.18  ? 42  ILE A CA  1 
ATOM   315  C C   . ILE A 1 42  ? 2.424   3.062   10.570  1.00 8.54  ? 42  ILE A C   1 
ATOM   316  O O   . ILE A 1 42  ? 2.159   4.265   10.626  1.00 8.23  ? 42  ILE A O   1 
ATOM   317  C CB  . ILE A 1 42  ? 2.115   2.416   8.101   1.00 7.84  ? 42  ILE A CB  1 
ATOM   318  C CG1 . ILE A 1 42  ? 3.618   2.160   7.876   1.00 7.36  ? 42  ILE A CG1 1 
ATOM   319  C CG2 . ILE A 1 42  ? 1.670   3.817   7.669   1.00 8.79  ? 42  ILE A CG2 1 
ATOM   320  C CD1 A ILE A 1 42  ? 3.993   1.880   6.425   0.50 3.27  ? 42  ILE A CD1 1 
ATOM   321  C CD1 B ILE A 1 42  ? 4.445   3.369   8.065   0.50 12.25 ? 42  ILE A CD1 1 
ATOM   322  N N   . THR A 1 43  ? 3.329   2.465   11.343  1.00 8.41  ? 43  THR A N   1 
ATOM   323  C CA  . THR A 1 43  ? 4.108   3.166   12.357  1.00 8.63  ? 43  THR A CA  1 
ATOM   324  C C   . THR A 1 43  ? 5.431   3.658   11.763  1.00 8.77  ? 43  THR A C   1 
ATOM   325  O O   . THR A 1 43  ? 5.808   3.262   10.659  1.00 8.59  ? 43  THR A O   1 
ATOM   326  C CB  . THR A 1 43  ? 4.442   2.220   13.528  1.00 9.03  ? 43  THR A CB  1 
ATOM   327  O OG1 . THR A 1 43  ? 5.149   1.083   13.018  1.00 9.64  ? 43  THR A OG1 1 
ATOM   328  C CG2 . THR A 1 43  ? 3.171   1.750   14.236  1.00 8.57  ? 43  THR A CG2 1 
ATOM   329  N N   . GLN A 1 44  ? 6.144   4.504   12.508  1.00 8.58  ? 44  GLN A N   1 
ATOM   330  C CA  . GLN A 1 44  ? 7.509   4.899   12.156  1.00 8.72  ? 44  GLN A CA  1 
ATOM   331  C C   . GLN A 1 44  ? 8.361   3.676   11.817  1.00 8.89  ? 44  GLN A C   1 
ATOM   332  O O   . GLN A 1 44  ? 9.023   3.651   10.789  1.00 9.27  ? 44  GLN A O   1 
ATOM   333  C CB  . GLN A 1 44  ? 8.156   5.672   13.320  1.00 8.96  ? 44  GLN A CB  1 
ATOM   334  C CG  . GLN A 1 44  ? 9.483   6.380   12.983  1.00 10.84 ? 44  GLN A CG  1 
ATOM   335  C CD  . GLN A 1 44  ? 10.725  5.493   13.060  1.00 12.77 ? 44  GLN A CD  1 
ATOM   336  O OE1 . GLN A 1 44  ? 11.794  5.869   12.551  1.00 15.56 ? 44  GLN A OE1 1 
ATOM   337  N NE2 . GLN A 1 44  ? 10.604  4.335   13.700  1.00 12.67 ? 44  GLN A NE2 1 
ATOM   338  N N   . GLU A 1 45  ? 8.310   2.670   12.687  1.00 9.01  ? 45  GLU A N   1 
ATOM   339  C CA  . GLU A 1 45  ? 9.119   1.461   12.550  1.00 8.94  ? 45  GLU A CA  1 
ATOM   340  C C   . GLU A 1 45  ? 8.723   0.675   11.309  1.00 8.83  ? 45  GLU A C   1 
ATOM   341  O O   . GLU A 1 45  ? 9.587   0.205   10.572  1.00 8.88  ? 45  GLU A O   1 
ATOM   342  C CB  . GLU A 1 45  ? 8.979   0.571   13.788  1.00 9.10  ? 45  GLU A CB  1 
ATOM   343  C CG  . GLU A 1 45  ? 9.554   1.175   15.068  1.00 10.76 ? 45  GLU A CG  1 
ATOM   344  C CD  . GLU A 1 45  ? 8.676   2.255   15.710  1.00 13.21 ? 45  GLU A CD  1 
ATOM   345  O OE1 . GLU A 1 45  ? 7.498   2.442   15.318  1.00 13.47 ? 45  GLU A OE1 1 
ATOM   346  O OE2 . GLU A 1 45  ? 9.188   2.919   16.643  1.00 17.07 ? 45  GLU A OE2 1 
ATOM   347  N N   . LYS A 1 46  ? 7.416   0.556   11.065  1.00 8.46  ? 46  LYS A N   1 
ATOM   348  C CA  . LYS A 1 46  ? 6.939   -0.189  9.893   1.00 8.55  ? 46  LYS A CA  1 
ATOM   349  C C   . LYS A 1 46  ? 7.267   0.534   8.588   1.00 8.36  ? 46  LYS A C   1 
ATOM   350  O O   . LYS A 1 46  ? 7.549   -0.106  7.567   1.00 8.99  ? 46  LYS A O   1 
ATOM   351  C CB  . LYS A 1 46  ? 5.446   -0.514  10.020  1.00 8.51  ? 46  LYS A CB  1 
ATOM   352  C CG  . LYS A 1 46  ? 5.188   -1.633  11.024  1.00 9.64  ? 46  LYS A CG  1 
ATOM   353  C CD  . LYS A 1 46  ? 3.732   -1.754  11.410  1.00 10.96 ? 46  LYS A CD  1 
ATOM   354  C CE  . LYS A 1 46  ? 3.542   -2.936  12.365  1.00 13.32 ? 46  LYS A CE  1 
ATOM   355  N NZ  . LYS A 1 46  ? 2.139   -3.094  12.823  1.00 15.37 ? 46  LYS A NZ  1 
ATOM   356  N N   . MET A 1 47  ? 7.238   1.867   8.620   1.00 7.74  ? 47  MET A N   1 
ATOM   357  C CA  . MET A 1 47  ? 7.663   2.674   7.461   1.00 7.69  ? 47  MET A CA  1 
ATOM   358  C C   . MET A 1 47  ? 9.166   2.530   7.218   1.00 7.91  ? 47  MET A C   1 
ATOM   359  O O   . MET A 1 47  ? 9.622   2.425   6.071   1.00 7.89  ? 47  MET A O   1 
ATOM   360  C CB  . MET A 1 47  ? 7.301   4.152   7.661   1.00 7.74  ? 47  MET A CB  1 
ATOM   361  C CG  . MET A 1 47  ? 7.624   5.056   6.465   1.00 7.38  ? 47  MET A CG  1 
ATOM   362  S SD  . MET A 1 47  ? 6.808   4.602   4.904   1.00 8.24  ? 47  MET A SD  1 
ATOM   363  C CE  . MET A 1 47  ? 5.151   5.242   5.143   1.00 8.34  ? 47  MET A CE  1 
ATOM   364  N N   . ALA A 1 48  ? 9.935   2.535   8.302   1.00 8.15  ? 48  ALA A N   1 
ATOM   365  C CA  . ALA A 1 48  ? 11.368  2.304   8.210   1.00 7.88  ? 48  ALA A CA  1 
ATOM   366  C C   . ALA A 1 48  ? 11.656  0.962   7.530   1.00 7.85  ? 48  ALA A C   1 
ATOM   367  O O   . ALA A 1 48  ? 12.519  0.877   6.655   1.00 7.86  ? 48  ALA A O   1 
ATOM   368  C CB  . ALA A 1 48  ? 12.031  2.386   9.582   1.00 8.02  ? 48  ALA A CB  1 
ATOM   369  N N   . PHE A 1 49  ? 10.908  -0.071  7.926   1.00 7.39  ? 49  PHE A N   1 
ATOM   370  C CA  . PHE A 1 49  ? 11.030  -1.404  7.359   1.00 7.49  ? 49  PHE A CA  1 
ATOM   371  C C   . PHE A 1 49  ? 10.660  -1.390  5.870   1.00 7.34  ? 49  PHE A C   1 
ATOM   372  O O   . PHE A 1 49  ? 11.416  -1.881  5.029   1.00 7.88  ? 49  PHE A O   1 
ATOM   373  C CB  . PHE A 1 49  ? 10.139  -2.374  8.142   1.00 7.40  ? 49  PHE A CB  1 
ATOM   374  C CG  . PHE A 1 49  ? 10.201  -3.791  7.653   1.00 7.66  ? 49  PHE A CG  1 
ATOM   375  C CD1 . PHE A 1 49  ? 11.097  -4.704  8.214   1.00 8.74  ? 49  PHE A CD1 1 
ATOM   376  C CD2 . PHE A 1 49  ? 9.350   -4.222  6.638   1.00 7.97  ? 49  PHE A CD2 1 
ATOM   377  C CE1 . PHE A 1 49  ? 11.148  -6.031  7.751   1.00 9.26  ? 49  PHE A CE1 1 
ATOM   378  C CE2 . PHE A 1 49  ? 9.388   -5.548  6.184   1.00 9.18  ? 49  PHE A CE2 1 
ATOM   379  C CZ  . PHE A 1 49  ? 10.287  -6.447  6.750   1.00 8.68  ? 49  PHE A CZ  1 
ATOM   380  N N   . LEU A 1 50  ? 9.511   -0.795  5.544   1.00 6.96  ? 50  LEU A N   1 
ATOM   381  C CA  . LEU A 1 50  ? 9.078   -0.683  4.152   1.00 6.68  ? 50  LEU A CA  1 
ATOM   382  C C   . LEU A 1 50  ? 10.149  -0.036  3.283   1.00 7.26  ? 50  LEU A C   1 
ATOM   383  O O   . LEU A 1 50  ? 10.489  -0.550  2.227   1.00 7.73  ? 50  LEU A O   1 
ATOM   384  C CB  . LEU A 1 50  ? 7.774   0.119   4.059   1.00 7.24  ? 50  LEU A CB  1 
ATOM   385  C CG  . LEU A 1 50  ? 7.151   0.297   2.672   1.00 6.71  ? 50  LEU A CG  1 
ATOM   386  C CD1 . LEU A 1 50  ? 6.903   -1.074  2.030   1.00 8.00  ? 50  LEU A CD1 1 
ATOM   387  C CD2 . LEU A 1 50  ? 5.839   1.056   2.766   1.00 6.63  ? 50  LEU A CD2 1 
ATOM   388  N N   . VAL A 1 51  ? 10.668  1.105   3.730   1.00 6.72  ? 51  VAL A N   1 
ATOM   389  C CA  . VAL A 1 51  ? 11.675  1.831   2.958   1.00 7.33  ? 51  VAL A CA  1 
ATOM   390  C C   . VAL A 1 51  ? 12.962  1.018   2.831   1.00 7.52  ? 51  VAL A C   1 
ATOM   391  O O   . VAL A 1 51  ? 13.561  0.947   1.761   1.00 8.28  ? 51  VAL A O   1 
ATOM   392  C CB  . VAL A 1 51  ? 11.943  3.213   3.591   1.00 7.38  ? 51  VAL A CB  1 
ATOM   393  C CG1 . VAL A 1 51  ? 13.163  3.876   2.977   1.00 7.80  ? 51  VAL A CG1 1 
ATOM   394  C CG2 . VAL A 1 51  ? 10.707  4.094   3.422   1.00 7.49  ? 51  VAL A CG2 1 
ATOM   395  N N   . ARG A 1 52  ? 13.369  0.388   3.929   1.00 7.52  ? 52  ARG A N   1 
ATOM   396  C CA  . ARG A 1 52  ? 14.611  -0.379  3.954   1.00 7.41  ? 52  ARG A CA  1 
ATOM   397  C C   . ARG A 1 52  ? 14.665  -1.441  2.866   1.00 7.53  ? 52  ARG A C   1 
ATOM   398  O O   . ARG A 1 52  ? 15.720  -1.651  2.255   1.00 7.96  ? 52  ARG A O   1 
ATOM   399  C CB  . ARG A 1 52  ? 14.812  -1.011  5.331   1.00 7.68  ? 52  ARG A CB  1 
ATOM   400  C CG  . ARG A 1 52  ? 15.881  -2.079  5.421   1.00 8.86  ? 52  ARG A CG  1 
ATOM   401  C CD  . ARG A 1 52  ? 17.308  -1.565  5.181   1.00 10.70 ? 52  ARG A CD  1 
ATOM   402  N NE  . ARG A 1 52  ? 18.239  -2.685  5.259   1.00 11.15 ? 52  ARG A NE  1 
ATOM   403  C CZ  . ARG A 1 52  ? 18.514  -3.505  4.245   1.00 11.28 ? 52  ARG A CZ  1 
ATOM   404  N NH1 . ARG A 1 52  ? 17.957  -3.314  3.050   1.00 9.75  ? 52  ARG A NH1 1 
ATOM   405  N NH2 . ARG A 1 52  ? 19.359  -4.515  4.423   1.00 10.05 ? 52  ARG A NH2 1 
ATOM   406  N N   . TYR A 1 53  ? 13.530  -2.096  2.633   1.00 7.03  ? 53  TYR A N   1 
ATOM   407  C CA  . TYR A 1 53  ? 13.492  -3.267  1.758   1.00 7.41  ? 53  TYR A CA  1 
ATOM   408  C C   . TYR A 1 53  ? 12.807  -3.018  0.423   1.00 7.32  ? 53  TYR A C   1 
ATOM   409  O O   . TYR A 1 53  ? 12.554  -3.959  -0.332  1.00 7.10  ? 53  TYR A O   1 
ATOM   410  C CB  . TYR A 1 53  ? 12.840  -4.448  2.481   1.00 8.21  ? 53  TYR A CB  1 
ATOM   411  C CG  . TYR A 1 53  ? 13.658  -4.914  3.662   1.00 8.19  ? 53  TYR A CG  1 
ATOM   412  C CD1 . TYR A 1 53  ? 13.196  -4.750  4.968   1.00 10.05 ? 53  TYR A CD1 1 
ATOM   413  C CD2 . TYR A 1 53  ? 14.916  -5.487  3.467   1.00 8.07  ? 53  TYR A CD2 1 
ATOM   414  C CE1 . TYR A 1 53  ? 13.975  -5.175  6.057   1.00 9.79  ? 53  TYR A CE1 1 
ATOM   415  C CE2 . TYR A 1 53  ? 15.689  -5.909  4.532   1.00 7.92  ? 53  TYR A CE2 1 
ATOM   416  C CZ  . TYR A 1 53  ? 15.215  -5.752  5.823   1.00 9.42  ? 53  TYR A CZ  1 
ATOM   417  O OH  . TYR A 1 53  ? 16.014  -6.193  6.875   1.00 11.36 ? 53  TYR A OH  1 
ATOM   418  N N   . SER A 1 54  ? 12.538  -1.753  0.125   1.00 7.28  ? 54  SER A N   1 
ATOM   419  C CA  . SER A 1 54  ? 11.822  -1.414  -1.086  1.00 6.98  ? 54  SER A CA  1 
ATOM   420  C C   . SER A 1 54  ? 12.510  -0.353  -1.931  1.00 6.97  ? 54  SER A C   1 
ATOM   421  O O   . SER A 1 54  ? 13.579  0.142   -1.582  1.00 7.00  ? 54  SER A O   1 
ATOM   422  C CB  . SER A 1 54  ? 10.406  -0.960  -0.747  1.00 7.00  ? 54  SER A CB  1 
ATOM   423  O OG  . SER A 1 54  ? 10.421  0.365   -0.240  1.00 7.01  ? 54  SER A OG  1 
ATOM   424  N N   . SER A 1 55  ? 11.860  -0.006  -3.040  1.00 6.83  ? 55  SER A N   1 
ATOM   425  C CA  . SER A 1 55  ? 12.314  1.074   -3.913  1.00 6.88  ? 55  SER A CA  1 
ATOM   426  C C   . SER A 1 55  ? 12.307  2.434   -3.200  1.00 6.80  ? 55  SER A C   1 
ATOM   427  O O   . SER A 1 55  ? 12.960  3.372   -3.651  1.00 6.40  ? 55  SER A O   1 
ATOM   428  C CB  . SER A 1 55  ? 11.413  1.171   -5.144  1.00 6.78  ? 55  SER A CB  1 
ATOM   429  O OG  . SER A 1 55  ? 10.215  1.846   -4.799  1.00 7.51  ? 55  SER A OG  1 
ATOM   430  N N   . GLY A 1 56  ? 11.536  2.539   -2.118  1.00 7.02  ? 56  GLY A N   1 
ATOM   431  C CA  . GLY A 1 56  ? 11.397  3.797   -1.368  1.00 6.91  ? 56  GLY A CA  1 
ATOM   432  C C   . GLY A 1 56  ? 10.432  4.783   -1.997  1.00 7.28  ? 56  GLY A C   1 
ATOM   433  O O   . GLY A 1 56  ? 10.149  5.822   -1.420  1.00 7.94  ? 56  GLY A O   1 
ATOM   434  N N   . TYR A 1 57  ? 9.924   4.467   -3.189  1.00 7.07  ? 57  TYR A N   1 
ATOM   435  C CA  . TYR A 1 57  ? 8.937   5.326   -3.836  1.00 7.12  ? 57  TYR A CA  1 
ATOM   436  C C   . TYR A 1 57  ? 7.583   4.949   -3.246  1.00 7.22  ? 57  TYR A C   1 
ATOM   437  O O   . TYR A 1 57  ? 6.777   4.260   -3.884  1.00 7.69  ? 57  TYR A O   1 
ATOM   438  C CB  . TYR A 1 57  ? 8.992   5.104   -5.353  1.00 7.99  ? 57  TYR A CB  1 
ATOM   439  C CG  . TYR A 1 57  ? 8.523   6.262   -6.218  1.00 8.39  ? 57  TYR A CG  1 
ATOM   440  C CD1 . TYR A 1 57  ? 9.195   7.482   -6.213  1.00 9.15  ? 57  TYR A CD1 1 
ATOM   441  C CD2 . TYR A 1 57  ? 7.419   6.122   -7.070  1.00 9.21  ? 57  TYR A CD2 1 
ATOM   442  C CE1 . TYR A 1 57  ? 8.774   8.544   -7.037  1.00 9.78  ? 57  TYR A CE1 1 
ATOM   443  C CE2 . TYR A 1 57  ? 6.991   7.178   -7.891  1.00 9.75  ? 57  TYR A CE2 1 
ATOM   444  C CZ  . TYR A 1 57  ? 7.679   8.388   -7.865  1.00 10.30 ? 57  TYR A CZ  1 
ATOM   445  O OH  . TYR A 1 57  ? 7.291   9.453   -8.659  1.00 10.59 ? 57  TYR A OH  1 
ATOM   446  N N   . VAL A 1 58  ? 7.352   5.393   -2.008  1.00 6.42  ? 58  VAL A N   1 
ATOM   447  C CA  . VAL A 1 58  ? 6.233   4.899   -1.201  1.00 6.90  ? 58  VAL A CA  1 
ATOM   448  C C   . VAL A 1 58  ? 4.945   5.609   -1.574  1.00 7.24  ? 58  VAL A C   1 
ATOM   449  O O   . VAL A 1 58  ? 4.862   6.848   -1.515  1.00 7.14  ? 58  VAL A O   1 
ATOM   450  C CB  . VAL A 1 58  ? 6.517   5.036   0.322   1.00 6.84  ? 58  VAL A CB  1 
ATOM   451  C CG1 . VAL A 1 58  ? 5.297   4.628   1.138   1.00 7.89  ? 58  VAL A CG1 1 
ATOM   452  C CG2 . VAL A 1 58  ? 7.740   4.191   0.736   1.00 7.67  ? 58  VAL A CG2 1 
ATOM   453  N N   . CYS A 1 59  ? 3.951   4.794   -1.926  1.00 7.40  ? 59  CYS A N   1 
ATOM   454  C CA  . CYS A 1 59  ? 2.658   5.253   -2.420  1.00 6.86  ? 59  CYS A CA  1 
ATOM   455  C C   . CYS A 1 59  ? 1.532   4.884   -1.459  1.00 7.09  ? 59  CYS A C   1 
ATOM   456  O O   . CYS A 1 59  ? 1.609   3.882   -0.746  1.00 7.26  ? 59  CYS A O   1 
ATOM   457  C CB  . CYS A 1 59  ? 2.379   4.641   -3.787  1.00 7.32  ? 59  CYS A CB  1 
ATOM   458  S SG  . CYS A 1 59  ? 3.514   5.188   -5.074  1.00 9.00  ? 59  CYS A SG  1 
ATOM   459  N N   . VAL A 1 60  ? 0.471   5.686   -1.482  1.00 7.47  ? 60  VAL A N   1 
ATOM   460  C CA  . VAL A 1 60  ? -0.673  5.485   -0.587  1.00 7.37  ? 60  VAL A CA  1 
ATOM   461  C C   . VAL A 1 60  ? -1.978  5.426   -1.406  1.00 7.61  ? 60  VAL A C   1 
ATOM   462  O O   . VAL A 1 60  ? -2.584  6.458   -1.685  1.00 6.90  ? 60  VAL A O   1 
ATOM   463  C CB  . VAL A 1 60  ? -0.738  6.595   0.493   1.00 7.59  ? 60  VAL A CB  1 
ATOM   464  C CG1 . VAL A 1 60  ? -1.984  6.467   1.363   1.00 7.39  ? 60  VAL A CG1 1 
ATOM   465  C CG2 . VAL A 1 60  ? 0.502   6.542   1.379   1.00 8.27  ? 60  VAL A CG2 1 
ATOM   466  N N   . PRO A 1 61  ? -2.374  4.216   -1.833  1.00 7.86  ? 61  PRO A N   1 
ATOM   467  C CA  . PRO A 1 61  ? -3.678  4.013   -2.473  1.00 8.06  ? 61  PRO A CA  1 
ATOM   468  C C   . PRO A 1 61  ? -4.828  4.500   -1.599  1.00 8.32  ? 61  PRO A C   1 
ATOM   469  O O   . PRO A 1 61  ? -4.908  4.142   -0.418  1.00 9.02  ? 61  PRO A O   1 
ATOM   470  C CB  . PRO A 1 61  ? -3.738  2.496   -2.669  1.00 8.09  ? 61  PRO A CB  1 
ATOM   471  C CG  . PRO A 1 61  ? -2.303  2.103   -2.810  1.00 8.15  ? 61  PRO A CG  1 
ATOM   472  C CD  . PRO A 1 61  ? -1.588  2.972   -1.807  1.00 7.56  ? 61  PRO A CD  1 
ATOM   473  N N   . LEU A 1 62  ? -5.695  5.310   -2.203  1.00 8.80  ? 62  LEU A N   1 
ATOM   474  C CA  . LEU A 1 62  ? -6.942  5.808   -1.598  1.00 9.85  ? 62  LEU A CA  1 
ATOM   475  C C   . LEU A 1 62  ? -8.032  5.631   -2.645  1.00 9.55  ? 62  LEU A C   1 
ATOM   476  O O   . LEU A 1 62  ? -7.738  5.596   -3.834  1.00 9.90  ? 62  LEU A O   1 
ATOM   477  C CB  . LEU A 1 62  ? -6.843  7.308   -1.286  1.00 9.99  ? 62  LEU A CB  1 
ATOM   478  C CG  . LEU A 1 62  ? -5.711  7.836   -0.398  1.00 12.02 ? 62  LEU A CG  1 
ATOM   479  C CD1 . LEU A 1 62  ? -5.655  9.357   -0.470  1.00 12.33 ? 62  LEU A CD1 1 
ATOM   480  C CD2 . LEU A 1 62  ? -5.884  7.375   1.037   1.00 13.52 ? 62  LEU A CD2 1 
ATOM   481  N N   . SER A 1 63  ? -9.290  5.538   -2.220  1.00 9.73  ? 63  SER A N   1 
ATOM   482  C CA  . SER A 1 63  ? -10.384 5.555   -3.191  1.00 9.53  ? 63  SER A CA  1 
ATOM   483  C C   . SER A 1 63  ? -10.412 6.928   -3.885  1.00 9.78  ? 63  SER A C   1 
ATOM   484  O O   . SER A 1 63  ? -9.998  7.934   -3.299  1.00 10.07 ? 63  SER A O   1 
ATOM   485  C CB  . SER A 1 63  ? -11.719 5.313   -2.479  1.00 9.53  ? 63  SER A CB  1 
ATOM   486  O OG  . SER A 1 63  ? -11.969 6.349   -1.545  1.00 10.10 ? 63  SER A OG  1 
ATOM   487  N N   . GLU A 1 64  ? -10.913 6.978   -5.118  1.00 10.29 ? 64  GLU A N   1 
ATOM   488  C CA  . GLU A 1 64  ? -11.154 8.273   -5.775  1.00 11.10 ? 64  GLU A CA  1 
ATOM   489  C C   . GLU A 1 64  ? -11.998 9.216   -4.915  1.00 11.25 ? 64  GLU A C   1 
ATOM   490  O O   . GLU A 1 64  ? -11.725 10.418  -4.856  1.00 11.30 ? 64  GLU A O   1 
ATOM   491  C CB  . GLU A 1 64  ? -11.813 8.071   -7.143  1.00 11.06 ? 64  GLU A CB  1 
ATOM   492  C CG  . GLU A 1 64  ? -10.861 7.495   -8.180  1.00 12.24 ? 64  GLU A CG  1 
ATOM   493  C CD  . GLU A 1 64  ? -11.491 7.302   -9.561  1.00 12.69 ? 64  GLU A CD  1 
ATOM   494  O OE1 . GLU A 1 64  ? -10.839 6.672   -10.422 1.00 14.19 ? 64  GLU A OE1 1 
ATOM   495  O OE2 . GLU A 1 64  ? -12.626 7.777   -9.791  1.00 15.44 ? 64  GLU A OE2 1 
ATOM   496  N N   . GLU A 1 65  ? -13.005 8.658   -4.246  1.00 11.76 ? 65  GLU A N   1 
ATOM   497  C CA  . GLU A 1 65  ? -13.886 9.429   -3.380  1.00 12.30 ? 65  GLU A CA  1 
ATOM   498  C C   . GLU A 1 65  ? -13.107 10.108  -2.248  1.00 12.33 ? 65  GLU A C   1 
ATOM   499  O O   . GLU A 1 65  ? -13.289 11.306  -2.001  1.00 12.78 ? 65  GLU A O   1 
ATOM   500  C CB  . GLU A 1 65  ? -15.033 8.561   -2.842  1.00 12.67 ? 65  GLU A CB  1 
ATOM   501  C CG  . GLU A 1 65  ? -16.248 9.389   -2.486  1.00 13.51 ? 65  GLU A CG  1 
ATOM   502  C CD  . GLU A 1 65  ? -17.523 8.589   -2.236  1.00 13.06 ? 65  GLU A CD  1 
ATOM   503  O OE1 . GLU A 1 65  ? -17.666 7.420   -2.686  1.00 12.95 ? 65  GLU A OE1 1 
ATOM   504  O OE2 . GLU A 1 65  ? -18.408 9.169   -1.585  1.00 14.92 ? 65  GLU A OE2 1 
ATOM   505  N N   . ARG A 1 66  ? -12.223 9.352   -1.589  1.00 11.92 ? 66  ARG A N   1 
ATOM   506  C CA  . ARG A 1 66  ? -11.407 9.886   -0.499  1.00 12.84 ? 66  ARG A CA  1 
ATOM   507  C C   . ARG A 1 66  ? -10.405 10.933  -0.992  1.00 12.59 ? 66  ARG A C   1 
ATOM   508  O O   . ARG A 1 66  ? -10.258 11.992  -0.382  1.00 12.96 ? 66  ARG A O   1 
ATOM   509  C CB  . ARG A 1 66  ? -10.687 8.760   0.258   1.00 13.09 ? 66  ARG A CB  1 
ATOM   510  C CG  . ARG A 1 66  ? -9.848  9.245   1.436   1.00 15.59 ? 66  ARG A CG  1 
ATOM   511  C CD  . ARG A 1 66  ? -10.721 9.847   2.525   1.00 19.20 ? 66  ARG A CD  1 
ATOM   512  N NE  . ARG A 1 66  ? -9.957  10.683  3.448   1.00 23.47 ? 66  ARG A NE  1 
ATOM   513  C CZ  . ARG A 1 66  ? -9.454  10.262  4.606   1.00 23.93 ? 66  ARG A CZ  1 
ATOM   514  N NH1 . ARG A 1 66  ? -9.627  9.000   5.000   1.00 25.38 ? 66  ARG A NH1 1 
ATOM   515  N NH2 . ARG A 1 66  ? -8.773  11.108  5.365   1.00 22.32 ? 66  ARG A NH2 1 
ATOM   516  N N   . ALA A 1 67  ? -9.721  10.637  -2.097  1.00 12.43 ? 67  ALA A N   1 
ATOM   517  C CA  . ALA A 1 67  ? -8.778  11.596  -2.682  1.00 12.67 ? 67  ALA A CA  1 
ATOM   518  C C   . ALA A 1 67  ? -9.498  12.908  -3.029  1.00 12.78 ? 67  ALA A C   1 
ATOM   519  O O   . ALA A 1 67  ? -8.978  13.996  -2.784  1.00 13.22 ? 67  ALA A O   1 
ATOM   520  C CB  . ALA A 1 67  ? -8.103  11.003  -3.906  1.00 12.56 ? 67  ALA A CB  1 
ATOM   521  N N   . ASN A 1 68  ? -10.704 12.796  -3.583  1.00 12.97 ? 68  ASN A N   1 
ATOM   522  C CA  . ASN A 1 68  ? -11.545 13.969  -3.861  1.00 13.53 ? 68  ASN A CA  1 
ATOM   523  C C   . ASN A 1 68  ? -11.859 14.785  -2.606  1.00 13.71 ? 68  ASN A C   1 
ATOM   524  O O   . ASN A 1 68  ? -11.736 16.018  -2.614  1.00 13.24 ? 68  ASN A O   1 
ATOM   525  C CB  . ASN A 1 68  ? -12.846 13.550  -4.551  1.00 13.77 ? 68  ASN A CB  1 
ATOM   526  C CG  . ASN A 1 68  ? -12.648 13.188  -6.019  1.00 14.95 ? 68  ASN A CG  1 
ATOM   527  O OD1 . ASN A 1 68  ? -11.624 13.505  -6.627  1.00 15.69 ? 68  ASN A OD1 1 
ATOM   528  N ND2 . ASN A 1 68  ? -13.643 12.527  -6.597  1.00 15.17 ? 68  ASN A ND2 1 
ATOM   529  N N   . GLN A 1 69  ? -12.257 14.097  -1.537  1.00 13.95 ? 69  GLN A N   1 
ATOM   530  C CA  . GLN A 1 69  ? -12.538 14.743  -0.252  1.00 14.79 ? 69  GLN A CA  1 
ATOM   531  C C   . GLN A 1 69  ? -11.310 15.494  0.266   1.00 14.37 ? 69  GLN A C   1 
ATOM   532  O O   . GLN A 1 69  ? -11.435 16.595  0.824   1.00 15.01 ? 69  GLN A O   1 
ATOM   533  C CB  . GLN A 1 69  ? -13.027 13.721  0.781   1.00 14.38 ? 69  GLN A CB  1 
ATOM   534  C CG  . GLN A 1 69  ? -13.248 14.296  2.182   1.00 15.74 ? 69  GLN A CG  1 
ATOM   535  C CD  . GLN A 1 69  ? -13.865 13.299  3.144   1.00 17.45 ? 69  GLN A CD  1 
ATOM   536  O OE1 . GLN A 1 69  ? -15.082 13.091  3.146   1.00 22.52 ? 69  GLN A OE1 1 
ATOM   537  N NE2 . GLN A 1 69  ? -13.029 12.684  3.980   1.00 20.03 ? 69  GLN A NE2 1 
ATOM   538  N N   . LEU A 1 70  ? -10.129 14.917  0.052   1.00 13.89 ? 70  LEU A N   1 
ATOM   539  C CA  . LEU A 1 70  ? -8.894  15.525  0.551   1.00 13.88 ? 70  LEU A CA  1 
ATOM   540  C C   . LEU A 1 70  ? -8.282  16.544  -0.405  1.00 14.25 ? 70  LEU A C   1 
ATOM   541  O O   . LEU A 1 70  ? -7.217  17.093  -0.117  1.00 14.01 ? 70  LEU A O   1 
ATOM   542  C CB  . LEU A 1 70  ? -7.860  14.461  0.934   1.00 13.77 ? 70  LEU A CB  1 
ATOM   543  C CG  . LEU A 1 70  ? -8.186  13.542  2.124   1.00 13.64 ? 70  LEU A CG  1 
ATOM   544  C CD1 . LEU A 1 70  ? -7.157  12.436  2.239   1.00 13.95 ? 70  LEU A CD1 1 
ATOM   545  C CD2 . LEU A 1 70  ? -8.293  14.318  3.434   1.00 15.52 ? 70  LEU A CD2 1 
ATOM   546  N N   . GLU A 1 71  ? -8.969  16.810  -1.519  1.00 14.41 ? 71  GLU A N   1 
ATOM   547  C CA  . GLU A 1 71  ? -8.471  17.724  -2.556  1.00 15.50 ? 71  GLU A CA  1 
ATOM   548  C C   . GLU A 1 71  ? -7.079  17.316  -3.050  1.00 15.23 ? 71  GLU A C   1 
ATOM   549  O O   . GLU A 1 71  ? -6.138  18.121  -3.074  1.00 15.89 ? 71  GLU A O   1 
ATOM   550  C CB  . GLU A 1 71  ? -8.496  19.176  -2.070  1.00 15.55 ? 71  GLU A CB  1 
ATOM   551  C CG  . GLU A 1 71  ? -9.899  19.697  -1.800  1.00 16.64 ? 71  GLU A CG  1 
ATOM   552  C CD  . GLU A 1 71  ? -9.914  21.121  -1.258  1.00 17.80 ? 71  GLU A CD  1 
ATOM   553  O OE1 . GLU A 1 71  ? -8.906  21.842  -1.417  1.00 21.28 ? 71  GLU A OE1 1 
ATOM   554  O OE2 . GLU A 1 71  ? -10.939 21.511  -0.659  1.00 21.53 ? 71  GLU A OE2 1 
ATOM   555  N N   . LEU A 1 72  ? -6.976  16.048  -3.435  1.00 14.67 ? 72  LEU A N   1 
ATOM   556  C CA  . LEU A 1 72  ? -5.764  15.491  -4.010  1.00 14.34 ? 72  LEU A CA  1 
ATOM   557  C C   . LEU A 1 72  ? -6.042  15.106  -5.462  1.00 14.42 ? 72  LEU A C   1 
ATOM   558  O O   . LEU A 1 72  ? -6.313  13.939  -5.758  1.00 14.41 ? 72  LEU A O   1 
ATOM   559  C CB  . LEU A 1 72  ? -5.289  14.277  -3.201  1.00 13.92 ? 72  LEU A CB  1 
ATOM   560  C CG  . LEU A 1 72  ? -4.826  14.532  -1.763  1.00 12.84 ? 72  LEU A CG  1 
ATOM   561  C CD1 . LEU A 1 72  ? -4.607  13.210  -1.036  1.00 12.32 ? 72  LEU A CD1 1 
ATOM   562  C CD2 . LEU A 1 72  ? -3.566  15.390  -1.736  1.00 13.24 ? 72  LEU A CD2 1 
ATOM   563  N N   . PRO A 1 73  ? -5.967  16.095  -6.379  1.00 14.98 ? 73  PRO A N   1 
ATOM   564  C CA  . PRO A 1 73  ? -6.318  15.829  -7.768  1.00 15.17 ? 73  PRO A CA  1 
ATOM   565  C C   . PRO A 1 73  ? -5.226  15.027  -8.463  1.00 15.02 ? 73  PRO A C   1 
ATOM   566  O O   . PRO A 1 73  ? -4.083  15.023  -7.990  1.00 14.64 ? 73  PRO A O   1 
ATOM   567  C CB  . PRO A 1 73  ? -6.425  17.234  -8.380  1.00 15.28 ? 73  PRO A CB  1 
ATOM   568  C CG  . PRO A 1 73  ? -5.549  18.092  -7.554  1.00 15.08 ? 73  PRO A CG  1 
ATOM   569  C CD  . PRO A 1 73  ? -5.535  17.490  -6.168  1.00 15.00 ? 73  PRO A CD  1 
ATOM   570  N N   . PRO A 1 74  ? -5.567  14.354  -9.580  1.00 15.29 ? 74  PRO A N   1 
ATOM   571  C CA  . PRO A 1 74  ? -4.544  13.668  -10.364 1.00 15.56 ? 74  PRO A CA  1 
ATOM   572  C C   . PRO A 1 74  ? -3.395  14.625  -10.654 1.00 16.04 ? 74  PRO A C   1 
ATOM   573  O O   . PRO A 1 74  ? -3.609  15.822  -10.860 1.00 16.59 ? 74  PRO A O   1 
ATOM   574  C CB  . PRO A 1 74  ? -5.282  13.305  -11.662 1.00 15.56 ? 74  PRO A CB  1 
ATOM   575  C CG  . PRO A 1 74  ? -6.698  13.175  -11.263 1.00 15.61 ? 74  PRO A CG  1 
ATOM   576  C CD  . PRO A 1 74  ? -6.907  14.213  -10.184 1.00 15.21 ? 74  PRO A CD  1 
ATOM   577  N N   . MET A 1 75  ? -2.177  14.104  -10.635 1.00 16.74 ? 75  MET A N   1 
ATOM   578  C CA  . MET A 1 75  ? -1.008  14.940  -10.822 1.00 17.29 ? 75  MET A CA  1 
ATOM   579  C C   . MET A 1 75  ? -1.023  15.620  -12.191 1.00 18.39 ? 75  MET A C   1 
ATOM   580  O O   . MET A 1 75  ? -0.636  16.793  -12.314 1.00 18.71 ? 75  MET A O   1 
ATOM   581  C CB  . MET A 1 75  ? 0.252   14.111  -10.652 1.00 17.19 ? 75  MET A CB  1 
ATOM   582  C CG  . MET A 1 75  ? 1.515   14.918  -10.568 1.00 16.62 ? 75  MET A CG  1 
ATOM   583  S SD  . MET A 1 75  ? 2.882   13.760  -10.591 1.00 16.30 ? 75  MET A SD  1 
ATOM   584  C CE  . MET A 1 75  ? 2.882   13.184  -8.887  1.00 15.65 ? 75  MET A CE  1 
ATOM   585  N N   . LEU A 1 76  ? -1.470  14.879  -13.204 1.00 19.68 ? 76  LEU A N   1 
ATOM   586  C CA  . LEU A 1 76  ? -1.672  15.432  -14.542 1.00 20.80 ? 76  LEU A CA  1 
ATOM   587  C C   . LEU A 1 76  ? -3.167  15.481  -14.839 1.00 21.22 ? 76  LEU A C   1 
ATOM   588  O O   . LEU A 1 76  ? -3.843  14.449  -14.818 1.00 21.90 ? 76  LEU A O   1 
ATOM   589  C CB  . LEU A 1 76  ? -0.944  14.588  -15.596 1.00 21.42 ? 76  LEU A CB  1 
ATOM   590  C CG  . LEU A 1 76  ? -0.654  15.201  -16.978 1.00 22.73 ? 76  LEU A CG  1 
ATOM   591  C CD1 . LEU A 1 76  ? 0.478   14.453  -17.662 1.00 24.13 ? 76  LEU A CD1 1 
ATOM   592  C CD2 . LEU A 1 76  ? -1.888  15.235  -17.889 1.00 24.45 ? 76  LEU A CD2 1 
ATOM   593  N N   . ALA A 1 77  ? -3.658  16.018  -15.934 0.00 21.99 ? 77  ALA A N   1 
ATOM   594  C CA  . ALA A 1 77  ? -4.988  15.873  -16.516 0.00 20.86 ? 77  ALA A CA  1 
ATOM   595  C C   . ALA A 1 77  ? -4.927  15.912  -18.038 0.00 20.25 ? 77  ALA A C   1 
ATOM   596  O O   . ALA A 1 77  ? -4.776  14.879  -18.689 0.00 19.68 ? 77  ALA A O   1 
ATOM   597  C CB  . ALA A 1 77  ? -5.904  16.977  -16.000 0.00 20.35 ? 77  ALA A CB  1 
ATOM   598  N N   . GLY A 1 84  ? -2.554  2.408   -16.180 1.00 22.99 ? 84  GLY A N   1 
ATOM   599  C CA  . GLY A 1 84  ? -1.505  3.312   -15.718 1.00 22.09 ? 84  GLY A CA  1 
ATOM   600  C C   . GLY A 1 84  ? -1.776  3.825   -14.315 1.00 21.51 ? 84  GLY A C   1 
ATOM   601  O O   . GLY A 1 84  ? -2.939  4.067   -13.945 1.00 21.91 ? 84  GLY A O   1 
ATOM   602  N N   . THR A 1 85  ? -0.699  4.003   -13.548 1.00 20.45 ? 85  THR A N   1 
ATOM   603  C CA  . THR A 1 85  ? -0.773  4.368   -12.127 1.00 19.11 ? 85  THR A CA  1 
ATOM   604  C C   . THR A 1 85  ? -1.311  5.787   -11.926 1.00 18.15 ? 85  THR A C   1 
ATOM   605  O O   . THR A 1 85  ? -0.768  6.749   -12.471 1.00 18.19 ? 85  THR A O   1 
ATOM   606  C CB  . THR A 1 85  ? 0.604   4.228   -11.423 1.00 19.46 ? 85  THR A CB  1 
ATOM   607  O OG1 . THR A 1 85  ? 1.155   2.931   -11.690 1.00 19.59 ? 85  THR A OG1 1 
ATOM   608  C CG2 . THR A 1 85  ? 0.467   4.412   -9.905  1.00 19.42 ? 85  THR A CG2 1 
ATOM   609  N N   . ALA A 1 86  ? -2.372  5.899   -11.131 1.00 16.45 ? 86  ALA A N   1 
ATOM   610  C CA  . ALA A 1 86  ? -3.109  7.155   -10.990 1.00 15.12 ? 86  ALA A CA  1 
ATOM   611  C C   . ALA A 1 86  ? -2.575  8.017   -9.845  1.00 14.09 ? 86  ALA A C   1 
ATOM   612  O O   . ALA A 1 86  ? -3.193  8.127   -8.784  1.00 13.68 ? 86  ALA A O   1 
ATOM   613  C CB  . ALA A 1 86  ? -4.615  6.872   -10.815 1.00 15.25 ? 86  ALA A CB  1 
ATOM   614  N N   . TYR A 1 87  ? -1.424  8.641   -10.077 1.00 12.90 ? 87  TYR A N   1 
ATOM   615  C CA  . TYR A 1 87  ? -0.809  9.506   -9.070  1.00 12.28 ? 87  TYR A CA  1 
ATOM   616  C C   . TYR A 1 87  ? -1.599  10.788  -8.888  1.00 11.64 ? 87  TYR A C   1 
ATOM   617  O O   . TYR A 1 87  ? -2.072  11.372  -9.871  1.00 11.83 ? 87  TYR A O   1 
ATOM   618  C CB  . TYR A 1 87  ? 0.598   9.912   -9.497  1.00 12.69 ? 87  TYR A CB  1 
ATOM   619  C CG  . TYR A 1 87  ? 1.571   8.780   -9.628  1.00 12.84 ? 87  TYR A CG  1 
ATOM   620  C CD1 . TYR A 1 87  ? 1.891   8.266   -10.883 1.00 13.68 ? 87  TYR A CD1 1 
ATOM   621  C CD2 . TYR A 1 87  ? 2.193   8.233   -8.504  1.00 13.21 ? 87  TYR A CD2 1 
ATOM   622  C CE1 . TYR A 1 87  ? 2.801   7.223   -11.019 1.00 14.35 ? 87  TYR A CE1 1 
ATOM   623  C CE2 . TYR A 1 87  ? 3.104   7.184   -8.627  1.00 13.90 ? 87  TYR A CE2 1 
ATOM   624  C CZ  . TYR A 1 87  ? 3.401   6.688   -9.890  1.00 15.38 ? 87  TYR A CZ  1 
ATOM   625  O OH  . TYR A 1 87  ? 4.303   5.656   -10.032 1.00 15.37 ? 87  TYR A OH  1 
ATOM   626  N N   . THR A 1 88  ? -1.705  11.229  -7.634  1.00 10.47 ? 88  THR A N   1 
ATOM   627  C CA  . THR A 1 88  ? -2.230  12.552  -7.315  1.00 9.69  ? 88  THR A CA  1 
ATOM   628  C C   . THR A 1 88  ? -1.040  13.471  -7.062  1.00 9.60  ? 88  THR A C   1 
ATOM   629  O O   . THR A 1 88  ? 0.111   13.012  -7.003  1.00 9.72  ? 88  THR A O   1 
ATOM   630  C CB  . THR A 1 88  ? -3.127  12.558  -6.047  1.00 10.10 ? 88  THR A CB  1 
ATOM   631  O OG1 . THR A 1 88  ? -2.318  12.463  -4.865  1.00 8.22  ? 88  THR A OG1 1 
ATOM   632  C CG2 . THR A 1 88  ? -4.135  11.437  -6.072  1.00 10.28 ? 88  THR A CG2 1 
ATOM   633  N N   . ILE A 1 89  ? -1.304  14.766  -6.901  1.00 9.08  ? 89  ILE A N   1 
ATOM   634  C CA  . ILE A 1 89  ? -0.273  15.649  -6.373  1.00 9.23  ? 89  ILE A CA  1 
ATOM   635  C C   . ILE A 1 89  ? 0.235   15.042  -5.060  1.00 8.29  ? 89  ILE A C   1 
ATOM   636  O O   . ILE A 1 89  ? -0.541  14.471  -4.281  1.00 9.26  ? 89  ILE A O   1 
ATOM   637  C CB  . ILE A 1 89  ? -0.791  17.095  -6.161  1.00 9.15  ? 89  ILE A CB  1 
ATOM   638  C CG1 . ILE A 1 89  ? 0.332   18.020  -5.673  1.00 10.87 ? 89  ILE A CG1 1 
ATOM   639  C CG2 . ILE A 1 89  ? -2.005  17.123  -5.214  1.00 11.44 ? 89  ILE A CG2 1 
ATOM   640  C CD1 . ILE A 1 89  ? 0.045   19.493  -5.850  1.00 13.97 ? 89  ILE A CD1 1 
ATOM   641  N N   . THR A 1 90  ? 1.540   15.131  -4.832  1.00 8.26  ? 90  THR A N   1 
ATOM   642  C CA  . THR A 1 90  ? 2.136   14.565  -3.616  1.00 8.10  ? 90  THR A CA  1 
ATOM   643  C C   . THR A 1 90  ? 1.831   15.444  -2.404  1.00 8.20  ? 90  THR A C   1 
ATOM   644  O O   . THR A 1 90  ? 1.422   16.593  -2.552  1.00 8.89  ? 90  THR A O   1 
ATOM   645  C CB  . THR A 1 90  ? 3.653   14.400  -3.779  1.00 7.97  ? 90  THR A CB  1 
ATOM   646  O OG1 . THR A 1 90  ? 4.237   15.680  -4.072  1.00 8.90  ? 90  THR A OG1 1 
ATOM   647  C CG2 . THR A 1 90  ? 3.956   13.426  -4.913  1.00 8.30  ? 90  THR A CG2 1 
ATOM   648  N N   . CYS A 1 91  ? 2.027   14.905  -1.203  1.00 8.45  ? 91  CYS A N   1 
ATOM   649  C CA  . CYS A 1 91  ? 1.679   15.663  -0.010  1.00 8.66  ? 91  CYS A CA  1 
ATOM   650  C C   . CYS A 1 91  ? 2.410   15.217  1.251   1.00 8.56  ? 91  CYS A C   1 
ATOM   651  O O   . CYS A 1 91  ? 2.915   14.095  1.323   1.00 8.48  ? 91  CYS A O   1 
ATOM   652  C CB  . CYS A 1 91  ? 0.164   15.575  0.222   1.00 8.53  ? 91  CYS A CB  1 
ATOM   653  S SG  . CYS A 1 91  ? -0.411  13.906  0.680   1.00 10.81 ? 91  CYS A SG  1 
ATOM   654  N N   . ASP A 1 92  ? 2.459   16.131  2.217   1.00 8.64  ? 92  ASP A N   1 
ATOM   655  C CA  . ASP A 1 92  ? 2.876   15.853  3.596   1.00 8.69  ? 92  ASP A CA  1 
ATOM   656  C C   . ASP A 1 92  ? 1.800   16.378  4.542   1.00 9.10  ? 92  ASP A C   1 
ATOM   657  O O   . ASP A 1 92  ? 1.221   17.439  4.306   1.00 9.71  ? 92  ASP A O   1 
ATOM   658  C CB  . ASP A 1 92  ? 4.181   16.583  3.934   1.00 8.73  ? 92  ASP A CB  1 
ATOM   659  C CG  . ASP A 1 92  ? 5.370   16.064  3.157   1.00 9.45  ? 92  ASP A CG  1 
ATOM   660  O OD1 . ASP A 1 92  ? 6.260   16.890  2.861   1.00 9.88  ? 92  ASP A OD1 1 
ATOM   661  O OD2 . ASP A 1 92  ? 5.411   14.857  2.851   1.00 10.38 ? 92  ASP A OD2 1 
ATOM   662  N N   . PHE A 1 93  ? 1.537   15.636  5.614   1.00 9.29  ? 93  PHE A N   1 
ATOM   663  C CA  . PHE A 1 93  ? 0.660   16.134  6.679   1.00 9.60  ? 93  PHE A CA  1 
ATOM   664  C C   . PHE A 1 93  ? 1.436   17.222  7.408   1.00 10.27 ? 93  PHE A C   1 
ATOM   665  O O   . PHE A 1 93  ? 2.571   17.000  7.810   1.00 10.23 ? 93  PHE A O   1 
ATOM   666  C CB  . PHE A 1 93  ? 0.295   14.998  7.632   1.00 9.97  ? 93  PHE A CB  1 
ATOM   667  C CG  . PHE A 1 93  ? -0.746  15.361  8.667   1.00 11.22 ? 93  PHE A CG  1 
ATOM   668  C CD1 . PHE A 1 93  ? -2.080  15.544  8.304   1.00 11.41 ? 93  PHE A CD1 1 
ATOM   669  C CD2 . PHE A 1 93  ? -0.395  15.481  10.006  1.00 12.24 ? 93  PHE A CD2 1 
ATOM   670  C CE1 . PHE A 1 93  ? -3.043  15.852  9.264   1.00 11.88 ? 93  PHE A CE1 1 
ATOM   671  C CE2 . PHE A 1 93  ? -1.359  15.795  10.973  1.00 12.68 ? 93  PHE A CE2 1 
ATOM   672  C CZ  . PHE A 1 93  ? -2.675  15.981  10.597  1.00 10.21 ? 93  PHE A CZ  1 
ATOM   673  N N   . ALA A 1 94  ? 0.833   18.393  7.581   1.00 10.85 ? 94  ALA A N   1 
ATOM   674  C CA  . ALA A 1 94  ? 1.585   19.547  8.087   1.00 11.90 ? 94  ALA A CA  1 
ATOM   675  C C   . ALA A 1 94  ? 2.008   19.421  9.552   1.00 12.44 ? 94  ALA A C   1 
ATOM   676  O O   . ALA A 1 94  ? 3.184   19.575  9.890   1.00 12.62 ? 94  ALA A O   1 
ATOM   677  C CB  . ALA A 1 94  ? 0.801   20.838  7.856   1.00 12.26 ? 94  ALA A CB  1 
ATOM   678  N N   . GLU A 1 95  ? 1.044   19.139  10.422  1.00 12.62 ? 95  GLU A N   1 
ATOM   679  C CA  . GLU A 1 95  ? 1.317   19.150  11.854  1.00 13.07 ? 95  GLU A CA  1 
ATOM   680  C C   . GLU A 1 95  ? 2.047   17.902  12.331  1.00 12.92 ? 95  GLU A C   1 
ATOM   681  O O   . GLU A 1 95  ? 1.509   16.788  12.285  1.00 12.97 ? 95  GLU A O   1 
ATOM   682  C CB  . GLU A 1 95  ? 0.028   19.353  12.638  1.00 13.71 ? 95  GLU A CB  1 
ATOM   683  C CG  . GLU A 1 95  ? 0.244   19.584  14.125  1.00 14.65 ? 95  GLU A CG  1 
ATOM   684  C CD  . GLU A 1 95  ? -0.971  20.171  14.802  1.00 18.17 ? 95  GLU A CD  1 
ATOM   685  O OE1 . GLU A 1 95  ? -2.023  19.500  14.828  1.00 20.52 ? 95  GLU A OE1 1 
ATOM   686  O OE2 . GLU A 1 95  ? -0.863  21.304  15.313  1.00 18.78 ? 95  GLU A OE2 1 
ATOM   687  N N   . GLY A 1 96  ? 3.265   18.110  12.819  1.00 12.65 ? 96  GLY A N   1 
ATOM   688  C CA  . GLY A 1 96  ? 4.068   17.026  13.354  1.00 12.74 ? 96  GLY A CA  1 
ATOM   689  C C   . GLY A 1 96  ? 5.115   16.506  12.392  1.00 12.97 ? 96  GLY A C   1 
ATOM   690  O O   . GLY A 1 96  ? 5.848   15.577  12.728  1.00 13.27 ? 96  GLY A O   1 
ATOM   691  N N   . THR A 1 97  ? 5.182   17.087  11.194  1.00 12.96 ? 97  THR A N   1 
ATOM   692  C CA  . THR A 1 97  ? 6.285   16.777  10.268  1.00 12.84 ? 97  THR A CA  1 
ATOM   693  C C   . THR A 1 97  ? 7.267   17.936  10.157  1.00 13.37 ? 97  THR A C   1 
ATOM   694  O O   . THR A 1 97  ? 6.906   19.092  10.413  1.00 13.60 ? 97  THR A O   1 
ATOM   695  C CB  . THR A 1 97  ? 5.798   16.367  8.847   1.00 12.75 ? 97  THR A CB  1 
ATOM   696  O OG1 . THR A 1 97  ? 5.189   17.480  8.179   1.00 11.96 ? 97  THR A OG1 1 
ATOM   697  C CG2 . THR A 1 97  ? 4.821   15.214  8.922   1.00 13.13 ? 97  THR A CG2 1 
ATOM   698  N N   . THR A 1 98  ? 8.500   17.606  9.787   1.00 13.38 ? 98  THR A N   1 
ATOM   699  C CA  . THR A 1 98  ? 9.541   18.588  9.500   1.00 13.91 ? 98  THR A CA  1 
ATOM   700  C C   . THR A 1 98  ? 10.015  18.434  8.055   1.00 13.68 ? 98  THR A C   1 
ATOM   701  O O   . THR A 1 98  ? 9.589   19.181  7.172   1.00 14.18 ? 98  THR A O   1 
ATOM   702  C CB  . THR A 1 98  ? 10.740  18.456  10.472  1.00 14.10 ? 98  THR A CB  1 
ATOM   703  O OG1 . THR A 1 98  ? 11.157  17.089  10.549  1.00 14.86 ? 98  THR A OG1 1 
ATOM   704  C CG2 . THR A 1 98  ? 10.364  18.950  11.876  1.00 15.32 ? 98  THR A CG2 1 
ATOM   705  N N   . THR A 1 99  ? 10.871  17.442  7.815   1.00 13.22 ? 99  THR A N   1 
ATOM   706  C CA  . THR A 1 99  ? 11.422  17.203  6.475   1.00 13.09 ? 99  THR A CA  1 
ATOM   707  C C   . THR A 1 99  ? 10.423  16.519  5.539   1.00 12.21 ? 99  THR A C   1 
ATOM   708  O O   . THR A 1 99  ? 10.575  16.576  4.312   1.00 12.68 ? 99  THR A O   1 
ATOM   709  C CB  . THR A 1 99  ? 12.695  16.314  6.525   1.00 13.20 ? 99  THR A CB  1 
ATOM   710  O OG1 . THR A 1 99  ? 12.359  15.026  7.061   1.00 15.32 ? 99  THR A OG1 1 
ATOM   711  C CG2 . THR A 1 99  ? 13.799  16.951  7.382   1.00 14.94 ? 99  THR A CG2 1 
ATOM   712  N N   . GLY A 1 100 ? 9.426   15.853  6.116   1.00 10.83 ? 100 GLY A N   1 
ATOM   713  C CA  . GLY A 1 100 ? 8.434   15.125  5.335   1.00 10.30 ? 100 GLY A CA  1 
ATOM   714  C C   . GLY A 1 100 ? 8.907   13.747  4.891   1.00 9.39  ? 100 GLY A C   1 
ATOM   715  O O   . GLY A 1 100 ? 8.096   12.843  4.705   1.00 9.81  ? 100 GLY A O   1 
ATOM   716  N N   . ILE A 1 101 ? 10.217  13.581  4.730   1.00 8.75  ? 101 ILE A N   1 
ATOM   717  C CA  . ILE A 1 101 ? 10.783  12.368  4.131   1.00 8.50  ? 101 ILE A CA  1 
ATOM   718  C C   . ILE A 1 101 ? 11.188  11.311  5.176   1.00 8.57  ? 101 ILE A C   1 
ATOM   719  O O   . ILE A 1 101 ? 11.356  10.119  4.851   1.00 8.43  ? 101 ILE A O   1 
ATOM   720  C CB  . ILE A 1 101 ? 11.959  12.722  3.153   1.00 8.56  ? 101 ILE A CB  1 
ATOM   721  C CG1 . ILE A 1 101 ? 12.430  11.508  2.331   1.00 8.42  ? 101 ILE A CG1 1 
ATOM   722  C CG2 . ILE A 1 101 ? 13.129  13.351  3.910   1.00 9.18  ? 101 ILE A CG2 1 
ATOM   723  C CD1 . ILE A 1 101 ? 11.386  10.922  1.399   1.00 9.50  ? 101 ILE A CD1 1 
ATOM   724  N N   . SER A 1 102 ? 11.343  11.734  6.430   1.00 8.18  ? 102 SER A N   1 
ATOM   725  C CA  . SER A 1 102 ? 11.691  10.787  7.490   1.00 7.72  ? 102 SER A CA  1 
ATOM   726  C C   . SER A 1 102 ? 10.660  9.661   7.578   1.00 7.54  ? 102 SER A C   1 
ATOM   727  O O   . SER A 1 102 ? 9.498   9.834   7.203   1.00 7.52  ? 102 SER A O   1 
ATOM   728  C CB  . SER A 1 102 ? 11.812  11.493  8.837   1.00 8.15  ? 102 SER A CB  1 
ATOM   729  O OG  . SER A 1 102 ? 10.541  11.925  9.296   1.00 9.01  ? 102 SER A OG  1 
ATOM   730  N N   . ALA A 1 103 ? 11.083  8.508   8.081   1.00 7.44  ? 103 ALA A N   1 
ATOM   731  C CA  . ALA A 1 103 ? 10.135  7.415   8.326   1.00 7.69  ? 103 ALA A CA  1 
ATOM   732  C C   . ALA A 1 103 ? 8.963   7.877   9.199   1.00 7.65  ? 103 ALA A C   1 
ATOM   733  O O   . ALA A 1 103 ? 7.810   7.545   8.933   1.00 7.90  ? 103 ALA A O   1 
ATOM   734  C CB  . ALA A 1 103 ? 10.850  6.240   8.958   1.00 7.88  ? 103 ALA A CB  1 
ATOM   735  N N   . HIS A 1 104 ? 9.280   8.643   10.242  1.00 7.45  ? 104 HIS A N   1 
ATOM   736  C CA  . HIS A 1 104 ? 8.260   9.193   11.131  1.00 7.15  ? 104 HIS A CA  1 
ATOM   737  C C   . HIS A 1 104 ? 7.245   10.023  10.347  1.00 7.06  ? 104 HIS A C   1 
ATOM   738  O O   . HIS A 1 104 ? 6.024   9.862   10.509  1.00 7.19  ? 104 HIS A O   1 
ATOM   739  C CB  . HIS A 1 104 ? 8.920   10.059  12.200  1.00 7.13  ? 104 HIS A CB  1 
ATOM   740  C CG  . HIS A 1 104 ? 7.950   10.878  12.990  1.00 7.60  ? 104 HIS A CG  1 
ATOM   741  N ND1 . HIS A 1 104 ? 7.483   12.100  12.555  1.00 7.80  ? 104 HIS A ND1 1 
ATOM   742  C CD2 . HIS A 1 104 ? 7.355   10.648  14.182  1.00 8.12  ? 104 HIS A CD2 1 
ATOM   743  C CE1 . HIS A 1 104 ? 6.646   12.593  13.451  1.00 8.55  ? 104 HIS A CE1 1 
ATOM   744  N NE2 . HIS A 1 104 ? 6.552   11.733  14.446  1.00 9.27  ? 104 HIS A NE2 1 
ATOM   745  N N   . ASP A 1 105 ? 7.756   10.930  9.517   1.00 7.30  ? 105 ASP A N   1 
ATOM   746  C CA  . ASP A 1 105 ? 6.892   11.849  8.789   1.00 7.81  ? 105 ASP A CA  1 
ATOM   747  C C   . ASP A 1 105 ? 6.063   11.136  7.725   1.00 7.72  ? 105 ASP A C   1 
ATOM   748  O O   . ASP A 1 105 ? 4.852   11.368  7.621   1.00 8.25  ? 105 ASP A O   1 
ATOM   749  C CB  . ASP A 1 105 ? 7.714   12.976  8.166   1.00 8.42  ? 105 ASP A CB  1 
ATOM   750  C CG  . ASP A 1 105 ? 8.245   13.965  9.199   1.00 8.87  ? 105 ASP A CG  1 
ATOM   751  O OD1 . ASP A 1 105 ? 8.065   13.755  10.431  1.00 9.41  ? 105 ASP A OD1 1 
ATOM   752  O OD2 . ASP A 1 105 ? 8.842   14.971  8.756   1.00 9.76  ? 105 ASP A OD2 1 
ATOM   753  N N   . ARG A 1 106 ? 6.703   10.269  6.935   1.00 7.40  ? 106 ARG A N   1 
ATOM   754  C CA  . ARG A 1 106 ? 5.963   9.511   5.920   1.00 7.27  ? 106 ARG A CA  1 
ATOM   755  C C   . ARG A 1 106 ? 4.884   8.618   6.535   1.00 7.59  ? 106 ARG A C   1 
ATOM   756  O O   . ARG A 1 106 ? 3.783   8.499   5.988   1.00 8.10  ? 106 ARG A O   1 
ATOM   757  C CB  . ARG A 1 106 ? 6.896   8.723   4.994   1.00 7.10  ? 106 ARG A CB  1 
ATOM   758  C CG  . ARG A 1 106 ? 7.603   9.618   3.999   1.00 7.63  ? 106 ARG A CG  1 
ATOM   759  C CD  . ARG A 1 106 ? 8.049   8.853   2.781   1.00 9.09  ? 106 ARG A CD  1 
ATOM   760  N NE  . ARG A 1 106 ? 9.377   8.260   2.964   1.00 8.89  ? 106 ARG A NE  1 
ATOM   761  C CZ  . ARG A 1 106 ? 10.057  7.654   1.989   1.00 9.26  ? 106 ARG A CZ  1 
ATOM   762  N NH1 . ARG A 1 106 ? 9.527   7.528   0.770   1.00 8.32  ? 106 ARG A NH1 1 
ATOM   763  N NH2 . ARG A 1 106 ? 11.270  7.161   2.233   1.00 8.41  ? 106 ARG A NH2 1 
ATOM   764  N N   . ALA A 1 107 ? 5.194   8.012   7.678   1.00 7.61  ? 107 ALA A N   1 
ATOM   765  C CA  . ALA A 1 107 ? 4.198   7.210   8.393   1.00 7.53  ? 107 ALA A CA  1 
ATOM   766  C C   . ALA A 1 107 ? 3.042   8.087   8.863   1.00 7.47  ? 107 ALA A C   1 
ATOM   767  O O   . ALA A 1 107 ? 1.881   7.736   8.673   1.00 8.67  ? 107 ALA A O   1 
ATOM   768  C CB  . ALA A 1 107 ? 4.831   6.479   9.568   1.00 7.91  ? 107 ALA A CB  1 
ATOM   769  N N   . LEU A 1 108 ? 3.367   9.247   9.438   1.00 7.61  ? 108 LEU A N   1 
ATOM   770  C CA  . LEU A 1 108 ? 2.337   10.154  9.951   1.00 8.09  ? 108 LEU A CA  1 
ATOM   771  C C   . LEU A 1 108 ? 1.435   10.636  8.821   1.00 7.68  ? 108 LEU A C   1 
ATOM   772  O O   . LEU A 1 108 ? 0.220   10.677  8.967   1.00 8.42  ? 108 LEU A O   1 
ATOM   773  C CB  . LEU A 1 108 ? 2.967   11.337  10.702  1.00 8.19  ? 108 LEU A CB  1 
ATOM   774  C CG  . LEU A 1 108 ? 2.072   12.498  11.159  1.00 9.88  ? 108 LEU A CG  1 
ATOM   775  C CD1 . LEU A 1 108 ? 0.952   12.013  12.085  1.00 10.49 ? 108 LEU A CD1 1 
ATOM   776  C CD2 . LEU A 1 108 ? 2.895   13.570  11.863  1.00 9.24  ? 108 LEU A CD2 1 
ATOM   777  N N   . THR A 1 109 ? 2.039   10.993  7.690   1.00 7.53  ? 109 THR A N   1 
ATOM   778  C CA  . THR A 1 109 ? 1.261   11.424  6.533   1.00 7.49  ? 109 THR A CA  1 
ATOM   779  C C   . THR A 1 109 ? 0.343   10.306  6.043   1.00 7.43  ? 109 THR A C   1 
ATOM   780  O O   . THR A 1 109 ? -0.846  10.529  5.781   1.00 7.60  ? 109 THR A O   1 
ATOM   781  C CB  . THR A 1 109 ? 2.183   11.898  5.422   1.00 8.46  ? 109 THR A CB  1 
ATOM   782  O OG1 . THR A 1 109 ? 2.907   13.047  5.891   1.00 7.32  ? 109 THR A OG1 1 
ATOM   783  C CG2 . THR A 1 109 ? 1.387   12.250  4.164   1.00 8.16  ? 109 THR A CG2 1 
ATOM   784  N N   . THR A 1 110 ? 0.891   9.097   5.959   1.00 7.57  ? 110 THR A N   1 
ATOM   785  C CA  . THR A 1 110 ? 0.118   7.944   5.517   1.00 7.68  ? 110 THR A CA  1 
ATOM   786  C C   . THR A 1 110 ? -1.094  7.675   6.429   1.00 8.27  ? 110 THR A C   1 
ATOM   787  O O   . THR A 1 110 ? -2.218  7.509   5.937   1.00 8.41  ? 110 THR A O   1 
ATOM   788  C CB  . THR A 1 110 ? 1.009   6.698   5.383   1.00 7.72  ? 110 THR A CB  1 
ATOM   789  O OG1 . THR A 1 110 ? 2.036   6.969   4.418   1.00 7.50  ? 110 THR A OG1 1 
ATOM   790  C CG2 . THR A 1 110 ? 0.192   5.520   4.921   1.00 7.96  ? 110 THR A CG2 1 
ATOM   791  N N   . ARG A 1 111 ? -0.869  7.652   7.742   1.00 8.45  ? 111 ARG A N   1 
ATOM   792  C CA  . ARG A 1 111 ? -1.966  7.444   8.698   1.00 8.62  ? 111 ARG A CA  1 
ATOM   793  C C   . ARG A 1 111 ? -2.996  8.561   8.546   1.00 9.06  ? 111 ARG A C   1 
ATOM   794  O O   . ARG A 1 111 ? -4.203  8.318   8.591   1.00 9.44  ? 111 ARG A O   1 
ATOM   795  C CB  . ARG A 1 111 ? -1.444  7.392   10.138  1.00 8.31  ? 111 ARG A CB  1 
ATOM   796  C CG  . ARG A 1 111 ? -0.573  6.167   10.427  1.00 8.55  ? 111 ARG A CG  1 
ATOM   797  C CD  . ARG A 1 111 ? -0.391  5.971   11.932  1.00 9.02  ? 111 ARG A CD  1 
ATOM   798  N NE  . ARG A 1 111 ? 0.099   7.191   12.580  1.00 9.02  ? 111 ARG A NE  1 
ATOM   799  C CZ  . ARG A 1 111 ? 1.382   7.560   12.619  1.00 8.62  ? 111 ARG A CZ  1 
ATOM   800  N NH1 . ARG A 1 111 ? 2.317   6.808   12.039  1.00 9.43  ? 111 ARG A NH1 1 
ATOM   801  N NH2 . ARG A 1 111 ? 1.731   8.693   13.233  1.00 8.32  ? 111 ARG A NH2 1 
ATOM   802  N N   . SER A 1 112 ? -2.507  9.779   8.343   1.00 8.46  ? 112 SER A N   1 
ATOM   803  C CA  . SER A 1 112 ? -3.386  10.952  8.217   1.00 9.50  ? 112 SER A CA  1 
ATOM   804  C C   . SER A 1 112 ? -4.263  10.886  6.973   1.00 9.33  ? 112 SER A C   1 
ATOM   805  O O   . SER A 1 112 ? -5.413  11.340  6.983   1.00 10.07 ? 112 SER A O   1 
ATOM   806  C CB  . SER A 1 112 ? -2.563  12.236  8.226   1.00 9.47  ? 112 SER A CB  1 
ATOM   807  O OG  . SER A 1 112 ? -1.848  12.366  9.446   1.00 9.95  ? 112 SER A OG  1 
ATOM   808  N N   . LEU A 1 113 ? -3.727  10.320  5.894   1.00 9.41  ? 113 LEU A N   1 
ATOM   809  C CA  . LEU A 1 113 ? -4.515  10.168  4.670   1.00 9.42  ? 113 LEU A CA  1 
ATOM   810  C C   . LEU A 1 113 ? -5.674  9.197   4.901   1.00 9.61  ? 113 LEU A C   1 
ATOM   811  O O   . LEU A 1 113 ? -6.724  9.319   4.280   1.00 9.93  ? 113 LEU A O   1 
ATOM   812  C CB  . LEU A 1 113 ? -3.634  9.714   3.502   1.00 9.48  ? 113 LEU A CB  1 
ATOM   813  C CG  . LEU A 1 113 ? -2.711  10.801  2.934   1.00 9.00  ? 113 LEU A CG  1 
ATOM   814  C CD1 . LEU A 1 113 ? -1.593  10.186  2.108   1.00 9.63  ? 113 LEU A CD1 1 
ATOM   815  C CD2 . LEU A 1 113 ? -3.495  11.820  2.092   1.00 9.35  ? 113 LEU A CD2 1 
ATOM   816  N N   . ALA A 1 114 ? -5.468  8.233   5.798   1.00 9.81  ? 114 ALA A N   1 
ATOM   817  C CA  . ALA A 1 114 ? -6.501  7.254   6.141   1.00 10.17 ? 114 ALA A CA  1 
ATOM   818  C C   . ALA A 1 114 ? -7.539  7.804   7.127   1.00 11.07 ? 114 ALA A C   1 
ATOM   819  O O   . ALA A 1 114 ? -8.697  7.404   7.098   1.00 10.79 ? 114 ALA A O   1 
ATOM   820  C CB  . ALA A 1 114 ? -5.868  5.994   6.703   1.00 10.71 ? 114 ALA A CB  1 
ATOM   821  N N   . ASN A 1 115 ? -7.115  8.714   8.004   1.00 11.62 ? 115 ASN A N   1 
ATOM   822  C CA  . ASN A 1 115 ? -7.966  9.213   9.091   1.00 12.68 ? 115 ASN A CA  1 
ATOM   823  C C   . ASN A 1 115 ? -9.198  9.958   8.552   1.00 12.92 ? 115 ASN A C   1 
ATOM   824  O O   . ASN A 1 115 ? -9.047  10.959  7.864   1.00 13.00 ? 115 ASN A O   1 
ATOM   825  C CB  . ASN A 1 115 ? -7.134  10.131  9.995   1.00 12.50 ? 115 ASN A CB  1 
ATOM   826  C CG  . ASN A 1 115 ? -7.776  10.382  11.360  1.00 13.51 ? 115 ASN A CG  1 
ATOM   827  O OD1 . ASN A 1 115 ? -7.094  10.344  12.388  1.00 16.94 ? 115 ASN A OD1 1 
ATOM   828  N ND2 . ASN A 1 115 ? -9.067  10.660  11.373  1.00 12.50 ? 115 ASN A ND2 1 
ATOM   829  N N   . PRO A 1 116 ? -10.422 9.473   8.866   1.00 13.78 ? 116 PRO A N   1 
ATOM   830  C CA  . PRO A 1 116 ? -11.629 10.114  8.312   1.00 14.58 ? 116 PRO A CA  1 
ATOM   831  C C   . PRO A 1 116 ? -11.831 11.567  8.762   1.00 15.41 ? 116 PRO A C   1 
ATOM   832  O O   . PRO A 1 116 ? -12.597 12.309  8.130   1.00 15.80 ? 116 PRO A O   1 
ATOM   833  C CB  . PRO A 1 116 ? -12.776 9.221   8.814   1.00 14.71 ? 116 PRO A CB  1 
ATOM   834  C CG  . PRO A 1 116 ? -12.218 8.467   9.962   1.00 13.96 ? 116 PRO A CG  1 
ATOM   835  C CD  . PRO A 1 116 ? -10.748 8.318   9.720   1.00 14.06 ? 116 PRO A CD  1 
ATOM   836  N N   . ASN A 1 117 ? -11.136 11.963  9.828   1.00 15.57 ? 117 ASN A N   1 
ATOM   837  C CA  . ASN A 1 117 ? -11.207 13.323  10.362  1.00 16.30 ? 117 ASN A CA  1 
ATOM   838  C C   . ASN A 1 117 ? -10.258 14.309  9.678   1.00 15.60 ? 117 ASN A C   1 
ATOM   839  O O   . ASN A 1 117 ? -10.351 15.518  9.899   1.00 15.73 ? 117 ASN A O   1 
ATOM   840  C CB  . ASN A 1 117 ? -10.933 13.323  11.866  1.00 16.97 ? 117 ASN A CB  1 
ATOM   841  C CG  . ASN A 1 117 ? -11.979 12.557  12.657  1.00 18.62 ? 117 ASN A CG  1 
ATOM   842  O OD1 . ASN A 1 117 ? -11.663 11.933  13.669  1.00 23.35 ? 117 ASN A OD1 1 
ATOM   843  N ND2 . ASN A 1 117 ? -13.230 12.600  12.201  1.00 21.15 ? 117 ASN A ND2 1 
ATOM   844  N N   . SER A 1 118 ? -9.336  13.798  8.866   1.00 14.77 ? 118 SER A N   1 
ATOM   845  C CA  . SER A 1 118 ? -8.415  14.676  8.149   1.00 14.05 ? 118 SER A CA  1 
ATOM   846  C C   . SER A 1 118 ? -9.153  15.557  7.154   1.00 14.27 ? 118 SER A C   1 
ATOM   847  O O   . SER A 1 118 ? -10.155 15.145  6.552   1.00 13.51 ? 118 SER A O   1 
ATOM   848  C CB  . SER A 1 118 ? -7.311  13.873  7.460   1.00 14.17 ? 118 SER A CB  1 
ATOM   849  O OG  . SER A 1 118 ? -6.496  13.258  8.440   1.00 11.84 ? 118 SER A OG  1 
ATOM   850  N N   . LYS A 1 119 ? -8.645  16.777  7.009   1.00 14.63 ? 119 LYS A N   1 
ATOM   851  C CA  . LYS A 1 119 ? -9.220  17.782  6.124   1.00 14.88 ? 119 LYS A CA  1 
ATOM   852  C C   . LYS A 1 119 ? -8.201  18.188  5.059   1.00 14.65 ? 119 LYS A C   1 
ATOM   853  O O   . LYS A 1 119 ? -6.994  18.087  5.289   1.00 13.92 ? 119 LYS A O   1 
ATOM   854  C CB  . LYS A 1 119 ? -9.644  19.014  6.936   1.00 15.55 ? 119 LYS A CB  1 
ATOM   855  C CG  . LYS A 1 119 ? -10.712 18.737  7.983   1.00 17.57 ? 119 LYS A CG  1 
ATOM   856  C CD  . LYS A 1 119 ? -10.957 19.972  8.838   1.00 21.51 ? 119 LYS A CD  1 
ATOM   857  C CE  . LYS A 1 119 ? -11.942 19.697  9.971   1.00 23.70 ? 119 LYS A CE  1 
ATOM   858  N NZ  . LYS A 1 119 ? -13.368 19.675  9.525   1.00 26.56 ? 119 LYS A NZ  1 
ATOM   859  N N   . PRO A 1 120 ? -8.678  18.670  3.895   1.00 14.53 ? 120 PRO A N   1 
ATOM   860  C CA  . PRO A 1 120 ? -7.744  19.079  2.833   1.00 14.61 ? 120 PRO A CA  1 
ATOM   861  C C   . PRO A 1 120 ? -6.646  20.033  3.318   1.00 14.31 ? 120 PRO A C   1 
ATOM   862  O O   . PRO A 1 120 ? -5.486  19.893  2.928   1.00 14.17 ? 120 PRO A O   1 
ATOM   863  C CB  . PRO A 1 120 ? -8.643  19.808  1.828   1.00 15.04 ? 120 PRO A CB  1 
ATOM   864  C CG  . PRO A 1 120 ? -10.015 19.307  2.086   1.00 14.87 ? 120 PRO A CG  1 
ATOM   865  C CD  . PRO A 1 120 ? -10.091 18.854  3.505   1.00 14.66 ? 120 PRO A CD  1 
ATOM   866  N N   . GLN A 1 121 ? -7.013  20.992  4.168   1.00 14.45 ? 121 GLN A N   1 
ATOM   867  C CA  . GLN A 1 121 ? -6.076  22.022  4.627   1.00 14.11 ? 121 GLN A CA  1 
ATOM   868  C C   . GLN A 1 121 ? -4.992  21.504  5.578   1.00 13.78 ? 121 GLN A C   1 
ATOM   869  O O   . GLN A 1 121 ? -4.060  22.244  5.912   1.00 13.82 ? 121 GLN A O   1 
ATOM   870  C CB  . GLN A 1 121 ? -6.833  23.190  5.278   1.00 14.73 ? 121 GLN A CB  1 
ATOM   871  C CG  . GLN A 1 121 ? -7.640  22.824  6.533   1.00 16.27 ? 121 GLN A CG  1 
ATOM   872  C CD  . GLN A 1 121 ? -9.123  22.516  6.275   1.00 18.76 ? 121 GLN A CD  1 
ATOM   873  O OE1 . GLN A 1 121 ? -9.961  22.718  7.166   1.00 21.72 ? 121 GLN A OE1 1 
ATOM   874  N NE2 . GLN A 1 121 ? -9.455  22.026  5.078   1.00 16.72 ? 121 GLN A NE2 1 
ATOM   875  N N   . ASP A 1 122 ? -5.124  20.243  5.999   1.00 12.62 ? 122 ASP A N   1 
ATOM   876  C CA  . ASP A 1 122 ? -4.182  19.613  6.930   1.00 12.35 ? 122 ASP A CA  1 
ATOM   877  C C   . ASP A 1 122 ? -2.888  19.199  6.242   1.00 11.90 ? 122 ASP A C   1 
ATOM   878  O O   . ASP A 1 122 ? -1.906  18.859  6.913   1.00 11.96 ? 122 ASP A O   1 
ATOM   879  C CB  . ASP A 1 122 ? -4.808  18.373  7.580   1.00 12.40 ? 122 ASP A CB  1 
ATOM   880  C CG  . ASP A 1 122 ? -6.006  18.702  8.463   1.00 13.50 ? 122 ASP A CG  1 
ATOM   881  O OD1 . ASP A 1 122 ? -6.215  19.887  8.808   1.00 14.15 ? 122 ASP A OD1 1 
ATOM   882  O OD2 . ASP A 1 122 ? -6.736  17.750  8.806   1.00 13.14 ? 122 ASP A OD2 1 
ATOM   883  N N   . PHE A 1 123 ? -2.900  19.226  4.911   1.00 11.83 ? 123 PHE A N   1 
ATOM   884  C CA  . PHE A 1 123 ? -1.785  18.726  4.099   1.00 11.62 ? 123 PHE A CA  1 
ATOM   885  C C   . PHE A 1 123 ? -1.079  19.827  3.328   1.00 12.01 ? 123 PHE A C   1 
ATOM   886  O O   . PHE A 1 123 ? -1.719  20.756  2.812   1.00 12.41 ? 123 PHE A O   1 
ATOM   887  C CB  . PHE A 1 123 ? -2.260  17.647  3.121   1.00 11.81 ? 123 PHE A CB  1 
ATOM   888  C CG  . PHE A 1 123 ? -2.842  16.441  3.796   1.00 11.03 ? 123 PHE A CG  1 
ATOM   889  C CD1 . PHE A 1 123 ? -4.201  16.383  4.100   1.00 11.75 ? 123 PHE A CD1 1 
ATOM   890  C CD2 . PHE A 1 123 ? -2.024  15.369  4.154   1.00 11.27 ? 123 PHE A CD2 1 
ATOM   891  C CE1 . PHE A 1 123 ? -4.739  15.266  4.733   1.00 11.29 ? 123 PHE A CE1 1 
ATOM   892  C CE2 . PHE A 1 123 ? -2.551  14.259  4.785   1.00 10.21 ? 123 PHE A CE2 1 
ATOM   893  C CZ  . PHE A 1 123 ? -3.911  14.209  5.086   1.00 11.95 ? 123 PHE A CZ  1 
ATOM   894  N N   . ILE A 1 124 ? 0.245   19.706  3.256   1.00 11.94 ? 124 ILE A N   1 
ATOM   895  C CA  . ILE A 1 124 ? 1.081   20.539  2.397   1.00 12.41 ? 124 ILE A CA  1 
ATOM   896  C C   . ILE A 1 124 ? 1.284   19.802  1.082   1.00 12.29 ? 124 ILE A C   1 
ATOM   897  O O   . ILE A 1 124 ? 1.562   18.599  1.065   1.00 11.66 ? 124 ILE A O   1 
ATOM   898  C CB  . ILE A 1 124 ? 2.462   20.858  3.035   1.00 13.14 ? 124 ILE A CB  1 
ATOM   899  C CG1 . ILE A 1 124 ? 2.301   21.547  4.398   1.00 13.60 ? 124 ILE A CG1 1 
ATOM   900  C CG2 . ILE A 1 124 ? 3.288   21.767  2.115   1.00 13.32 ? 124 ILE A CG2 1 
ATOM   901  C CD1 . ILE A 1 124 ? 3.512   21.395  5.297   1.00 16.03 ? 124 ILE A CD1 1 
ATOM   902  N N   . LYS A 1 125 ? 1.129   20.531  -0.017  1.00 11.71 ? 125 LYS A N   1 
ATOM   903  C CA  . LYS A 1 125 ? 1.340   19.989  -1.355  1.00 12.05 ? 125 LYS A CA  1 
ATOM   904  C C   . LYS A 1 125 ? 2.245   20.937  -2.141  1.00 11.11 ? 125 LYS A C   1 
ATOM   905  O O   . LYS A 1 125 ? 2.091   22.165  -2.039  1.00 11.48 ? 125 LYS A O   1 
ATOM   906  C CB  . LYS A 1 125 ? 0.004   19.812  -2.078  1.00 11.87 ? 125 LYS A CB  1 
ATOM   907  C CG  . LYS A 1 125 ? -0.936  18.793  -1.402  1.00 13.49 ? 125 LYS A CG  1 
ATOM   908  C CD  . LYS A 1 125 ? -2.381  18.930  -1.869  1.00 14.80 ? 125 LYS A CD  1 
ATOM   909  C CE  . LYS A 1 125 ? -2.955  20.314  -1.559  1.00 17.49 ? 125 LYS A CE  1 
ATOM   910  N NZ  . LYS A 1 125 ? -4.438  20.350  -1.649  1.00 20.19 ? 125 LYS A NZ  1 
ATOM   911  N N   . PRO A 1 126 ? 3.227   20.386  -2.881  1.00 10.62 ? 126 PRO A N   1 
ATOM   912  C CA  . PRO A 1 126 ? 3.632   18.971  -2.926  1.00 10.17 ? 126 PRO A CA  1 
ATOM   913  C C   . PRO A 1 126 ? 4.299   18.509  -1.626  1.00 9.84  ? 126 PRO A C   1 
ATOM   914  O O   . PRO A 1 126 ? 4.563   19.315  -0.731  1.00 10.04 ? 126 PRO A O   1 
ATOM   915  C CB  . PRO A 1 126 ? 4.646   18.942  -4.080  1.00 10.32 ? 126 PRO A CB  1 
ATOM   916  C CG  . PRO A 1 126 ? 5.208   20.335  -4.104  1.00 11.49 ? 126 PRO A CG  1 
ATOM   917  C CD  . PRO A 1 126 ? 4.040   21.216  -3.795  1.00 10.84 ? 126 PRO A CD  1 
ATOM   918  N N   . GLY A 1 127 ? 4.557   17.212  -1.525  1.00 9.51  ? 127 GLY A N   1 
ATOM   919  C CA  . GLY A 1 127 ? 5.229   16.661  -0.364  1.00 9.27  ? 127 GLY A CA  1 
ATOM   920  C C   . GLY A 1 127 ? 5.997   15.407  -0.709  1.00 8.75  ? 127 GLY A C   1 
ATOM   921  O O   . GLY A 1 127 ? 6.523   15.284  -1.809  1.00 9.35  ? 127 GLY A O   1 
ATOM   922  N N   . HIS A 1 128 ? 6.028   14.465  0.228   1.00 8.52  ? 128 HIS A N   1 
ATOM   923  C CA  . HIS A 1 128 ? 6.919   13.312  0.124   1.00 8.69  ? 128 HIS A CA  1 
ATOM   924  C C   . HIS A 1 128 ? 6.198   11.969  0.112   1.00 8.85  ? 128 HIS A C   1 
ATOM   925  O O   . HIS A 1 128 ? 6.855   10.917  0.032   1.00 8.46  ? 128 HIS A O   1 
ATOM   926  C CB  . HIS A 1 128 ? 7.970   13.363  1.232   1.00 8.61  ? 128 HIS A CB  1 
ATOM   927  C CG  . HIS A 1 128 ? 8.852   14.573  1.162   1.00 9.36  ? 128 HIS A CG  1 
ATOM   928  N ND1 . HIS A 1 128 ? 8.461   15.804  1.645   1.00 10.02 ? 128 HIS A ND1 1 
ATOM   929  C CD2 . HIS A 1 128 ? 10.103  14.739  0.670   1.00 9.87  ? 128 HIS A CD2 1 
ATOM   930  C CE1 . HIS A 1 128 ? 9.431   16.680  1.442   1.00 7.98  ? 128 HIS A CE1 1 
ATOM   931  N NE2 . HIS A 1 128 ? 10.439  16.059  0.857   1.00 9.73  ? 128 HIS A NE2 1 
ATOM   932  N N   . ILE A 1 129 ? 4.861   12.005  0.169   1.00 7.93  ? 129 ILE A N   1 
ATOM   933  C CA  . ILE A 1 129 ? 4.037   10.810  -0.055  1.00 8.28  ? 129 ILE A CA  1 
ATOM   934  C C   . ILE A 1 129 ? 3.311   10.912  -1.390  1.00 7.93  ? 129 ILE A C   1 
ATOM   935  O O   . ILE A 1 129 ? 2.858   11.996  -1.771  1.00 8.19  ? 129 ILE A O   1 
ATOM   936  C CB  . ILE A 1 129 ? 3.038   10.572  1.118   1.00 8.32  ? 129 ILE A CB  1 
ATOM   937  C CG1 . ILE A 1 129 ? 3.752   9.910   2.301   1.00 8.21  ? 129 ILE A CG1 1 
ATOM   938  C CG2 . ILE A 1 129 ? 1.820   9.749   0.689   1.00 7.86  ? 129 ILE A CG2 1 
ATOM   939  C CD1 A ILE A 1 129 ? 4.168   8.475   2.097   0.50 6.25  ? 129 ILE A CD1 1 
ATOM   940  C CD1 B ILE A 1 129 ? 4.626   10.838  3.053   0.50 11.56 ? 129 ILE A CD1 1 
ATOM   941  N N   . LEU A 1 130 ? 3.211   9.778   -2.088  1.00 7.89  ? 130 LEU A N   1 
ATOM   942  C CA  . LEU A 1 130 ? 2.534   9.674   -3.383  1.00 7.42  ? 130 LEU A CA  1 
ATOM   943  C C   . LEU A 1 130 ? 1.177   8.972   -3.257  1.00 7.24  ? 130 LEU A C   1 
ATOM   944  O O   . LEU A 1 130 ? 1.120   7.744   -3.337  1.00 7.75  ? 130 LEU A O   1 
ATOM   945  C CB  . LEU A 1 130 ? 3.414   8.889   -4.367  1.00 7.45  ? 130 LEU A CB  1 
ATOM   946  C CG  . LEU A 1 130 ? 4.782   9.496   -4.714  1.00 6.48  ? 130 LEU A CG  1 
ATOM   947  C CD1 . LEU A 1 130 ? 5.888   8.454   -4.549  1.00 6.18  ? 130 LEU A CD1 1 
ATOM   948  C CD2 . LEU A 1 130 ? 4.801   10.088  -6.112  1.00 7.45  ? 130 LEU A CD2 1 
ATOM   949  N N   . PRO A 1 131 ? 0.086   9.739   -3.060  1.00 7.88  ? 131 PRO A N   1 
ATOM   950  C CA  . PRO A 1 131 ? -1.227  9.090   -3.027  1.00 7.59  ? 131 PRO A CA  1 
ATOM   951  C C   . PRO A 1 131 ? -1.595  8.608   -4.427  1.00 8.12  ? 131 PRO A C   1 
ATOM   952  O O   . PRO A 1 131 ? -1.195  9.227   -5.421  1.00 8.20  ? 131 PRO A O   1 
ATOM   953  C CB  . PRO A 1 131 ? -2.182  10.217  -2.578  1.00 8.30  ? 131 PRO A CB  1 
ATOM   954  C CG  . PRO A 1 131 ? -1.277  11.334  -2.055  1.00 8.58  ? 131 PRO A CG  1 
ATOM   955  C CD  . PRO A 1 131 ? -0.026  11.199  -2.884  1.00 7.50  ? 131 PRO A CD  1 
ATOM   956  N N   . LEU A 1 132 ? -2.341  7.508   -4.490  1.00 8.09  ? 132 LEU A N   1 
ATOM   957  C CA  . LEU A 1 132 ? -2.805  6.927   -5.751  1.00 8.62  ? 132 LEU A CA  1 
ATOM   958  C C   . LEU A 1 132 ? -4.313  6.776   -5.671  1.00 9.08  ? 132 LEU A C   1 
ATOM   959  O O   . LEU A 1 132 ? -4.844  6.477   -4.603  1.00 10.15 ? 132 LEU A O   1 
ATOM   960  C CB  . LEU A 1 132 ? -2.196  5.543   -5.969  1.00 8.30  ? 132 LEU A CB  1 
ATOM   961  C CG  . LEU A 1 132 ? -0.679  5.399   -5.872  1.00 9.18  ? 132 LEU A CG  1 
ATOM   962  C CD1 . LEU A 1 132 ? -0.293  3.967   -6.218  1.00 8.52  ? 132 LEU A CD1 1 
ATOM   963  C CD2 . LEU A 1 132 ? 0.031   6.400   -6.766  1.00 11.39 ? 132 LEU A CD2 1 
ATOM   964  N N   . ARG A 1 133 ? -4.995  6.996   -6.795  1.00 9.09  ? 133 ARG A N   1 
ATOM   965  C CA  . ARG A 1 133 ? -6.454  6.924   -6.838  1.00 9.43  ? 133 ARG A CA  1 
ATOM   966  C C   . ARG A 1 133 ? -6.920  5.573   -7.361  1.00 9.40  ? 133 ARG A C   1 
ATOM   967  O O   . ARG A 1 133 ? -6.742  5.261   -8.541  1.00 9.54  ? 133 ARG A O   1 
ATOM   968  C CB  . ARG A 1 133 ? -7.012  8.039   -7.721  1.00 9.02  ? 133 ARG A CB  1 
ATOM   969  C CG  . ARG A 1 133 ? -7.040  9.403   -7.044  1.00 9.82  ? 133 ARG A CG  1 
ATOM   970  C CD  . ARG A 1 133 ? -7.174  10.561  -8.057  1.00 10.54 ? 133 ARG A CD  1 
ATOM   971  N NE  A ARG A 1 133 ? -7.455  11.835  -7.391  0.50 10.50 ? 133 ARG A NE  1 
ATOM   972  N NE  B ARG A 1 133 ? -8.121  10.298  -9.141  0.50 13.67 ? 133 ARG A NE  1 
ATOM   973  C CZ  A ARG A 1 133 ? -8.679  12.302  -7.136  0.50 10.59 ? 133 ARG A CZ  1 
ATOM   974  C CZ  B ARG A 1 133 ? -9.373  10.749  -9.196  0.50 14.93 ? 133 ARG A CZ  1 
ATOM   975  N NH1 A ARG A 1 133 ? -9.751  11.607  -7.482  0.50 11.74 ? 133 ARG A NH1 1 
ATOM   976  N NH1 B ARG A 1 133 ? -9.868  11.503  -8.223  0.50 15.74 ? 133 ARG A NH1 1 
ATOM   977  N NH2 A ARG A 1 133 ? -8.832  13.475  -6.538  0.50 11.41 ? 133 ARG A NH2 1 
ATOM   978  N NH2 B ARG A 1 133 ? -10.134 10.444  -10.238 0.50 15.63 ? 133 ARG A NH2 1 
ATOM   979  N N   . ALA A 1 134 ? -7.519  4.783   -6.475  1.00 9.19  ? 134 ALA A N   1 
ATOM   980  C CA  . ALA A 1 134 ? -8.093  3.483   -6.849  1.00 9.31  ? 134 ALA A CA  1 
ATOM   981  C C   . ALA A 1 134 ? -9.457  3.673   -7.511  1.00 9.35  ? 134 ALA A C   1 
ATOM   982  O O   . ALA A 1 134 ? -10.298 4.427   -7.009  1.00 9.52  ? 134 ALA A O   1 
ATOM   983  C CB  . ALA A 1 134 ? -8.235  2.608   -5.624  1.00 9.47  ? 134 ALA A CB  1 
ATOM   984  N N   . VAL A 1 135 ? -9.691  2.974   -8.617  1.00 8.90  ? 135 VAL A N   1 
ATOM   985  C CA  . VAL A 1 135 ? -10.949 3.146   -9.344  1.00 9.11  ? 135 VAL A CA  1 
ATOM   986  C C   . VAL A 1 135 ? -12.129 2.536   -8.562  1.00 9.37  ? 135 VAL A C   1 
ATOM   987  O O   . VAL A 1 135 ? -11.963 1.523   -7.860  1.00 9.03  ? 135 VAL A O   1 
ATOM   988  C CB  . VAL A 1 135 ? -10.895 2.569   -10.792 1.00 9.46  ? 135 VAL A CB  1 
ATOM   989  C CG1 . VAL A 1 135 ? -9.766  3.205   -11.583 1.00 9.13  ? 135 VAL A CG1 1 
ATOM   990  C CG2 . VAL A 1 135 ? -10.768 1.036   -10.786 1.00 9.17  ? 135 VAL A CG2 1 
ATOM   991  N N   . PRO A 1 136 ? -13.318 3.165   -8.667  1.00 9.80  ? 136 PRO A N   1 
ATOM   992  C CA  . PRO A 1 136 ? -14.521 2.579   -8.085  1.00 9.71  ? 136 PRO A CA  1 
ATOM   993  C C   . PRO A 1 136 ? -14.737 1.167   -8.612  1.00 9.80  ? 136 PRO A C   1 
ATOM   994  O O   . PRO A 1 136 ? -14.572 0.912   -9.819  1.00 10.21 ? 136 PRO A O   1 
ATOM   995  C CB  . PRO A 1 136 ? -15.638 3.510   -8.567  1.00 10.35 ? 136 PRO A CB  1 
ATOM   996  C CG  . PRO A 1 136 ? -14.967 4.808   -8.812  1.00 9.68  ? 136 PRO A CG  1 
ATOM   997  C CD  . PRO A 1 136 ? -13.604 4.449   -9.336  1.00 10.10 ? 136 PRO A CD  1 
ATOM   998  N N   . GLY A 1 137 ? -15.115 0.265   -7.712  1.00 9.45  ? 137 GLY A N   1 
ATOM   999  C CA  . GLY A 1 137 ? -15.235 -1.149  -8.048  1.00 9.00  ? 137 GLY A CA  1 
ATOM   1000 C C   . GLY A 1 137 ? -13.971 -1.930  -7.736  1.00 9.21  ? 137 GLY A C   1 
ATOM   1001 O O   . GLY A 1 137 ? -13.989 -3.162  -7.737  1.00 9.70  ? 137 GLY A O   1 
ATOM   1002 N N   . LEU A 1 138 ? -12.878 -1.202  -7.475  1.00 8.42  ? 138 LEU A N   1 
ATOM   1003 C CA  . LEU A 1 138 ? -11.607 -1.789  -7.044  1.00 8.92  ? 138 LEU A CA  1 
ATOM   1004 C C   . LEU A 1 138 ? -11.194 -2.948  -7.953  1.00 9.31  ? 138 LEU A C   1 
ATOM   1005 O O   . LEU A 1 138 ? -11.176 -2.779  -9.175  1.00 9.61  ? 138 LEU A O   1 
ATOM   1006 C CB  . LEU A 1 138 ? -11.647 -2.137  -5.541  1.00 8.29  ? 138 LEU A CB  1 
ATOM   1007 C CG  . LEU A 1 138 ? -12.057 -0.933  -4.666  1.00 8.54  ? 138 LEU A CG  1 
ATOM   1008 C CD1 . LEU A 1 138 ? -12.285 -1.348  -3.210  1.00 7.93  ? 138 LEU A CD1 1 
ATOM   1009 C CD2 . LEU A 1 138 ? -11.023 0.195   -4.769  1.00 10.30 ? 138 LEU A CD2 1 
ATOM   1010 N N   . LEU A 1 139 ? -10.913 -4.122  -7.391  1.00 9.82  ? 139 LEU A N   1 
ATOM   1011 C CA  . LEU A 1 139 ? -10.359 -5.220  -8.187  1.00 10.68 ? 139 LEU A CA  1 
ATOM   1012 C C   . LEU A 1 139 ? -11.334 -5.844  -9.177  1.00 11.39 ? 139 LEU A C   1 
ATOM   1013 O O   . LEU A 1 139 ? -10.917 -6.600  -10.063 1.00 11.93 ? 139 LEU A O   1 
ATOM   1014 C CB  . LEU A 1 139 ? -9.779  -6.311  -7.282  1.00 10.16 ? 139 LEU A CB  1 
ATOM   1015 C CG  . LEU A 1 139 ? -8.491  -5.975  -6.536  1.00 9.75  ? 139 LEU A CG  1 
ATOM   1016 C CD1 . LEU A 1 139 ? -8.119  -7.157  -5.651  1.00 9.74  ? 139 LEU A CD1 1 
ATOM   1017 C CD2 . LEU A 1 139 ? -7.350  -5.646  -7.495  1.00 8.89  ? 139 LEU A CD2 1 
ATOM   1018 N N   . LYS A 1 140 ? -12.624 -5.540  -9.031  1.00 12.30 ? 140 LYS A N   1 
ATOM   1019 C CA  . LYS A 1 140 ? -13.606 -6.022  -10.001 1.00 14.18 ? 140 LYS A CA  1 
ATOM   1020 C C   . LYS A 1 140 ? -13.574 -5.180  -11.269 1.00 14.21 ? 140 LYS A C   1 
ATOM   1021 O O   . LYS A 1 140 ? -14.110 -5.590  -12.309 1.00 14.46 ? 140 LYS A O   1 
ATOM   1022 C CB  . LYS A 1 140 ? -15.014 -6.060  -9.403  1.00 14.02 ? 140 LYS A CB  1 
ATOM   1023 C CG  . LYS A 1 140 ? -15.218 -7.208  -8.396  1.00 16.00 ? 140 LYS A CG  1 
ATOM   1024 C CD  . LYS A 1 140 ? -16.656 -7.330  -7.916  1.00 16.44 ? 140 LYS A CD  1 
ATOM   1025 C CE  . LYS A 1 140 ? -17.025 -6.260  -6.892  1.00 20.29 ? 140 LYS A CE  1 
ATOM   1026 N NZ  . LYS A 1 140 ? -16.641 -6.585  -5.482  1.00 21.52 ? 140 LYS A NZ  1 
ATOM   1027 N N   . LYS A 1 141 ? -12.938 -4.010  -11.178 1.00 14.12 ? 141 LYS A N   1 
ATOM   1028 C CA  . LYS A 1 141 ? -12.850 -3.073  -12.293 1.00 14.91 ? 141 LYS A CA  1 
ATOM   1029 C C   . LYS A 1 141 ? -11.435 -2.982  -12.873 1.00 14.59 ? 141 LYS A C   1 
ATOM   1030 O O   . LYS A 1 141 ? -11.268 -2.907  -14.089 1.00 15.47 ? 141 LYS A O   1 
ATOM   1031 C CB  . LYS A 1 141 ? -13.363 -1.688  -11.878 1.00 15.32 ? 141 LYS A CB  1 
ATOM   1032 C CG  . LYS A 1 141 ? -13.327 -0.613  -12.965 1.00 17.70 ? 141 LYS A CG  1 
ATOM   1033 C CD  . LYS A 1 141 ? -14.062 -1.017  -14.249 1.00 21.37 ? 141 LYS A CD  1 
ATOM   1034 C CE  . LYS A 1 141 ? -15.562 -0.932  -14.118 1.00 23.02 ? 141 LYS A CE  1 
ATOM   1035 N NZ  . LYS A 1 141 ? -16.191 -0.973  -15.469 1.00 23.30 ? 141 LYS A NZ  1 
ATOM   1036 N N   . ARG A 1 142 ? -10.428 -2.982  -11.998 1.00 14.13 ? 142 ARG A N   1 
ATOM   1037 C CA  . ARG A 1 142 ? -9.028  -2.892  -12.415 1.00 14.24 ? 142 ARG A CA  1 
ATOM   1038 C C   . ARG A 1 142 ? -8.167  -3.689  -11.446 1.00 13.58 ? 142 ARG A C   1 
ATOM   1039 O O   . ARG A 1 142 ? -8.240  -3.478  -10.235 1.00 12.60 ? 142 ARG A O   1 
ATOM   1040 C CB  . ARG A 1 142 ? -8.562  -1.434  -12.434 1.00 14.01 ? 142 ARG A CB  1 
ATOM   1041 C CG  . ARG A 1 142 ? -7.121  -1.239  -12.899 1.00 15.41 ? 142 ARG A CG  1 
ATOM   1042 C CD  . ARG A 1 142 ? -6.720  0.237   -12.871 1.00 15.76 ? 142 ARG A CD  1 
ATOM   1043 N NE  . ARG A 1 142 ? -5.355  0.437   -13.368 1.00 18.41 ? 142 ARG A NE  1 
ATOM   1044 C CZ  . ARG A 1 142 ? -4.259  0.516   -12.613 1.00 20.04 ? 142 ARG A CZ  1 
ATOM   1045 N NH1 . ARG A 1 142 ? -4.325  0.427   -11.287 1.00 18.29 ? 142 ARG A NH1 1 
ATOM   1046 N NH2 . ARG A 1 142 ? -3.078  0.699   -13.194 1.00 21.47 ? 142 ARG A NH2 1 
ATOM   1047 N N   . ARG A 1 143 ? -7.346  -4.584  -11.987 1.00 13.30 ? 143 ARG A N   1 
ATOM   1048 C CA  . ARG A 1 143 ? -6.532  -5.475  -11.150 1.00 13.18 ? 143 ARG A CA  1 
ATOM   1049 C C   . ARG A 1 143 ? -5.177  -4.881  -10.742 1.00 13.00 ? 143 ARG A C   1 
ATOM   1050 O O   . ARG A 1 143 ? -4.172  -5.591  -10.680 1.00 14.14 ? 143 ARG A O   1 
ATOM   1051 C CB  . ARG A 1 143 ? -6.352  -6.830  -11.834 1.00 13.46 ? 143 ARG A CB  1 
ATOM   1052 C CG  . ARG A 1 143 ? -7.629  -7.637  -11.912 1.00 13.61 ? 143 ARG A CG  1 
ATOM   1053 C CD  . ARG A 1 143 ? -7.314  -9.094  -12.115 1.00 15.81 ? 143 ARG A CD  1 
ATOM   1054 N NE  . ARG A 1 143 ? -8.517  -9.883  -12.343 1.00 16.56 ? 143 ARG A NE  1 
ATOM   1055 C CZ  . ARG A 1 143 ? -8.556  -11.210 -12.257 1.00 18.64 ? 143 ARG A CZ  1 
ATOM   1056 N NH1 . ARG A 1 143 ? -9.690  -11.859 -12.491 1.00 18.88 ? 143 ARG A NH1 1 
ATOM   1057 N NH2 . ARG A 1 143 ? -7.460  -11.889 -11.931 1.00 18.23 ? 143 ARG A NH2 1 
ATOM   1058 N N   . GLY A 1 144 ? -5.163  -3.586  -10.443 1.00 12.71 ? 144 GLY A N   1 
ATOM   1059 C CA  . GLY A 1 144 ? -3.932  -2.918  -10.047 1.00 11.83 ? 144 GLY A CA  1 
ATOM   1060 C C   . GLY A 1 144 ? -3.600  -3.157  -8.587  1.00 11.30 ? 144 GLY A C   1 
ATOM   1061 O O   . GLY A 1 144 ? -4.476  -3.476  -7.771  1.00 11.53 ? 144 GLY A O   1 
ATOM   1062 N N   . HIS A 1 145 ? -2.324  -2.985  -8.248  1.00 10.88 ? 145 HIS A N   1 
ATOM   1063 C CA  . HIS A 1 145 ? -1.908  -3.060  -6.848  1.00 10.51 ? 145 HIS A CA  1 
ATOM   1064 C C   . HIS A 1 145 ? -2.551  -1.929  -6.032  1.00 9.97  ? 145 HIS A C   1 
ATOM   1065 O O   . HIS A 1 145 ? -2.776  -2.067  -4.833  1.00 9.75  ? 145 HIS A O   1 
ATOM   1066 C CB  . HIS A 1 145 ? -0.382  -3.051  -6.746  1.00 11.00 ? 145 HIS A CB  1 
ATOM   1067 C CG  . HIS A 1 145 ? 0.254   -4.285  -7.315  1.00 13.00 ? 145 HIS A CG  1 
ATOM   1068 N ND1 . HIS A 1 145 ? 1.485   -4.745  -6.905  1.00 15.96 ? 145 HIS A ND1 1 
ATOM   1069 C CD2 . HIS A 1 145 ? -0.192  -5.173  -8.236  1.00 14.79 ? 145 HIS A CD2 1 
ATOM   1070 C CE1 . HIS A 1 145 ? 1.777   -5.856  -7.559  1.00 16.75 ? 145 HIS A CE1 1 
ATOM   1071 N NE2 . HIS A 1 145 ? 0.775   -6.137  -8.371  1.00 16.24 ? 145 HIS A NE2 1 
ATOM   1072 N N   . THR A 1 146 ? -2.893  -0.830  -6.701  1.00 9.22  ? 146 THR A N   1 
ATOM   1073 C CA  . THR A 1 146 ? -3.604  0.266   -6.048  1.00 9.00  ? 146 THR A CA  1 
ATOM   1074 C C   . THR A 1 146 ? -4.965  -0.214  -5.564  1.00 8.67  ? 146 THR A C   1 
ATOM   1075 O O   . THR A 1 146 ? -5.322  -0.031  -4.400  1.00 9.16  ? 146 THR A O   1 
ATOM   1076 C CB  . THR A 1 146 ? -3.804  1.446   -7.016  1.00 8.72  ? 146 THR A CB  1 
ATOM   1077 O OG1 . THR A 1 146 ? -2.530  1.933   -7.444  1.00 10.16 ? 146 THR A OG1 1 
ATOM   1078 C CG2 . THR A 1 146 ? -4.589  2.574   -6.356  1.00 9.15  ? 146 THR A CG2 1 
ATOM   1079 N N   . GLU A 1 147 ? -5.721  -0.829  -6.476  1.00 8.36  ? 147 GLU A N   1 
ATOM   1080 C CA  . GLU A 1 147 ? -7.036  -1.351  -6.134  1.00 8.21  ? 147 GLU A CA  1 
ATOM   1081 C C   . GLU A 1 147 ? -6.919  -2.473  -5.105  1.00 8.60  ? 147 GLU A C   1 
ATOM   1082 O O   . GLU A 1 147 ? -7.754  -2.584  -4.203  1.00 8.29  ? 147 GLU A O   1 
ATOM   1083 C CB  . GLU A 1 147 ? -7.765  -1.835  -7.388  1.00 8.37  ? 147 GLU A CB  1 
ATOM   1084 C CG  . GLU A 1 147 ? -8.301  -0.717  -8.304  1.00 8.46  ? 147 GLU A CG  1 
ATOM   1085 C CD  . GLU A 1 147 ? -7.211  0.037   -9.057  1.00 9.20  ? 147 GLU A CD  1 
ATOM   1086 O OE1 . GLU A 1 147 ? -6.150  -0.562  -9.362  1.00 9.80  ? 147 GLU A OE1 1 
ATOM   1087 O OE2 . GLU A 1 147 ? -7.446  1.225   -9.354  1.00 8.78  ? 147 GLU A OE2 1 
ATOM   1088 N N   . ALA A 1 148 ? -5.867  -3.290  -5.224  1.00 8.20  ? 148 ALA A N   1 
ATOM   1089 C CA  . ALA A 1 148 ? -5.639  -4.362  -4.247  1.00 8.59  ? 148 ALA A CA  1 
ATOM   1090 C C   . ALA A 1 148 ? -5.509  -3.833  -2.819  1.00 8.54  ? 148 ALA A C   1 
ATOM   1091 O O   . ALA A 1 148 ? -6.115  -4.380  -1.880  1.00 8.08  ? 148 ALA A O   1 
ATOM   1092 C CB  . ALA A 1 148 ? -4.416  -5.157  -4.616  1.00 8.74  ? 148 ALA A CB  1 
ATOM   1093 N N   . ALA A 1 149 ? -4.741  -2.756  -2.666  1.00 8.24  ? 149 ALA A N   1 
ATOM   1094 C CA  . ALA A 1 149 ? -4.513  -2.155  -1.351  1.00 8.24  ? 149 ALA A CA  1 
ATOM   1095 C C   . ALA A 1 149 ? -5.816  -1.649  -0.738  1.00 8.28  ? 149 ALA A C   1 
ATOM   1096 O O   . ALA A 1 149 ? -6.119  -1.918  0.430   1.00 8.55  ? 149 ALA A O   1 
ATOM   1097 C CB  . ALA A 1 149 ? -3.492  -1.032  -1.445  1.00 8.91  ? 149 ALA A CB  1 
ATOM   1098 N N   . VAL A 1 150 ? -6.593  -0.909  -1.526  1.00 8.29  ? 150 VAL A N   1 
ATOM   1099 C CA  . VAL A 1 150 ? -7.859  -0.383  -1.015  1.00 8.32  ? 150 VAL A CA  1 
ATOM   1100 C C   . VAL A 1 150 ? -8.857  -1.527  -0.776  1.00 8.14  ? 150 VAL A C   1 
ATOM   1101 O O   . VAL A 1 150 ? -9.626  -1.492  0.195   1.00 9.04  ? 150 VAL A O   1 
ATOM   1102 C CB  . VAL A 1 150 ? -8.412  0.729   -1.931  1.00 8.45  ? 150 VAL A CB  1 
ATOM   1103 C CG1 . VAL A 1 150 ? -9.757  1.256   -1.423  1.00 8.73  ? 150 VAL A CG1 1 
ATOM   1104 C CG2 . VAL A 1 150 ? -7.405  1.870   -2.004  1.00 8.81  ? 150 VAL A CG2 1 
ATOM   1105 N N   . GLN A 1 151 ? -8.824  -2.548  -1.634  1.00 7.85  ? 151 GLN A N   1 
ATOM   1106 C CA  . GLN A 1 151 ? -9.673  -3.726  -1.437  1.00 8.06  ? 151 GLN A CA  1 
ATOM   1107 C C   . GLN A 1 151 ? -9.346  -4.443  -0.131  1.00 7.99  ? 151 GLN A C   1 
ATOM   1108 O O   . GLN A 1 151 ? -10.245 -4.826  0.624   1.00 8.78  ? 151 GLN A O   1 
ATOM   1109 C CB  . GLN A 1 151 ? -9.536  -4.714  -2.594  1.00 7.97  ? 151 GLN A CB  1 
ATOM   1110 C CG  . GLN A 1 151 ? -10.653 -5.762  -2.638  1.00 8.72  ? 151 GLN A CG  1 
ATOM   1111 C CD  . GLN A 1 151 ? -11.773 -5.402  -3.595  1.00 9.57  ? 151 GLN A CD  1 
ATOM   1112 O OE1 . GLN A 1 151 ? -12.941 -5.260  -3.200  1.00 12.83 ? 151 GLN A OE1 1 
ATOM   1113 N NE2 . GLN A 1 151 ? -11.428 -5.252  -4.856  1.00 8.39  ? 151 GLN A NE2 1 
ATOM   1114 N N   . LEU A 1 152 ? -8.053  -4.643  0.123   1.00 8.15  ? 152 LEU A N   1 
ATOM   1115 C CA  . LEU A 1 152 ? -7.605  -5.299  1.352   1.00 7.89  ? 152 LEU A CA  1 
ATOM   1116 C C   . LEU A 1 152 ? -8.079  -4.553  2.594   1.00 7.81  ? 152 LEU A C   1 
ATOM   1117 O O   . LEU A 1 152 ? -8.620  -5.155  3.524   1.00 8.52  ? 152 LEU A O   1 
ATOM   1118 C CB  . LEU A 1 152 ? -6.084  -5.451  1.365   1.00 8.25  ? 152 LEU A CB  1 
ATOM   1119 C CG  . LEU A 1 152 ? -5.557  -6.554  0.459   1.00 8.29  ? 152 LEU A CG  1 
ATOM   1120 C CD1 . LEU A 1 152 ? -4.068  -6.380  0.202   1.00 8.60  ? 152 LEU A CD1 1 
ATOM   1121 C CD2 . LEU A 1 152 ? -5.836  -7.928  1.088   1.00 8.89  ? 152 LEU A CD2 1 
ATOM   1122 N N   . SER A 1 153 ? -7.917  -3.231  2.592   1.00 7.56  ? 153 SER A N   1 
ATOM   1123 C CA  . SER A 1 153 ? -8.344  -2.429  3.731   1.00 7.97  ? 153 SER A CA  1 
ATOM   1124 C C   . SER A 1 153 ? -9.857  -2.523  3.928   1.00 8.33  ? 153 SER A C   1 
ATOM   1125 O O   . SER A 1 153 ? -10.337 -2.674  5.045   1.00 9.05  ? 153 SER A O   1 
ATOM   1126 C CB  . SER A 1 153 ? -7.894  -0.978  3.558   1.00 8.29  ? 153 SER A CB  1 
ATOM   1127 O OG  . SER A 1 153 ? -6.477  -0.897  3.646   1.00 7.22  ? 153 SER A OG  1 
ATOM   1128 N N   . THR A 1 154 ? -10.603 -2.450  2.830   1.00 8.05  ? 154 THR A N   1 
ATOM   1129 C CA  . THR A 1 154 ? -12.061 -2.564  2.882   1.00 8.52  ? 154 THR A CA  1 
ATOM   1130 C C   . THR A 1 154 ? -12.514 -3.915  3.452   1.00 8.21  ? 154 THR A C   1 
ATOM   1131 O O   . THR A 1 154 ? -13.369 -3.972  4.352   1.00 8.84  ? 154 THR A O   1 
ATOM   1132 C CB  . THR A 1 154 ? -12.674 -2.362  1.489   1.00 8.26  ? 154 THR A CB  1 
ATOM   1133 O OG1 . THR A 1 154 ? -12.307 -1.065  0.995   1.00 8.73  ? 154 THR A OG1 1 
ATOM   1134 C CG2 . THR A 1 154 ? -14.208 -2.473  1.538   1.00 9.08  ? 154 THR A CG2 1 
ATOM   1135 N N   . LEU A 1 155 ? -11.930 -4.993  2.937   1.00 8.83  ? 155 LEU A N   1 
ATOM   1136 C CA  . LEU A 1 155 ? -12.268 -6.337  3.405   1.00 8.83  ? 155 LEU A CA  1 
ATOM   1137 C C   . LEU A 1 155 ? -11.915 -6.531  4.880   1.00 8.92  ? 155 LEU A C   1 
ATOM   1138 O O   . LEU A 1 155 ? -12.567 -7.317  5.589   1.00 9.46  ? 155 LEU A O   1 
ATOM   1139 C CB  . LEU A 1 155 ? -11.559 -7.393  2.563   1.00 9.14  ? 155 LEU A CB  1 
ATOM   1140 C CG  . LEU A 1 155 ? -12.004 -7.509  1.104   1.00 9.15  ? 155 LEU A CG  1 
ATOM   1141 C CD1 . LEU A 1 155 ? -10.975 -8.287  0.290   1.00 8.24  ? 155 LEU A CD1 1 
ATOM   1142 C CD2 . LEU A 1 155 ? -13.392 -8.167  1.005   1.00 9.68  ? 155 LEU A CD2 1 
ATOM   1143 N N   . ALA A 1 156 ? -10.879 -5.819  5.328   1.00 9.05  ? 156 ALA A N   1 
ATOM   1144 C CA  . ALA A 1 156 ? -10.420 -5.879  6.720   1.00 9.28  ? 156 ALA A CA  1 
ATOM   1145 C C   . ALA A 1 156 ? -11.243 -4.988  7.668   1.00 9.40  ? 156 ALA A C   1 
ATOM   1146 O O   . ALA A 1 156 ? -10.996 -4.947  8.878   1.00 10.37 ? 156 ALA A O   1 
ATOM   1147 C CB  . ALA A 1 156 ? -8.937  -5.522  6.793   1.00 9.23  ? 156 ALA A CB  1 
ATOM   1148 N N   . GLY A 1 157 ? -12.231 -4.283  7.114   1.00 9.82  ? 157 GLY A N   1 
ATOM   1149 C CA  . GLY A 1 157 ? -13.082 -3.400  7.908   1.00 10.04 ? 157 GLY A CA  1 
ATOM   1150 C C   . GLY A 1 157 ? -12.425 -2.081  8.283   1.00 10.50 ? 157 GLY A C   1 
ATOM   1151 O O   . GLY A 1 157 ? -12.876 -1.390  9.197   1.00 10.84 ? 157 GLY A O   1 
ATOM   1152 N N   . LEU A 1 158 ? -11.358 -1.741  7.562   1.00 10.22 ? 158 LEU A N   1 
ATOM   1153 C CA  . LEU A 1 158 ? -10.568 -0.550  7.840   1.00 10.53 ? 158 LEU A CA  1 
ATOM   1154 C C   . LEU A 1 158 ? -10.896 0.579   6.860   1.00 10.70 ? 158 LEU A C   1 
ATOM   1155 O O   . LEU A 1 158 ? -11.672 0.388   5.909   1.00 10.98 ? 158 LEU A O   1 
ATOM   1156 C CB  . LEU A 1 158 ? -9.066  -0.895  7.802   1.00 10.33 ? 158 LEU A CB  1 
ATOM   1157 C CG  . LEU A 1 158 ? -8.556  -1.965  8.786   1.00 10.72 ? 158 LEU A CG  1 
ATOM   1158 C CD1 . LEU A 1 158 ? -7.080  -2.268  8.579   1.00 10.10 ? 158 LEU A CD1 1 
ATOM   1159 C CD2 . LEU A 1 158 ? -8.804  -1.574  10.245  1.00 13.59 ? 158 LEU A CD2 1 
ATOM   1160 N N   . GLN A 1 159 ? -10.325 1.763   7.095   1.00 10.69 ? 159 GLN A N   1 
ATOM   1161 C CA  . GLN A 1 159 ? -10.472 2.882   6.163   1.00 11.11 ? 159 GLN A CA  1 
ATOM   1162 C C   . GLN A 1 159 ? -9.950  2.459   4.786   1.00 11.34 ? 159 GLN A C   1 
ATOM   1163 O O   . GLN A 1 159 ? -8.962  1.736   4.710   1.00 11.44 ? 159 GLN A O   1 
ATOM   1164 C CB  . GLN A 1 159 ? -9.709  4.121   6.658   1.00 10.88 ? 159 GLN A CB  1 
ATOM   1165 C CG  . GLN A 1 159 ? -10.186 4.650   8.021   1.00 12.06 ? 159 GLN A CG  1 
ATOM   1166 C CD  . GLN A 1 159 ? -11.624 5.136   7.994   1.00 13.04 ? 159 GLN A CD  1 
ATOM   1167 O OE1 . GLN A 1 159 ? -12.079 5.716   7.002   1.00 14.18 ? 159 GLN A OE1 1 
ATOM   1168 N NE2 . GLN A 1 159 ? -12.351 4.901   9.090   1.00 14.99 ? 159 GLN A NE2 1 
ATOM   1169 N N   . PRO A 1 160 ? -10.613 2.898   3.705   1.00 12.18 ? 160 PRO A N   1 
ATOM   1170 C CA  . PRO A 1 160 ? -10.248 2.491   2.337   1.00 12.14 ? 160 PRO A CA  1 
ATOM   1171 C C   . PRO A 1 160 ? -8.954  3.166   1.867   1.00 11.67 ? 160 PRO A C   1 
ATOM   1172 O O   . PRO A 1 160 ? -8.952  3.990   0.956   1.00 12.43 ? 160 PRO A O   1 
ATOM   1173 C CB  . PRO A 1 160 ? -11.470 2.916   1.505   1.00 13.02 ? 160 PRO A CB  1 
ATOM   1174 C CG  . PRO A 1 160 ? -12.096 4.014   2.272   1.00 13.31 ? 160 PRO A CG  1 
ATOM   1175 C CD  . PRO A 1 160 ? -11.796 3.782   3.724   1.00 12.40 ? 160 PRO A CD  1 
ATOM   1176 N N   . ALA A 1 161 ? -7.852  2.800   2.518   1.00 10.41 ? 161 ALA A N   1 
ATOM   1177 C CA  . ALA A 1 161 ? -6.552  3.414   2.284   1.00 9.45  ? 161 ALA A CA  1 
ATOM   1178 C C   . ALA A 1 161 ? -5.479  2.388   2.607   1.00 8.75  ? 161 ALA A C   1 
ATOM   1179 O O   . ALA A 1 161 ? -5.545  1.717   3.642   1.00 8.36  ? 161 ALA A O   1 
ATOM   1180 C CB  . ALA A 1 161 ? -6.376  4.649   3.165   1.00 9.82  ? 161 ALA A CB  1 
ATOM   1181 N N   . GLY A 1 162 ? -4.506  2.253   1.715   1.00 8.31  ? 162 GLY A N   1 
ATOM   1182 C CA  . GLY A 1 162 ? -3.386  1.331   1.949   1.00 8.12  ? 162 GLY A CA  1 
ATOM   1183 C C   . GLY A 1 162 ? -2.071  2.036   1.699   1.00 7.95  ? 162 GLY A C   1 
ATOM   1184 O O   . GLY A 1 162 ? -2.048  3.205   1.326   1.00 7.83  ? 162 GLY A O   1 
ATOM   1185 N N   . VAL A 1 163 ? -0.974  1.315   1.888   1.00 7.70  ? 163 VAL A N   1 
ATOM   1186 C CA  . VAL A 1 163 ? 0.347   1.883   1.608   1.00 7.33  ? 163 VAL A CA  1 
ATOM   1187 C C   . VAL A 1 163 ? 1.200   0.771   1.005   1.00 7.33  ? 163 VAL A C   1 
ATOM   1188 O O   . VAL A 1 163 ? 1.137   -0.372  1.452   1.00 7.39  ? 163 VAL A O   1 
ATOM   1189 C CB  . VAL A 1 163 ? 0.986   2.532   2.871   1.00 7.41  ? 163 VAL A CB  1 
ATOM   1190 C CG1 . VAL A 1 163 ? 1.077   1.538   4.023   1.00 7.22  ? 163 VAL A CG1 1 
ATOM   1191 C CG2 . VAL A 1 163 ? 2.361   3.126   2.541   1.00 7.73  ? 163 VAL A CG2 1 
ATOM   1192 N N   . ILE A 1 164 ? 1.962   1.107   -0.038  1.00 6.78  ? 164 ILE A N   1 
ATOM   1193 C CA  . ILE A 1 164 ? 2.601   0.085   -0.868  1.00 8.04  ? 164 ILE A CA  1 
ATOM   1194 C C   . ILE A 1 164 ? 3.985   0.501   -1.336  1.00 7.77  ? 164 ILE A C   1 
ATOM   1195 O O   . ILE A 1 164 ? 4.274   1.691   -1.494  1.00 7.43  ? 164 ILE A O   1 
ATOM   1196 C CB  . ILE A 1 164 ? 1.741   -0.263  -2.125  1.00 7.96  ? 164 ILE A CB  1 
ATOM   1197 C CG1 . ILE A 1 164 ? 1.714   0.894   -3.137  1.00 9.49  ? 164 ILE A CG1 1 
ATOM   1198 C CG2 . ILE A 1 164 ? 0.323   -0.691  -1.729  1.00 10.47 ? 164 ILE A CG2 1 
ATOM   1199 C CD1 . ILE A 1 164 ? 0.935   0.581   -4.435  1.00 10.00 ? 164 ILE A CD1 1 
ATOM   1200 N N   . CYS A 1 165 ? 4.835   -0.497  -1.557  1.00 7.70  ? 165 CYS A N   1 
ATOM   1201 C CA  . CYS A 1 165 ? 6.113   -0.258  -2.221  1.00 7.60  ? 165 CYS A CA  1 
ATOM   1202 C C   . CYS A 1 165 ? 6.706   -1.575  -2.698  1.00 7.73  ? 165 CYS A C   1 
ATOM   1203 O O   . CYS A 1 165 ? 6.395   -2.640  -2.162  1.00 7.36  ? 165 CYS A O   1 
ATOM   1204 C CB  . CYS A 1 165 ? 7.075   0.503   -1.300  1.00 7.61  ? 165 CYS A CB  1 
ATOM   1205 S SG  . CYS A 1 165 ? 8.313   1.464   -2.194  1.00 8.79  ? 165 CYS A SG  1 
ATOM   1206 N N   . GLU A 1 166 ? 7.551   -1.486  -3.719  1.00 7.62  ? 166 GLU A N   1 
ATOM   1207 C CA  . GLU A 1 166 ? 8.093   -2.658  -4.410  1.00 7.82  ? 166 GLU A CA  1 
ATOM   1208 C C   . GLU A 1 166 ? 9.287   -3.241  -3.687  1.00 7.53  ? 166 GLU A C   1 
ATOM   1209 O O   . GLU A 1 166 ? 10.241  -2.519  -3.389  1.00 7.37  ? 166 GLU A O   1 
ATOM   1210 C CB  . GLU A 1 166 ? 8.548   -2.283  -5.828  1.00 8.06  ? 166 GLU A CB  1 
ATOM   1211 C CG  . GLU A 1 166 ? 7.506   -1.618  -6.706  1.00 9.58  ? 166 GLU A CG  1 
ATOM   1212 C CD  . GLU A 1 166 ? 7.429   -0.099  -6.563  1.00 10.65 ? 166 GLU A CD  1 
ATOM   1213 O OE1 . GLU A 1 166 ? 8.077   0.486   -5.667  1.00 8.63  ? 166 GLU A OE1 1 
ATOM   1214 O OE2 . GLU A 1 166 ? 6.699   0.507   -7.379  1.00 12.67 ? 166 GLU A OE2 1 
ATOM   1215 N N   . LEU A 1 167 ? 9.255   -4.548  -3.436  1.00 7.27  ? 167 LEU A N   1 
ATOM   1216 C CA  . LEU A 1 167 ? 10.406  -5.232  -2.840  1.00 7.62  ? 167 LEU A CA  1 
ATOM   1217 C C   . LEU A 1 167 ? 11.603  -5.226  -3.777  1.00 7.83  ? 167 LEU A C   1 
ATOM   1218 O O   . LEU A 1 167 ? 11.459  -5.483  -4.975  1.00 7.36  ? 167 LEU A O   1 
ATOM   1219 C CB  . LEU A 1 167 ? 10.040  -6.678  -2.480  1.00 7.31  ? 167 LEU A CB  1 
ATOM   1220 C CG  . LEU A 1 167 ? 9.205   -6.816  -1.204  1.00 7.82  ? 167 LEU A CG  1 
ATOM   1221 C CD1 . LEU A 1 167 ? 8.507   -8.161  -1.198  1.00 10.79 ? 167 LEU A CD1 1 
ATOM   1222 C CD2 . LEU A 1 167 ? 10.081  -6.635  0.052   1.00 8.01  ? 167 LEU A CD2 1 
ATOM   1223 N N   . VAL A 1 168 ? 12.774  -4.902  -3.223  1.00 8.08  ? 168 VAL A N   1 
ATOM   1224 C CA  . VAL A 1 168 ? 14.024  -4.907  -3.997  1.00 8.71  ? 168 VAL A CA  1 
ATOM   1225 C C   . VAL A 1 168 ? 15.125  -5.699  -3.303  1.00 8.78  ? 168 VAL A C   1 
ATOM   1226 O O   . VAL A 1 168 ? 15.240  -5.680  -2.056  1.00 9.03  ? 168 VAL A O   1 
ATOM   1227 C CB  . VAL A 1 168 ? 14.535  -3.478  -4.328  1.00 8.94  ? 168 VAL A CB  1 
ATOM   1228 C CG1 . VAL A 1 168 ? 13.474  -2.671  -5.043  1.00 8.96  ? 168 VAL A CG1 1 
ATOM   1229 C CG2 . VAL A 1 168 ? 15.020  -2.745  -3.096  1.00 10.66 ? 168 VAL A CG2 1 
ATOM   1230 N N   . ARG A 1 169 ? 15.940  -6.376  -4.110  1.00 9.05  ? 169 ARG A N   1 
ATOM   1231 C CA  . ARG A 1 169 ? 17.039  -7.197  -3.600  1.00 9.06  ? 169 ARG A CA  1 
ATOM   1232 C C   . ARG A 1 169 ? 18.191  -6.338  -3.090  1.00 9.49  ? 169 ARG A C   1 
ATOM   1233 O O   . ARG A 1 169 ? 18.606  -5.395  -3.757  1.00 9.03  ? 169 ARG A O   1 
ATOM   1234 C CB  . ARG A 1 169 ? 17.554  -8.131  -4.703  1.00 9.17  ? 169 ARG A CB  1 
ATOM   1235 C CG  . ARG A 1 169 ? 16.533  -9.186  -5.138  1.00 9.91  ? 169 ARG A CG  1 
ATOM   1236 C CD  . ARG A 1 169 ? 16.839  -9.736  -6.527  1.00 11.95 ? 169 ARG A CD  1 
ATOM   1237 N NE  . ARG A 1 169 ? 18.259  -10.023 -6.707  1.00 13.12 ? 169 ARG A NE  1 
ATOM   1238 C CZ  . ARG A 1 169 ? 18.878  -11.122 -6.270  1.00 16.10 ? 169 ARG A CZ  1 
ATOM   1239 N NH1 . ARG A 1 169 ? 20.181  -11.271 -6.484  1.00 17.38 ? 169 ARG A NH1 1 
ATOM   1240 N NH2 . ARG A 1 169 ? 18.211  -12.071 -5.622  1.00 16.74 ? 169 ARG A NH2 1 
ATOM   1241 N N   . ASP A 1 170 ? 18.727  -6.686  -1.922  1.00 10.34 ? 170 ASP A N   1 
ATOM   1242 C CA  . ASP A 1 170 ? 19.910  -5.995  -1.396  1.00 10.75 ? 170 ASP A CA  1 
ATOM   1243 C C   . ASP A 1 170 ? 21.142  -6.149  -2.298  1.00 11.11 ? 170 ASP A C   1 
ATOM   1244 O O   . ASP A 1 170 ? 21.986  -5.241  -2.379  1.00 11.75 ? 170 ASP A O   1 
ATOM   1245 C CB  . ASP A 1 170 ? 20.287  -6.528  -0.008  1.00 11.13 ? 170 ASP A CB  1 
ATOM   1246 C CG  . ASP A 1 170 ? 19.424  -5.967  1.106   1.00 12.85 ? 170 ASP A CG  1 
ATOM   1247 O OD1 . ASP A 1 170 ? 18.562  -5.095  0.849   1.00 13.69 ? 170 ASP A OD1 1 
ATOM   1248 O OD2 . ASP A 1 170 ? 19.632  -6.410  2.255   1.00 15.82 ? 170 ASP A OD2 1 
ATOM   1249 N N   . GLU A 1 171 ? 21.262  -7.312  -2.935  1.00 11.29 ? 171 GLU A N   1 
ATOM   1250 C CA  . GLU A 1 171 ? 22.474  -7.658  -3.678  1.00 11.87 ? 171 GLU A CA  1 
ATOM   1251 C C   . GLU A 1 171 ? 22.717  -6.733  -4.863  1.00 11.69 ? 171 GLU A C   1 
ATOM   1252 O O   . GLU A 1 171 ? 23.857  -6.335  -5.130  1.00 12.44 ? 171 GLU A O   1 
ATOM   1253 C CB  . GLU A 1 171 ? 22.436  -9.112  -4.147  1.00 12.68 ? 171 GLU A CB  1 
ATOM   1254 C CG  . GLU A 1 171 ? 22.517  -10.121 -3.009  1.00 15.16 ? 171 GLU A CG  1 
ATOM   1255 C CD  . GLU A 1 171 ? 21.163  -10.504 -2.438  1.00 17.68 ? 171 GLU A CD  1 
ATOM   1256 O OE1 . GLU A 1 171 ? 20.149  -9.832  -2.747  1.00 15.89 ? 171 GLU A OE1 1 
ATOM   1257 O OE2 . GLU A 1 171 ? 21.120  -11.494 -1.665  1.00 19.66 ? 171 GLU A OE2 1 
ATOM   1258 N N   . ASP A 1 172 ? 21.643  -6.378  -5.562  1.00 10.42 ? 172 ASP A N   1 
ATOM   1259 C CA  . ASP A 1 172 ? 21.795  -5.742  -6.863  1.00 10.24 ? 172 ASP A CA  1 
ATOM   1260 C C   . ASP A 1 172 ? 20.671  -4.792  -7.239  1.00 9.33  ? 172 ASP A C   1 
ATOM   1261 O O   . ASP A 1 172 ? 20.671  -4.259  -8.352  1.00 10.04 ? 172 ASP A O   1 
ATOM   1262 C CB  . ASP A 1 172 ? 21.939  -6.804  -7.963  1.00 10.00 ? 172 ASP A CB  1 
ATOM   1263 C CG  . ASP A 1 172 ? 20.864  -7.891  -7.887  1.00 11.27 ? 172 ASP A CG  1 
ATOM   1264 O OD1 . ASP A 1 172 ? 19.775  -7.634  -7.337  1.00 10.65 ? 172 ASP A OD1 1 
ATOM   1265 O OD2 . ASP A 1 172 ? 21.118  -9.007  -8.395  1.00 13.81 ? 172 ASP A OD2 1 
ATOM   1266 N N   . GLY A 1 173 ? 19.716  -4.604  -6.328  1.00 8.63  ? 173 GLY A N   1 
ATOM   1267 C CA  . GLY A 1 173 ? 18.641  -3.634  -6.540  1.00 8.51  ? 173 GLY A CA  1 
ATOM   1268 C C   . GLY A 1 173 ? 17.554  -4.094  -7.497  1.00 8.15  ? 173 GLY A C   1 
ATOM   1269 O O   . GLY A 1 173 ? 16.645  -3.325  -7.819  1.00 8.48  ? 173 GLY A O   1 
ATOM   1270 N N   . LEU A 1 174 ? 17.645  -5.343  -7.952  1.00 8.10  ? 174 LEU A N   1 
ATOM   1271 C CA  . LEU A 1 174 ? 16.618  -5.908  -8.825  1.00 8.23  ? 174 LEU A CA  1 
ATOM   1272 C C   . LEU A 1 174 ? 15.356  -6.205  -8.011  1.00 8.47  ? 174 LEU A C   1 
ATOM   1273 O O   . LEU A 1 174 ? 15.440  -6.543  -6.832  1.00 8.10  ? 174 LEU A O   1 
ATOM   1274 C CB  . LEU A 1 174 ? 17.144  -7.169  -9.520  1.00 7.99  ? 174 LEU A CB  1 
ATOM   1275 C CG  . LEU A 1 174 ? 18.375  -6.997  -10.416 1.00 8.80  ? 174 LEU A CG  1 
ATOM   1276 C CD1 . LEU A 1 174 ? 18.652  -8.318  -11.127 1.00 10.85 ? 174 LEU A CD1 1 
ATOM   1277 C CD2 . LEU A 1 174 ? 18.244  -5.855  -11.426 1.00 10.39 ? 174 LEU A CD2 1 
ATOM   1278 N N   . MET A 1 175 ? 14.191  -6.034  -8.628  1.00 8.34  ? 175 MET A N   1 
ATOM   1279 C CA  . MET A 1 175 ? 12.937  -6.277  -7.906  1.00 9.05  ? 175 MET A CA  1 
ATOM   1280 C C   . MET A 1 175 ? 12.794  -7.760  -7.584  1.00 9.00  ? 175 MET A C   1 
ATOM   1281 O O   . MET A 1 175 ? 13.227  -8.615  -8.369  1.00 9.22  ? 175 MET A O   1 
ATOM   1282 C CB  . MET A 1 175 ? 11.732  -5.762  -8.689  1.00 9.26  ? 175 MET A CB  1 
ATOM   1283 C CG  . MET A 1 175 ? 11.357  -4.322  -8.306  1.00 10.01 ? 175 MET A CG  1 
ATOM   1284 S SD  . MET A 1 175 ? 12.612  -3.111  -8.765  1.00 11.67 ? 175 MET A SD  1 
ATOM   1285 C CE  . MET A 1 175 ? 11.918  -1.635  -8.005  1.00 11.32 ? 175 MET A CE  1 
ATOM   1286 N N   . MET A 1 176 ? 12.191  -8.066  -6.437  1.00 9.00  ? 176 MET A N   1 
ATOM   1287 C CA  . MET A 1 176 ? 12.070  -9.457  -6.012  1.00 9.19  ? 176 MET A CA  1 
ATOM   1288 C C   . MET A 1 176 ? 10.962  -10.163 -6.776  1.00 9.40  ? 176 MET A C   1 
ATOM   1289 O O   . MET A 1 176 ? 9.806   -9.747  -6.710  1.00 9.23  ? 176 MET A O   1 
ATOM   1290 C CB  . MET A 1 176 ? 11.793  -9.552  -4.507  1.00 9.34  ? 176 MET A CB  1 
ATOM   1291 C CG  . MET A 1 176 ? 12.976  -9.245  -3.631  1.00 9.93  ? 176 MET A CG  1 
ATOM   1292 S SD  . MET A 1 176 ? 12.595  -9.579  -1.906  1.00 10.11 ? 176 MET A SD  1 
ATOM   1293 C CE  . MET A 1 176 ? 13.879  -8.642  -1.081  1.00 13.38 ? 176 MET A CE  1 
ATOM   1294 N N   . ARG A 1 177 ? 11.334  -11.214 -7.508  1.00 9.44  ? 177 ARG A N   1 
ATOM   1295 C CA  . ARG A 1 177 ? 10.391  -12.146 -8.134  1.00 10.16 ? 177 ARG A CA  1 
ATOM   1296 C C   . ARG A 1 177 ? 9.864   -13.123 -7.072  1.00 9.89  ? 177 ARG A C   1 
ATOM   1297 O O   . ARG A 1 177 ? 10.253  -13.053 -5.900  1.00 9.56  ? 177 ARG A O   1 
ATOM   1298 C CB  . ARG A 1 177 ? 11.099  -12.922 -9.269  1.00 10.67 ? 177 ARG A CB  1 
ATOM   1299 C CG  . ARG A 1 177 ? 11.001  -12.362 -10.698 1.00 16.17 ? 177 ARG A CG  1 
ATOM   1300 C CD  . ARG A 1 177 ? 11.245  -10.891 -10.793 1.00 18.94 ? 177 ARG A CD  1 
ATOM   1301 N NE  . ARG A 1 177 ? 12.031  -10.473 -11.967 1.00 20.71 ? 177 ARG A NE  1 
ATOM   1302 C CZ  . ARG A 1 177 ? 11.541  -10.180 -13.171 1.00 21.53 ? 177 ARG A CZ  1 
ATOM   1303 N NH1 . ARG A 1 177 ? 10.244  -10.304 -13.441 1.00 21.11 ? 177 ARG A NH1 1 
ATOM   1304 N NH2 . ARG A 1 177 ? 12.365  -9.769  -14.128 1.00 23.23 ? 177 ARG A NH2 1 
ATOM   1305 N N   . LEU A 1 178 ? 8.998   -14.052 -7.478  1.00 9.49  ? 178 LEU A N   1 
ATOM   1306 C CA  . LEU A 1 178 ? 8.324   -14.911 -6.504  1.00 9.40  ? 178 LEU A CA  1 
ATOM   1307 C C   . LEU A 1 178 ? 9.265   -15.648 -5.546  1.00 9.72  ? 178 LEU A C   1 
ATOM   1308 O O   . LEU A 1 178 ? 9.038   -15.645 -4.336  1.00 9.08  ? 178 LEU A O   1 
ATOM   1309 C CB  . LEU A 1 178 ? 7.366   -15.897 -7.189  1.00 9.99  ? 178 LEU A CB  1 
ATOM   1310 C CG  . LEU A 1 178 ? 6.539   -16.767 -6.232  1.00 9.92  ? 178 LEU A CG  1 
ATOM   1311 C CD1 . LEU A 1 178 ? 5.658   -15.909 -5.293  1.00 10.28 ? 178 LEU A CD1 1 
ATOM   1312 C CD2 . LEU A 1 178 ? 5.706   -17.788 -6.991  1.00 9.30  ? 178 LEU A CD2 1 
ATOM   1313 N N   . ASP A 1 179 ? 10.313  -16.281 -6.072  1.00 9.79  ? 179 ASP A N   1 
ATOM   1314 C CA  . ASP A 1 179 ? 11.188  -17.067 -5.196  1.00 10.48 ? 179 ASP A CA  1 
ATOM   1315 C C   . ASP A 1 179 ? 11.799  -16.213 -4.094  1.00 9.79  ? 179 ASP A C   1 
ATOM   1316 O O   . ASP A 1 179 ? 11.805  -16.606 -2.919  1.00 9.99  ? 179 ASP A O   1 
ATOM   1317 C CB  . ASP A 1 179 ? 12.273  -17.799 -5.973  1.00 11.06 ? 179 ASP A CB  1 
ATOM   1318 C CG  . ASP A 1 179 ? 11.736  -18.989 -6.727  1.00 13.71 ? 179 ASP A CG  1 
ATOM   1319 O OD1 . ASP A 1 179 ? 12.470  -19.528 -7.584  1.00 16.10 ? 179 ASP A OD1 1 
ATOM   1320 O OD2 . ASP A 1 179 ? 10.583  -19.391 -6.452  1.00 17.16 ? 179 ASP A OD2 1 
ATOM   1321 N N   . ASP A 1 180 ? 12.295  -15.037 -4.468  1.00 9.72  ? 180 ASP A N   1 
ATOM   1322 C CA  . ASP A 1 180 ? 12.846  -14.116 -3.479  1.00 9.84  ? 180 ASP A CA  1 
ATOM   1323 C C   . ASP A 1 180 ? 11.775  -13.629 -2.503  1.00 9.83  ? 180 ASP A C   1 
ATOM   1324 O O   . ASP A 1 180 ? 12.058  -13.427 -1.323  1.00 10.37 ? 180 ASP A O   1 
ATOM   1325 C CB  . ASP A 1 180 ? 13.569  -12.939 -4.140  1.00 10.41 ? 180 ASP A CB  1 
ATOM   1326 C CG  . ASP A 1 180 ? 14.986  -13.292 -4.588  1.00 11.86 ? 180 ASP A CG  1 
ATOM   1327 O OD1 . ASP A 1 180 ? 15.526  -12.550 -5.434  1.00 14.11 ? 180 ASP A OD1 1 
ATOM   1328 O OD2 . ASP A 1 180 ? 15.561  -14.306 -4.109  1.00 13.37 ? 180 ASP A OD2 1 
ATOM   1329 N N   . CYS A 1 181 ? 10.548  -13.445 -2.992  1.00 9.37  ? 181 CYS A N   1 
ATOM   1330 C CA  . CYS A 1 181 ? 9.455   -13.028 -2.109  1.00 9.51  ? 181 CYS A CA  1 
ATOM   1331 C C   . CYS A 1 181 ? 9.115   -14.103 -1.092  1.00 9.79  ? 181 CYS A C   1 
ATOM   1332 O O   . CYS A 1 181 ? 8.840   -13.787 0.064   1.00 10.31 ? 181 CYS A O   1 
ATOM   1333 C CB  . CYS A 1 181 ? 8.208   -12.649 -2.905  1.00 9.77  ? 181 CYS A CB  1 
ATOM   1334 S SG  . CYS A 1 181 ? 8.393   -11.109 -3.800  1.00 9.69  ? 181 CYS A SG  1 
ATOM   1335 N N   . ILE A 1 182 ? 9.132   -15.363 -1.528  1.00 9.60  ? 182 ILE A N   1 
ATOM   1336 C CA  . ILE A 1 182 ? 8.933   -16.489 -0.620  1.00 9.93  ? 182 ILE A CA  1 
ATOM   1337 C C   . ILE A 1 182 ? 9.985   -16.489 0.489   1.00 10.20 ? 182 ILE A C   1 
ATOM   1338 O O   . ILE A 1 182 ? 9.662   -16.647 1.674   1.00 10.48 ? 182 ILE A O   1 
ATOM   1339 C CB  . ILE A 1 182 ? 8.952   -17.835 -1.388  1.00 10.09 ? 182 ILE A CB  1 
ATOM   1340 C CG1 . ILE A 1 182 ? 7.728   -17.926 -2.313  1.00 10.29 ? 182 ILE A CG1 1 
ATOM   1341 C CG2 . ILE A 1 182 ? 9.045   -19.010 -0.416  1.00 11.03 ? 182 ILE A CG2 1 
ATOM   1342 C CD1 A ILE A 1 182 ? 7.761   -19.107 -3.278  0.50 8.70  ? 182 ILE A CD1 1 
ATOM   1343 C CD1 B ILE A 1 182 ? 6.413   -17.535 -1.667  0.50 11.39 ? 182 ILE A CD1 1 
ATOM   1344 N N   . GLN A 1 183 ? 11.237  -16.280 0.091   1.00 10.58 ? 183 GLN A N   1 
ATOM   1345 C CA  . GLN A 1 183 ? 12.352  -16.253 1.032   1.00 11.82 ? 183 GLN A CA  1 
ATOM   1346 C C   . GLN A 1 183 ? 12.215  -15.067 1.994   1.00 10.96 ? 183 GLN A C   1 
ATOM   1347 O O   . GLN A 1 183 ? 12.446  -15.215 3.199   1.00 11.10 ? 183 GLN A O   1 
ATOM   1348 C CB  . GLN A 1 183 ? 13.673  -16.204 0.269   1.00 12.08 ? 183 GLN A CB  1 
ATOM   1349 C CG  . GLN A 1 183 ? 14.923  -16.146 1.126   1.00 14.88 ? 183 GLN A CG  1 
ATOM   1350 C CD  . GLN A 1 183 ? 16.173  -15.898 0.299   1.00 15.38 ? 183 GLN A CD  1 
ATOM   1351 O OE1 . GLN A 1 183 ? 17.114  -16.698 0.319   1.00 21.20 ? 183 GLN A OE1 1 
ATOM   1352 N NE2 . GLN A 1 183 ? 16.191  -14.791 -0.437  1.00 19.27 ? 183 GLN A NE2 1 
ATOM   1353 N N   . PHE A 1 184 ? 11.805  -13.916 1.461   1.00 10.51 ? 184 PHE A N   1 
ATOM   1354 C CA  . PHE A 1 184 ? 11.606  -12.706 2.274   1.00 10.25 ? 184 PHE A CA  1 
ATOM   1355 C C   . PHE A 1 184 ? 10.461  -12.906 3.271   1.00 10.22 ? 184 PHE A C   1 
ATOM   1356 O O   . PHE A 1 184 ? 10.564  -12.534 4.453   1.00 10.86 ? 184 PHE A O   1 
ATOM   1357 C CB  . PHE A 1 184 ? 11.331  -11.495 1.372   1.00 9.70  ? 184 PHE A CB  1 
ATOM   1358 C CG  . PHE A 1 184 ? 11.306  -10.180 2.106   1.00 8.70  ? 184 PHE A CG  1 
ATOM   1359 C CD1 . PHE A 1 184 ? 12.474  -9.432  2.270   1.00 9.15  ? 184 PHE A CD1 1 
ATOM   1360 C CD2 . PHE A 1 184 ? 10.104  -9.679  2.624   1.00 8.69  ? 184 PHE A CD2 1 
ATOM   1361 C CE1 . PHE A 1 184 ? 12.453  -8.216  2.951   1.00 9.19  ? 184 PHE A CE1 1 
ATOM   1362 C CE2 . PHE A 1 184 ? 10.066  -8.469  3.304   1.00 8.94  ? 184 PHE A CE2 1 
ATOM   1363 C CZ  . PHE A 1 184 ? 11.242  -7.735  3.471   1.00 8.57  ? 184 PHE A CZ  1 
ATOM   1364 N N   . GLY A 1 185 ? 9.374   -13.507 2.795   1.00 10.48 ? 185 GLY A N   1 
ATOM   1365 C CA  . GLY A 1 185 ? 8.228   -13.823 3.649   1.00 10.90 ? 185 GLY A CA  1 
ATOM   1366 C C   . GLY A 1 185 ? 8.596   -14.744 4.803   1.00 11.68 ? 185 GLY A C   1 
ATOM   1367 O O   . GLY A 1 185 ? 8.181   -14.517 5.939   1.00 11.49 ? 185 GLY A O   1 
ATOM   1368 N N   . LYS A 1 186 ? 9.367   -15.790 4.507   1.00 11.86 ? 186 LYS A N   1 
ATOM   1369 C CA  . LYS A 1 186 ? 9.825   -16.735 5.532   1.00 12.77 ? 186 LYS A CA  1 
ATOM   1370 C C   . LYS A 1 186 ? 10.748  -16.052 6.545   1.00 12.72 ? 186 LYS A C   1 
ATOM   1371 O O   . LYS A 1 186 ? 10.612  -16.250 7.760   1.00 13.11 ? 186 LYS A O   1 
ATOM   1372 C CB  . LYS A 1 186 ? 10.558  -17.911 4.890   1.00 13.28 ? 186 LYS A CB  1 
ATOM   1373 C CG  . LYS A 1 186 ? 9.685   -18.875 4.115   1.00 16.51 ? 186 LYS A CG  1 
ATOM   1374 C CD  . LYS A 1 186 ? 10.572  -19.873 3.369   1.00 19.89 ? 186 LYS A CD  1 
ATOM   1375 C CE  . LYS A 1 186 ? 9.791   -21.015 2.736   1.00 22.98 ? 186 LYS A CE  1 
ATOM   1376 N NZ  . LYS A 1 186 ? 10.668  -21.780 1.790   1.00 24.75 ? 186 LYS A NZ  1 
ATOM   1377 N N   . LYS A 1 187 ? 11.686  -15.252 6.044   1.00 12.77 ? 187 LYS A N   1 
ATOM   1378 C CA  . LYS A 1 187 ? 12.658  -14.591 6.907   1.00 13.33 ? 187 LYS A CA  1 
ATOM   1379 C C   . LYS A 1 187 ? 11.980  -13.626 7.878   1.00 12.73 ? 187 LYS A C   1 
ATOM   1380 O O   . LYS A 1 187 ? 12.326  -13.572 9.059   1.00 13.20 ? 187 LYS A O   1 
ATOM   1381 C CB  . LYS A 1 187 ? 13.725  -13.857 6.091   1.00 13.24 ? 187 LYS A CB  1 
ATOM   1382 C CG  . LYS A 1 187 ? 14.775  -13.151 6.953   1.00 14.72 ? 187 LYS A CG  1 
ATOM   1383 C CD  . LYS A 1 187 ? 15.966  -12.671 6.125   1.00 15.80 ? 187 LYS A CD  1 
ATOM   1384 C CE  . LYS A 1 187 ? 17.241  -12.598 6.961   1.00 20.74 ? 187 LYS A CE  1 
ATOM   1385 N NZ  . LYS A 1 187 ? 17.220  -11.495 7.955   1.00 22.45 ? 187 LYS A NZ  1 
ATOM   1386 N N   . HIS A 1 188 ? 11.004  -12.878 7.376   1.00 12.18 ? 188 HIS A N   1 
ATOM   1387 C CA  . HIS A 1 188 ? 10.391  -11.812 8.168   1.00 11.60 ? 188 HIS A CA  1 
ATOM   1388 C C   . HIS A 1 188 ? 9.019   -12.156 8.747   1.00 11.44 ? 188 HIS A C   1 
ATOM   1389 O O   . HIS A 1 188 ? 8.412   -11.336 9.452   1.00 12.11 ? 188 HIS A O   1 
ATOM   1390 C CB  . HIS A 1 188 ? 10.330  -10.535 7.325   1.00 11.83 ? 188 HIS A CB  1 
ATOM   1391 C CG  . HIS A 1 188 ? 11.679  -9.965  7.032   1.00 11.52 ? 188 HIS A CG  1 
ATOM   1392 N ND1 . HIS A 1 188 ? 12.290  -10.084 5.805   1.00 13.30 ? 188 HIS A ND1 1 
ATOM   1393 C CD2 . HIS A 1 188 ? 12.554  -9.305  7.829   1.00 11.03 ? 188 HIS A CD2 1 
ATOM   1394 C CE1 . HIS A 1 188 ? 13.476  -9.504  5.851   1.00 11.05 ? 188 HIS A CE1 1 
ATOM   1395 N NE2 . HIS A 1 188 ? 13.658  -9.023  7.067   1.00 13.20 ? 188 HIS A NE2 1 
ATOM   1396 N N   . GLY A 1 189 ? 8.548   -13.367 8.457   1.00 11.25 ? 189 GLY A N   1 
ATOM   1397 C CA  . GLY A 1 189 ? 7.237   -13.823 8.907   1.00 10.81 ? 189 GLY A CA  1 
ATOM   1398 C C   . GLY A 1 189 ? 6.112   -13.007 8.315   1.00 10.40 ? 189 GLY A C   1 
ATOM   1399 O O   . GLY A 1 189 ? 5.193   -12.575 9.027   1.00 10.76 ? 189 GLY A O   1 
ATOM   1400 N N   . ILE A 1 190 ? 6.184   -12.808 7.001   1.00 9.76  ? 190 ILE A N   1 
ATOM   1401 C CA  . ILE A 1 190 ? 5.162   -12.051 6.284   1.00 9.50  ? 190 ILE A CA  1 
ATOM   1402 C C   . ILE A 1 190 ? 4.452   -12.979 5.291   1.00 9.48  ? 190 ILE A C   1 
ATOM   1403 O O   . ILE A 1 190 ? 5.101   -13.690 4.523   1.00 9.65  ? 190 ILE A O   1 
ATOM   1404 C CB  . ILE A 1 190 ? 5.766   -10.827 5.552   1.00 9.38  ? 190 ILE A CB  1 
ATOM   1405 C CG1 . ILE A 1 190 ? 6.363   -9.835  6.557   1.00 9.33  ? 190 ILE A CG1 1 
ATOM   1406 C CG2 . ILE A 1 190 ? 4.704   -10.129 4.706   1.00 10.23 ? 190 ILE A CG2 1 
ATOM   1407 C CD1 . ILE A 1 190 ? 7.212   -8.719  5.909   1.00 9.96  ? 190 ILE A CD1 1 
ATOM   1408 N N   . LYS A 1 191 ? 3.120   -12.977 5.338   1.00 9.08  ? 191 LYS A N   1 
ATOM   1409 C CA  . LYS A 1 191 ? 2.288   -13.813 4.467   1.00 8.83  ? 191 LYS A CA  1 
ATOM   1410 C C   . LYS A 1 191 ? 2.213   -13.264 3.041   1.00 8.91  ? 191 LYS A C   1 
ATOM   1411 O O   . LYS A 1 191 ? 2.318   -12.048 2.832   1.00 9.77  ? 191 LYS A O   1 
ATOM   1412 C CB  . LYS A 1 191 ? 0.878   -13.917 5.050   1.00 9.56  ? 191 LYS A CB  1 
ATOM   1413 C CG  . LYS A 1 191 ? 0.805   -14.727 6.341   1.00 10.04 ? 191 LYS A CG  1 
ATOM   1414 C CD  . LYS A 1 191 ? -0.455  -14.360 7.125   1.00 12.75 ? 191 LYS A CD  1 
ATOM   1415 C CE  . LYS A 1 191 ? -0.865  -15.442 8.111   1.00 12.56 ? 191 LYS A CE  1 
ATOM   1416 N NZ  . LYS A 1 191 ? 0.238   -15.822 9.052   1.00 12.76 ? 191 LYS A NZ  1 
ATOM   1417 N N   . ILE A 1 192 ? 2.018   -14.171 2.077   1.00 8.68  ? 192 ILE A N   1 
ATOM   1418 C CA  . ILE A 1 192 ? 1.996   -13.827 0.641   1.00 8.65  ? 192 ILE A CA  1 
ATOM   1419 C C   . ILE A 1 192 ? 0.650   -14.192 0.048   1.00 8.68  ? 192 ILE A C   1 
ATOM   1420 O O   . ILE A 1 192 ? 0.136   -15.283 0.289   1.00 9.25  ? 192 ILE A O   1 
ATOM   1421 C CB  . ILE A 1 192 ? 3.089   -14.597 -0.191  1.00 9.17  ? 192 ILE A CB  1 
ATOM   1422 C CG1 . ILE A 1 192 ? 4.417   -14.734 0.571   1.00 9.92  ? 192 ILE A CG1 1 
ATOM   1423 C CG2 . ILE A 1 192 ? 3.250   -13.999 -1.600  1.00 9.53  ? 192 ILE A CG2 1 
ATOM   1424 C CD1 A ILE A 1 192 ? 5.525   -15.408 -0.195  0.50 8.10  ? 192 ILE A CD1 1 
ATOM   1425 C CD1 B ILE A 1 192 ? 4.997   -13.525 1.141   0.50 10.79 ? 192 ILE A CD1 1 
ATOM   1426 N N   . ILE A 1 193 ? 0.079   -13.264 -0.704  1.00 8.39  ? 193 ILE A N   1 
ATOM   1427 C CA  . ILE A 1 193 ? -1.148  -13.519 -1.466  1.00 8.08  ? 193 ILE A CA  1 
ATOM   1428 C C   . ILE A 1 193 ? -0.948  -13.038 -2.897  1.00 8.10  ? 193 ILE A C   1 
ATOM   1429 O O   . ILE A 1 193 ? 0.065   -12.407 -3.215  1.00 7.96  ? 193 ILE A O   1 
ATOM   1430 C CB  . ILE A 1 193 ? -2.399  -12.809 -0.858  1.00 7.95  ? 193 ILE A CB  1 
ATOM   1431 C CG1 . ILE A 1 193 ? -2.241  -11.275 -0.861  1.00 7.88  ? 193 ILE A CG1 1 
ATOM   1432 C CG2 . ILE A 1 193 ? -2.682  -13.332 0.551   1.00 8.93  ? 193 ILE A CG2 1 
ATOM   1433 C CD1 . ILE A 1 193 ? -3.554  -10.517 -0.776  1.00 7.76  ? 193 ILE A CD1 1 
ATOM   1434 N N   . ASN A 1 194 ? -1.913  -13.349 -3.754  1.00 8.00  ? 194 ASN A N   1 
ATOM   1435 C CA  . ASN A 1 194 ? -1.903  -12.814 -5.108  1.00 8.05  ? 194 ASN A CA  1 
ATOM   1436 C C   . ASN A 1 194 ? -3.269  -12.262 -5.505  1.00 8.25  ? 194 ASN A C   1 
ATOM   1437 O O   . ASN A 1 194 ? -4.298  -12.656 -4.952  1.00 7.91  ? 194 ASN A O   1 
ATOM   1438 C CB  . ASN A 1 194 ? -1.330  -13.826 -6.125  1.00 8.56  ? 194 ASN A CB  1 
ATOM   1439 C CG  . ASN A 1 194 ? -2.188  -15.071 -6.284  1.00 8.14  ? 194 ASN A CG  1 
ATOM   1440 O OD1 . ASN A 1 194 ? -1.861  -16.145 -5.747  1.00 10.44 ? 194 ASN A OD1 1 
ATOM   1441 N ND2 . ASN A 1 194 ? -3.280  -14.946 -7.038  1.00 8.35  ? 194 ASN A ND2 1 
ATOM   1442 N N   . ILE A 1 195 ? -3.261  -11.318 -6.440  1.00 8.69  ? 195 ILE A N   1 
ATOM   1443 C CA  . ILE A 1 195 ? -4.476  -10.632 -6.848  1.00 9.29  ? 195 ILE A CA  1 
ATOM   1444 C C   . ILE A 1 195 ? -5.538  -11.548 -7.463  1.00 10.41 ? 195 ILE A C   1 
ATOM   1445 O O   . ILE A 1 195 ? -6.712  -11.420 -7.126  1.00 10.26 ? 195 ILE A O   1 
ATOM   1446 C CB  . ILE A 1 195 ? -4.155  -9.375  -7.704  1.00 9.18  ? 195 ILE A CB  1 
ATOM   1447 C CG1 . ILE A 1 195 ? -3.430  -8.342  -6.825  1.00 9.01  ? 195 ILE A CG1 1 
ATOM   1448 C CG2 . ILE A 1 195 ? -5.422  -8.790  -8.342  1.00 8.77  ? 195 ILE A CG2 1 
ATOM   1449 C CD1 A ILE A 1 195 ? -2.768  -7.216  -7.591  0.50 5.92  ? 195 ILE A CD1 1 
ATOM   1450 C CD1 B ILE A 1 195 ? -4.118  -8.041  -5.496  0.50 11.10 ? 195 ILE A CD1 1 
ATOM   1451 N N   . ASN A 1 196 ? -5.140  -12.480 -8.328  1.00 11.16 ? 196 ASN A N   1 
ATOM   1452 C CA  . ASN A 1 196 ? -6.116  -13.431 -8.880  1.00 12.37 ? 196 ASN A CA  1 
ATOM   1453 C C   . ASN A 1 196 ? -6.843  -14.165 -7.753  1.00 12.23 ? 196 ASN A C   1 
ATOM   1454 O O   . ASN A 1 196 ? -8.068  -14.322 -7.768  1.00 12.44 ? 196 ASN A O   1 
ATOM   1455 C CB  . ASN A 1 196 ? -5.433  -14.441 -9.806  1.00 13.40 ? 196 ASN A CB  1 
ATOM   1456 C CG  . ASN A 1 196 ? -6.428  -15.204 -10.672 1.00 15.70 ? 196 ASN A CG  1 
ATOM   1457 O OD1 . ASN A 1 196 ? -7.222  -14.606 -11.402 1.00 19.06 ? 196 ASN A OD1 1 
ATOM   1458 N ND2 . ASN A 1 196 ? -6.399  -16.533 -10.579 1.00 17.55 ? 196 ASN A ND2 1 
ATOM   1459 N N   . GLN A 1 197 ? -6.062  -14.594 -6.766  1.00 12.26 ? 197 GLN A N   1 
ATOM   1460 C CA  . GLN A 1 197 ? -6.567  -15.277 -5.591  1.00 12.39 ? 197 GLN A CA  1 
ATOM   1461 C C   . GLN A 1 197 ? -7.580  -14.401 -4.839  1.00 12.35 ? 197 GLN A C   1 
ATOM   1462 O O   . GLN A 1 197 ? -8.637  -14.877 -4.411  1.00 12.92 ? 197 GLN A O   1 
ATOM   1463 C CB  . GLN A 1 197 ? -5.371  -15.654 -4.719  1.00 12.99 ? 197 GLN A CB  1 
ATOM   1464 C CG  . GLN A 1 197 ? -5.688  -16.382 -3.454  1.00 12.25 ? 197 GLN A CG  1 
ATOM   1465 C CD  . GLN A 1 197 ? -4.553  -16.314 -2.438  1.00 12.12 ? 197 GLN A CD  1 
ATOM   1466 O OE1 . GLN A 1 197 ? -3.610  -15.508 -2.564  1.00 10.22 ? 197 GLN A OE1 1 
ATOM   1467 N NE2 . GLN A 1 197 ? -4.645  -17.154 -1.415  1.00 11.91 ? 197 GLN A NE2 1 
ATOM   1468 N N   . LEU A 1 198 ? -7.267  -13.113 -4.711  1.00 11.85 ? 198 LEU A N   1 
ATOM   1469 C CA  . LEU A 1 198 ? -8.150  -12.149 -4.059  1.00 11.94 ? 198 LEU A CA  1 
ATOM   1470 C C   . LEU A 1 198 ? -9.437  -11.885 -4.859  1.00 11.79 ? 198 LEU A C   1 
ATOM   1471 O O   . LEU A 1 198 ? -10.529 -11.784 -4.284  1.00 12.06 ? 198 LEU A O   1 
ATOM   1472 C CB  . LEU A 1 198 ? -7.380  -10.853 -3.795  1.00 12.37 ? 198 LEU A CB  1 
ATOM   1473 C CG  . LEU A 1 198 ? -7.980  -9.780  -2.891  1.00 13.91 ? 198 LEU A CG  1 
ATOM   1474 C CD1 . LEU A 1 198 ? -8.510  -10.371 -1.583  1.00 13.65 ? 198 LEU A CD1 1 
ATOM   1475 C CD2 . LEU A 1 198 ? -6.926  -8.712  -2.608  1.00 12.98 ? 198 LEU A CD2 1 
ATOM   1476 N N   . VAL A 1 199 ? -9.314  -11.788 -6.181  1.00 11.29 ? 199 VAL A N   1 
ATOM   1477 C CA  . VAL A 1 199 ? -10.495 -11.629 -7.040  1.00 11.66 ? 199 VAL A CA  1 
ATOM   1478 C C   . VAL A 1 199 ? -11.422 -12.847 -6.948  1.00 12.42 ? 199 VAL A C   1 
ATOM   1479 O O   . VAL A 1 199 ? -12.647 -12.706 -6.893  1.00 12.66 ? 199 VAL A O   1 
ATOM   1480 C CB  . VAL A 1 199 ? -10.101 -11.342 -8.506  1.00 11.31 ? 199 VAL A CB  1 
ATOM   1481 C CG1 . VAL A 1 199 ? -11.342 -11.287 -9.409  1.00 11.75 ? 199 VAL A CG1 1 
ATOM   1482 C CG2 . VAL A 1 199 ? -9.343  -10.019 -8.581  1.00 10.89 ? 199 VAL A CG2 1 
ATOM   1483 N N   . GLU A 1 200 ? -10.835 -14.040 -6.910  1.00 12.80 ? 200 GLU A N   1 
ATOM   1484 C CA  . GLU A 1 200 ? -11.624 -15.261 -6.746  1.00 14.56 ? 200 GLU A CA  1 
ATOM   1485 C C   . GLU A 1 200 ? -12.430 -15.186 -5.448  1.00 14.14 ? 200 GLU A C   1 
ATOM   1486 O O   . GLU A 1 200 ? -13.628 -15.502 -5.426  1.00 13.98 ? 200 GLU A O   1 
ATOM   1487 C CB  . GLU A 1 200 ? -10.723 -16.503 -6.778  1.00 14.06 ? 200 GLU A CB  1 
ATOM   1488 C CG  . GLU A 1 200 ? -10.255 -16.864 -8.190  1.00 16.70 ? 200 GLU A CG  1 
ATOM   1489 C CD  . GLU A 1 200 ? -9.064  -17.820 -8.250  1.00 17.88 ? 200 GLU A CD  1 
ATOM   1490 O OE1 . GLU A 1 200 ? -8.366  -18.023 -7.226  1.00 22.93 ? 200 GLU A OE1 1 
ATOM   1491 O OE2 . GLU A 1 200 ? -8.811  -18.356 -9.355  1.00 22.48 ? 200 GLU A OE2 1 
ATOM   1492 N N   . TYR A 1 201 ? -11.783 -14.721 -4.379  1.00 13.90 ? 201 TYR A N   1 
ATOM   1493 C CA  . TYR A 1 201 ? -12.449 -14.635 -3.077  1.00 14.10 ? 201 TYR A CA  1 
ATOM   1494 C C   . TYR A 1 201 ? -13.648 -13.695 -3.092  1.00 14.48 ? 201 TYR A C   1 
ATOM   1495 O O   . TYR A 1 201 ? -14.724 -14.054 -2.604  1.00 14.55 ? 201 TYR A O   1 
ATOM   1496 C CB  . TYR A 1 201 ? -11.469 -14.230 -1.974  1.00 14.36 ? 201 TYR A CB  1 
ATOM   1497 C CG  . TYR A 1 201 ? -12.115 -14.171 -0.603  1.00 13.78 ? 201 TYR A CG  1 
ATOM   1498 C CD1 . TYR A 1 201 ? -12.317 -15.337 0.140   1.00 14.22 ? 201 TYR A CD1 1 
ATOM   1499 C CD2 . TYR A 1 201 ? -12.550 -12.958 -0.063  1.00 13.80 ? 201 TYR A CD2 1 
ATOM   1500 C CE1 . TYR A 1 201 ? -12.929 -15.294 1.382   1.00 14.54 ? 201 TYR A CE1 1 
ATOM   1501 C CE2 . TYR A 1 201 ? -13.162 -12.905 1.185   1.00 13.80 ? 201 TYR A CE2 1 
ATOM   1502 C CZ  . TYR A 1 201 ? -13.343 -14.078 1.904   1.00 14.60 ? 201 TYR A CZ  1 
ATOM   1503 O OH  . TYR A 1 201 ? -13.953 -14.032 3.134   1.00 14.92 ? 201 TYR A OH  1 
ATOM   1504 N N   . ILE A 1 202 ? -13.462 -12.495 -3.644  1.00 14.80 ? 202 ILE A N   1 
ATOM   1505 C CA  . ILE A 1 202 ? -14.518 -11.482 -3.648  1.00 15.45 ? 202 ILE A CA  1 
ATOM   1506 C C   . ILE A 1 202 ? -15.602 -11.730 -4.694  1.00 16.39 ? 202 ILE A C   1 
ATOM   1507 O O   . ILE A 1 202 ? -16.627 -11.049 -4.686  1.00 16.04 ? 202 ILE A O   1 
ATOM   1508 C CB  . ILE A 1 202 ? -13.963 -10.037 -3.819  1.00 15.56 ? 202 ILE A CB  1 
ATOM   1509 C CG1 . ILE A 1 202 ? -13.287 -9.861  -5.188  1.00 15.34 ? 202 ILE A CG1 1 
ATOM   1510 C CG2 . ILE A 1 202 ? -13.034 -9.677  -2.656  1.00 14.36 ? 202 ILE A CG2 1 
ATOM   1511 C CD1 . ILE A 1 202 ? -12.943 -8.416  -5.548  1.00 15.02 ? 202 ILE A CD1 1 
ATOM   1512 N N   . SER A 1 203 ? -15.375 -12.701 -5.579  1.00 17.92 ? 203 SER A N   1 
ATOM   1513 C CA  . SER A 1 203 ? -16.308 -12.996 -6.676  1.00 19.58 ? 203 SER A CA  1 
ATOM   1514 C C   . SER A 1 203 ? -17.103 -14.284 -6.420  1.00 20.65 ? 203 SER A C   1 
ATOM   1515 O O   . SER A 1 203 ? -16.833 -15.008 -5.457  1.00 21.32 ? 203 SER A O   1 
ATOM   1516 C CB  . SER A 1 203 ? -15.551 -13.087 -8.009  1.00 19.42 ? 203 SER A CB  1 
ATOM   1517 O OG  . SER A 1 203 ? -14.836 -11.887 -8.272  1.00 19.84 ? 203 SER A OG  1 
ATOM   1518 N N   . LYS A 1 204 ? -18.078 -14.558 -7.287  1.00 21.64 ? 204 LYS A N   1 
ATOM   1519 C CA  . LYS A 1 204 ? -18.923 -15.748 -7.168  1.00 23.21 ? 204 LYS A CA  1 
ATOM   1520 C C   . LYS A 1 204 ? -20.344 -15.385 -6.737  1.00 23.59 ? 204 LYS A C   1 
ATOM   1521 O O   . LYS A 1 204 ? -20.824 -14.626 -6.728  0.00 28.19 ? 204 LYS A O   1 
ATOM   1522 C CB  . LYS A 1 204 ? -18.148 -16.985 -5.966  0.00 26.17 ? 204 LYS A CB  1 
ATOM   1523 C CG  . LYS A 1 204 ? -17.225 -17.940 -6.716  0.00 24.76 ? 204 LYS A CG  1 
ATOM   1524 C CD  . LYS A 1 204 ? -17.978 -18.880 -7.655  0.00 23.48 ? 204 LYS A CD  1 
ATOM   1525 C CE  . LYS A 1 204 ? -18.307 -18.227 -8.990  0.00 22.71 ? 204 LYS A CE  1 
ATOM   1526 N NZ  . LYS A 1 204 ? -18.988 -19.170 -9.923  0.00 22.03 ? 204 LYS A NZ  1 
ATOM   1527 O OXT . LYS A 1 204 ? -20.961 -16.079 -5.921  1.00 24.60 ? 204 LYS A OXT 1 
HETATM 1528 O O   . HOH B 2 .   ? 13.713  8.719   9.360   1.00 8.38  ? 205 HOH A O   1 
HETATM 1529 O O   . HOH B 2 .   ? 9.206   -5.998  -6.444  1.00 9.54  ? 206 HOH A O   1 
HETATM 1530 O O   . HOH B 2 .   ? 11.667  8.358   -7.787  1.00 21.08 ? 207 HOH A O   1 
HETATM 1531 O O   . HOH B 2 .   ? 11.971  8.656   11.413  1.00 9.42  ? 208 HOH A O   1 
HETATM 1532 O O   . HOH B 2 .   ? 7.148   8.055   -0.521  1.00 8.50  ? 209 HOH A O   1 
HETATM 1533 O O   . HOH B 2 .   ? 16.693  -0.581  -6.987  1.00 7.98  ? 210 HOH A O   1 
HETATM 1534 O O   . HOH B 2 .   ? 3.637   -14.766 -8.097  1.00 9.27  ? 211 HOH A O   1 
HETATM 1535 O O   . HOH B 2 .   ? 2.201   -17.121 2.437   1.00 10.54 ? 212 HOH A O   1 
HETATM 1536 O O   . HOH B 2 .   ? 13.648  3.469   7.030   1.00 35.56 ? 213 HOH A O   1 
HETATM 1537 O O   . HOH B 2 .   ? -14.339 5.358   -0.656  1.00 9.88  ? 214 HOH A O   1 
HETATM 1538 O O   . HOH B 2 .   ? 1.668   -11.180 7.058   1.00 9.67  ? 215 HOH A O   1 
HETATM 1539 O O   . HOH B 2 .   ? -15.888 5.271   -2.909  1.00 10.19 ? 216 HOH A O   1 
HETATM 1540 O O   . HOH B 2 .   ? -1.893  -3.870  7.735   1.00 8.35  ? 217 HOH A O   1 
HETATM 1541 O O   . HOH B 2 .   ? 8.966   -15.342 -19.818 1.00 9.12  ? 218 HOH A O   1 
HETATM 1542 O O   . HOH B 2 .   ? 18.367  -0.689  -4.669  1.00 9.44  ? 219 HOH A O   1 
HETATM 1543 O O   . HOH B 2 .   ? 10.839  -16.441 -9.020  1.00 13.23 ? 220 HOH A O   1 
HETATM 1544 O O   . HOH B 2 .   ? -6.139  2.213   6.521   1.00 10.82 ? 221 HOH A O   1 
HETATM 1545 O O   . HOH B 2 .   ? -14.707 9.106   -8.923  1.00 12.12 ? 222 HOH A O   1 
HETATM 1546 O O   . HOH B 2 .   ? 5.976   -15.400 -17.072 1.00 11.91 ? 223 HOH A O   1 
HETATM 1547 O O   . HOH B 2 .   ? -5.635  7.039   10.639  1.00 13.89 ? 224 HOH A O   1 
HETATM 1548 O O   . HOH B 2 .   ? 17.085  1.694   2.136   1.00 16.31 ? 225 HOH A O   1 
HETATM 1549 O O   . HOH B 2 .   ? 5.337   12.906  4.831   1.00 9.02  ? 226 HOH A O   1 
HETATM 1550 O O   . HOH B 2 .   ? -8.114  6.577   -10.730 1.00 12.11 ? 227 HOH A O   1 
HETATM 1551 O O   . HOH B 2 .   ? -1.631  -18.341 9.474   1.00 13.58 ? 228 HOH A O   1 
HETATM 1552 O O   . HOH B 2 .   ? 16.735  1.835   6.596   1.00 12.25 ? 229 HOH A O   1 
HETATM 1553 O O   . HOH B 2 .   ? -14.415 0.704   0.411   1.00 10.01 ? 230 HOH A O   1 
HETATM 1554 O O   . HOH B 2 .   ? 4.028   -10.159 9.732   1.00 11.68 ? 231 HOH A O   1 
HETATM 1555 O O   . HOH B 2 .   ? 4.373   -7.488  8.866   1.00 12.43 ? 232 HOH A O   1 
HETATM 1556 O O   . HOH B 2 .   ? -1.836  19.238  9.605   1.00 14.74 ? 233 HOH A O   1 
HETATM 1557 O O   . HOH B 2 .   ? -11.034 -19.115 7.032   1.00 10.40 ? 234 HOH A O   1 
HETATM 1558 O O   . HOH B 2 .   ? -5.845  3.257   -10.153 1.00 12.15 ? 235 HOH A O   1 
HETATM 1559 O O   . HOH B 2 .   ? 11.943  -1.136  11.294  1.00 12.63 ? 236 HOH A O   1 
HETATM 1560 O O   . HOH B 2 .   ? 7.011   -17.424 2.398   1.00 12.20 ? 237 HOH A O   1 
HETATM 1561 O O   . HOH B 2 .   ? 11.185  12.825  11.694  1.00 12.04 ? 238 HOH A O   1 
HETATM 1562 O O   . HOH B 2 .   ? 1.206   10.636  -6.068  1.00 9.92  ? 239 HOH A O   1 
HETATM 1563 O O   . HOH B 2 .   ? -14.955 -4.336  -5.269  1.00 10.46 ? 240 HOH A O   1 
HETATM 1564 O O   . HOH B 2 .   ? 4.661   9.948   -9.670  1.00 13.58 ? 241 HOH A O   1 
HETATM 1565 O O   . HOH B 2 .   ? -3.420  12.643  11.674  1.00 15.24 ? 242 HOH A O   1 
HETATM 1566 O O   . HOH B 2 .   ? 12.820  -15.188 -17.672 1.00 15.14 ? 243 HOH A O   1 
HETATM 1567 O O   . HOH B 2 .   ? 12.257  7.512   4.875   1.00 11.99 ? 244 HOH A O   1 
HETATM 1568 O O   . HOH B 2 .   ? 3.052   -9.005  -9.337  1.00 13.43 ? 245 HOH A O   1 
HETATM 1569 O O   . HOH B 2 .   ? 4.709   8.309   12.634  1.00 11.94 ? 246 HOH A O   1 
HETATM 1570 O O   . HOH B 2 .   ? 14.008  -12.225 -7.602  1.00 11.45 ? 247 HOH A O   1 
HETATM 1571 O O   . HOH B 2 .   ? 5.653   -19.266 -13.688 1.00 17.71 ? 248 HOH A O   1 
HETATM 1572 O O   . HOH B 2 .   ? 4.580   5.391   14.837  1.00 12.31 ? 249 HOH A O   1 
HETATM 1573 O O   . HOH B 2 .   ? 5.561   -0.738  14.934  1.00 17.66 ? 250 HOH A O   1 
HETATM 1574 O O   . HOH B 2 .   ? 13.040  -14.860 -7.284  1.00 13.75 ? 251 HOH A O   1 
HETATM 1575 O O   . HOH B 2 .   ? -0.201  -21.812 -2.601  1.00 14.65 ? 252 HOH A O   1 
HETATM 1576 O O   . HOH B 2 .   ? -3.699  -14.296 10.312  1.00 10.86 ? 253 HOH A O   1 
HETATM 1577 O O   . HOH B 2 .   ? 9.664   15.321  11.996  1.00 12.96 ? 254 HOH A O   1 
HETATM 1578 O O   . HOH B 2 .   ? 1.876   -17.646 7.717   1.00 21.29 ? 255 HOH A O   1 
HETATM 1579 O O   . HOH B 2 .   ? -20.057 8.119   0.061   1.00 13.98 ? 256 HOH A O   1 
HETATM 1580 O O   . HOH B 2 .   ? 0.412   -0.833  13.738  1.00 14.18 ? 257 HOH A O   1 
HETATM 1581 O O   . HOH B 2 .   ? -15.303 -18.068 2.864   1.00 18.92 ? 258 HOH A O   1 
HETATM 1582 O O   . HOH B 2 .   ? -10.608 -12.652 8.021   1.00 15.32 ? 259 HOH A O   1 
HETATM 1583 O O   . HOH B 2 .   ? -9.278  -17.223 -2.930  1.00 12.25 ? 260 HOH A O   1 
HETATM 1584 O O   . HOH B 2 .   ? -3.124  3.530   -9.700  1.00 16.29 ? 261 HOH A O   1 
HETATM 1585 O O   . HOH B 2 .   ? 5.375   -18.918 0.887   1.00 14.60 ? 262 HOH A O   1 
HETATM 1586 O O   . HOH B 2 .   ? 15.092  13.419  9.455   1.00 14.32 ? 263 HOH A O   1 
HETATM 1587 O O   . HOH B 2 .   ? 17.235  -3.288  -0.910  1.00 18.08 ? 264 HOH A O   1 
HETATM 1588 O O   . HOH B 2 .   ? 14.558  -12.552 -0.298  1.00 13.46 ? 265 HOH A O   1 
HETATM 1589 O O   . HOH B 2 .   ? 1.587   -18.661 -13.971 1.00 15.55 ? 266 HOH A O   1 
HETATM 1590 O O   . HOH B 2 .   ? -0.077  -19.026 5.541   1.00 12.80 ? 267 HOH A O   1 
HETATM 1591 O O   . HOH B 2 .   ? -2.342  8.540   13.338  1.00 19.02 ? 268 HOH A O   1 
HETATM 1592 O O   . HOH B 2 .   ? 10.430  -6.904  -14.927 1.00 34.14 ? 269 HOH A O   1 
HETATM 1593 O O   . HOH B 2 .   ? -14.712 -5.108  -0.851  1.00 15.20 ? 270 HOH A O   1 
HETATM 1594 O O   . HOH B 2 .   ? 5.750   -16.339 4.607   1.00 13.41 ? 271 HOH A O   1 
HETATM 1595 O O   . HOH B 2 .   ? -3.806  -17.046 10.544  1.00 10.99 ? 272 HOH A O   1 
HETATM 1596 O O   . HOH B 2 .   ? -4.962  18.642  0.524   1.00 15.53 ? 273 HOH A O   1 
HETATM 1597 O O   . HOH B 2 .   ? -13.624 11.521  -9.219  1.00 24.31 ? 274 HOH A O   1 
HETATM 1598 O O   . HOH B 2 .   ? 5.585   3.697   16.796  1.00 16.46 ? 275 HOH A O   1 
HETATM 1599 O O   . HOH B 2 .   ? 16.210  13.540  -2.716  1.00 61.24 ? 276 HOH A O   1 
HETATM 1600 O O   . HOH B 2 .   ? -5.944  13.912  11.025  1.00 15.54 ? 277 HOH A O   1 
HETATM 1601 O O   . HOH B 2 .   ? -0.942  -13.731 10.940  1.00 17.39 ? 278 HOH A O   1 
HETATM 1602 O O   . HOH B 2 .   ? 14.605  13.608  6.758   1.00 20.07 ? 279 HOH A O   1 
HETATM 1603 O O   . HOH B 2 .   ? 6.340   3.018   -6.359  1.00 19.22 ? 280 HOH A O   1 
HETATM 1604 O O   . HOH B 2 .   ? 18.875  14.351  4.297   1.00 20.08 ? 281 HOH A O   1 
HETATM 1605 O O   . HOH B 2 .   ? -2.226  -17.640 -11.222 1.00 19.13 ? 282 HOH A O   1 
HETATM 1606 O O   . HOH B 2 .   ? 15.537  0.229   8.657   1.00 18.08 ? 283 HOH A O   1 
HETATM 1607 O O   . HOH B 2 .   ? 6.407   -21.545 0.329   1.00 20.35 ? 284 HOH A O   1 
HETATM 1608 O O   . HOH B 2 .   ? -14.017 -11.743 5.174   1.00 24.50 ? 285 HOH A O   1 
HETATM 1609 O O   . HOH B 2 .   ? -6.202  -9.740  13.482  1.00 26.44 ? 286 HOH A O   1 
HETATM 1610 O O   . HOH B 2 .   ? 17.818  -9.032  -0.622  1.00 20.60 ? 287 HOH A O   1 
HETATM 1611 O O   . HOH B 2 .   ? 3.626   -4.338  9.347   1.00 20.12 ? 288 HOH A O   1 
HETATM 1612 O O   . HOH B 2 .   ? -11.111 -8.080  -12.251 1.00 17.80 ? 289 HOH A O   1 
HETATM 1613 O O   . HOH B 2 .   ? -14.552 2.259   -12.225 1.00 18.77 ? 290 HOH A O   1 
HETATM 1614 O O   . HOH B 2 .   ? -13.447 2.633   -1.351  1.00 9.77  ? 291 HOH A O   1 
HETATM 1615 O O   . HOH B 2 .   ? 13.843  -1.814  9.336   1.00 16.14 ? 292 HOH A O   1 
HETATM 1616 O O   . HOH B 2 .   ? 14.970  3.361   -0.802  0.50 8.93  ? 293 HOH A O   1 
HETATM 1617 O O   . HOH B 2 .   ? -15.149 1.677   2.996   1.00 15.06 ? 294 HOH A O   1 
HETATM 1618 O O   . HOH B 2 .   ? 14.936  -12.164 2.494   1.00 18.60 ? 295 HOH A O   1 
HETATM 1619 O O   . HOH B 2 .   ? -3.876  -12.683 12.549  1.00 19.33 ? 296 HOH A O   1 
HETATM 1620 O O   . HOH B 2 .   ? -3.428  -18.771 -5.714  1.00 15.97 ? 297 HOH A O   1 
HETATM 1621 O O   . HOH B 2 .   ? -3.769  18.854  11.697  1.00 17.64 ? 298 HOH A O   1 
HETATM 1622 O O   . HOH B 2 .   ? 8.535   -4.631  -8.876  1.00 35.80 ? 299 HOH A O   1 
HETATM 1623 O O   . HOH B 2 .   ? 17.122  -13.771 3.126   1.00 23.44 ? 300 HOH A O   1 
HETATM 1624 O O   . HOH B 2 .   ? 5.894   -0.985  -9.560  1.00 22.30 ? 301 HOH A O   1 
HETATM 1625 O O   . HOH B 2 .   ? -1.472  -2.581  14.236  1.00 22.33 ? 302 HOH A O   1 
HETATM 1626 O O   . HOH B 2 .   ? -12.720 3.287   -13.804 1.00 21.72 ? 303 HOH A O   1 
HETATM 1627 O O   . HOH B 2 .   ? -5.746  3.596   -12.840 1.00 23.18 ? 304 HOH A O   1 
HETATM 1628 O O   . HOH B 2 .   ? 16.315  -11.082 -1.909  1.00 27.18 ? 305 HOH A O   1 
HETATM 1629 O O   . HOH B 2 .   ? 16.223  15.145  5.216   1.00 23.82 ? 306 HOH A O   1 
HETATM 1630 O O   . HOH B 2 .   ? -4.450  -10.751 -11.340 1.00 22.54 ? 307 HOH A O   1 
HETATM 1631 O O   . HOH B 2 .   ? 15.546  -9.713  3.950   1.00 16.26 ? 308 HOH A O   1 
HETATM 1632 O O   . HOH B 2 .   ? 16.075  -6.395  0.463   1.00 23.06 ? 309 HOH A O   1 
HETATM 1633 O O   . HOH B 2 .   ? 15.083  0.881   -0.042  1.00 10.64 ? 310 HOH A O   1 
HETATM 1634 O O   . HOH B 2 .   ? -12.666 4.004   -5.511  1.00 11.22 ? 311 HOH A O   1 
HETATM 1635 O O   . HOH B 2 .   ? -0.785  -18.176 -14.933 1.00 12.27 ? 312 HOH A O   1 
HETATM 1636 O O   . HOH B 2 .   ? -11.966 -18.018 -2.876  1.00 15.38 ? 313 HOH A O   1 
HETATM 1637 O O   . HOH B 2 .   ? 2.397   -19.960 9.058   1.00 17.39 ? 314 HOH A O   1 
HETATM 1638 O O   . HOH B 2 .   ? 5.284   -8.089  -11.725 1.00 22.00 ? 315 HOH A O   1 
HETATM 1639 O O   . HOH B 2 .   ? 8.388   -17.391 8.752   1.00 18.09 ? 316 HOH A O   1 
HETATM 1640 O O   . HOH B 2 .   ? 4.760   3.652   -8.415  1.00 21.38 ? 317 HOH A O   1 
HETATM 1641 O O   . HOH B 2 .   ? 6.333   19.438  6.731   1.00 26.39 ? 318 HOH A O   1 
HETATM 1642 O O   . HOH B 2 .   ? -4.094  9.930   11.885  1.00 22.59 ? 319 HOH A O   1 
HETATM 1643 O O   . HOH B 2 .   ? -6.077  16.746  11.177  1.00 20.59 ? 320 HOH A O   1 
HETATM 1644 O O   . HOH B 2 .   ? 12.782  2.708   13.538  1.00 19.21 ? 321 HOH A O   1 
HETATM 1645 O O   . HOH B 2 .   ? -0.288  23.206  0.243   1.00 22.55 ? 322 HOH A O   1 
HETATM 1646 O O   . HOH B 2 .   ? -2.001  11.656  -12.663 1.00 26.51 ? 323 HOH A O   1 
HETATM 1647 O O   . HOH B 2 .   ? -9.900  5.991   0.696   1.00 20.35 ? 324 HOH A O   1 
HETATM 1648 O O   . HOH B 2 .   ? -2.409  -19.181 7.052   1.00 12.87 ? 325 HOH A O   1 
HETATM 1649 O O   . HOH B 2 .   ? -15.073 6.577   1.603   1.00 20.32 ? 326 HOH A O   1 
HETATM 1650 O O   . HOH B 2 .   ? -10.713 2.242   10.776  1.00 20.92 ? 327 HOH A O   1 
HETATM 1651 O O   . HOH B 2 .   ? 8.328   -3.285  11.630  1.00 19.54 ? 328 HOH A O   1 
HETATM 1652 O O   . HOH B 2 .   ? 20.347  -11.137 -9.761  1.00 18.94 ? 329 HOH A O   1 
HETATM 1653 O O   . HOH B 2 .   ? 2.047   -13.695 9.812   1.00 17.79 ? 330 HOH A O   1 
HETATM 1654 O O   . HOH B 2 .   ? -0.404  9.793   14.888  1.00 23.94 ? 331 HOH A O   1 
HETATM 1655 O O   . HOH B 2 .   ? -1.373  -11.349 -14.261 1.00 22.90 ? 332 HOH A O   1 
HETATM 1656 O O   . HOH B 2 .   ? -12.762 -18.919 -0.386  1.00 19.10 ? 333 HOH A O   1 
HETATM 1657 O O   . HOH B 2 .   ? -4.969  22.193  9.511   1.00 22.62 ? 334 HOH A O   1 
# 
